data_1CKT
# 
_entry.id   1CKT 
# 
_audit_conform.dict_name       mmcif_pdbx.dic 
_audit_conform.dict_version    5.383 
_audit_conform.dict_location   http://mmcif.pdb.org/dictionaries/ascii/mmcif_pdbx.dic 
# 
loop_
_database_2.database_id 
_database_2.database_code 
_database_2.pdbx_database_accession 
_database_2.pdbx_DOI 
PDB   1CKT         pdb_00001ckt 10.2210/pdb1ckt/pdb 
NDB   PD0051       ?            ?                   
RCSB  RCSB000932   ?            ?                   
WWPDB D_1000000932 ?            ?                   
# 
loop_
_pdbx_audit_revision_history.ordinal 
_pdbx_audit_revision_history.data_content_type 
_pdbx_audit_revision_history.major_revision 
_pdbx_audit_revision_history.minor_revision 
_pdbx_audit_revision_history.revision_date 
1 'Structure model' 1 0 1999-06-30 
2 'Structure model' 1 1 2008-04-26 
3 'Structure model' 1 2 2011-07-13 
4 'Structure model' 1 3 2023-12-27 
# 
_pdbx_audit_revision_details.ordinal             1 
_pdbx_audit_revision_details.revision_ordinal    1 
_pdbx_audit_revision_details.data_content_type   'Structure model' 
_pdbx_audit_revision_details.provider            repository 
_pdbx_audit_revision_details.type                'Initial release' 
_pdbx_audit_revision_details.description         ? 
_pdbx_audit_revision_details.details             ? 
# 
loop_
_pdbx_audit_revision_group.ordinal 
_pdbx_audit_revision_group.revision_ordinal 
_pdbx_audit_revision_group.data_content_type 
_pdbx_audit_revision_group.group 
1 2 'Structure model' 'Version format compliance' 
2 3 'Structure model' 'Non-polymer description'   
3 3 'Structure model' 'Version format compliance' 
4 4 'Structure model' 'Data collection'           
5 4 'Structure model' 'Database references'       
6 4 'Structure model' 'Derived calculations'      
# 
loop_
_pdbx_audit_revision_category.ordinal 
_pdbx_audit_revision_category.revision_ordinal 
_pdbx_audit_revision_category.data_content_type 
_pdbx_audit_revision_category.category 
1 4 'Structure model' chem_comp_atom         
2 4 'Structure model' chem_comp_bond         
3 4 'Structure model' database_2             
4 4 'Structure model' pdbx_struct_conn_angle 
5 4 'Structure model' struct_conn            
6 4 'Structure model' struct_conn_type       
7 4 'Structure model' struct_site            
# 
loop_
_pdbx_audit_revision_item.ordinal 
_pdbx_audit_revision_item.revision_ordinal 
_pdbx_audit_revision_item.data_content_type 
_pdbx_audit_revision_item.item 
1  4 'Structure model' '_database_2.pdbx_DOI'                        
2  4 'Structure model' '_database_2.pdbx_database_accession'         
3  4 'Structure model' '_pdbx_struct_conn_angle.ptnr1_auth_seq_id'   
4  4 'Structure model' '_pdbx_struct_conn_angle.ptnr1_label_atom_id' 
5  4 'Structure model' '_pdbx_struct_conn_angle.ptnr1_label_seq_id'  
6  4 'Structure model' '_pdbx_struct_conn_angle.ptnr3_auth_seq_id'   
7  4 'Structure model' '_pdbx_struct_conn_angle.ptnr3_label_atom_id' 
8  4 'Structure model' '_pdbx_struct_conn_angle.ptnr3_label_seq_id'  
9  4 'Structure model' '_pdbx_struct_conn_angle.value'               
10 4 'Structure model' '_struct_conn.conn_type_id'                   
11 4 'Structure model' '_struct_conn.id'                             
12 4 'Structure model' '_struct_conn.pdbx_dist_value'                
13 4 'Structure model' '_struct_conn.pdbx_leaving_atom_flag'         
14 4 'Structure model' '_struct_conn.ptnr1_auth_comp_id'             
15 4 'Structure model' '_struct_conn.ptnr1_auth_seq_id'              
16 4 'Structure model' '_struct_conn.ptnr1_label_asym_id'            
17 4 'Structure model' '_struct_conn.ptnr1_label_atom_id'            
18 4 'Structure model' '_struct_conn.ptnr1_label_comp_id'            
19 4 'Structure model' '_struct_conn.ptnr1_label_seq_id'             
20 4 'Structure model' '_struct_conn.ptnr2_auth_comp_id'             
21 4 'Structure model' '_struct_conn.ptnr2_auth_seq_id'              
22 4 'Structure model' '_struct_conn.ptnr2_label_asym_id'            
23 4 'Structure model' '_struct_conn.ptnr2_label_atom_id'            
24 4 'Structure model' '_struct_conn.ptnr2_label_comp_id'            
25 4 'Structure model' '_struct_conn.ptnr2_label_seq_id'             
26 4 'Structure model' '_struct_conn_type.id'                        
27 4 'Structure model' '_struct_site.pdbx_auth_asym_id'              
28 4 'Structure model' '_struct_site.pdbx_auth_comp_id'              
29 4 'Structure model' '_struct_site.pdbx_auth_seq_id'               
# 
_pdbx_database_status.status_code                     REL 
_pdbx_database_status.entry_id                        1CKT 
_pdbx_database_status.recvd_initial_deposition_date   1999-04-23 
_pdbx_database_status.deposit_site                    RCSB 
_pdbx_database_status.process_site                    NDB 
_pdbx_database_status.SG_entry                        . 
_pdbx_database_status.status_code_sf                  ? 
_pdbx_database_status.status_code_mr                  ? 
_pdbx_database_status.pdb_format_compatible           Y 
_pdbx_database_status.status_code_cs                  ? 
_pdbx_database_status.status_code_nmr_data            ? 
_pdbx_database_status.methods_development_category    ? 
# 
loop_
_audit_author.name 
_audit_author.pdbx_ordinal 
'Ohndorf, U.-M.' 1 
'Rould, M.A.'    2 
'Pabo, C.O.'     3 
'Lippard, S.J.'  4 
# 
_citation.id                        primary 
_citation.title                     'Basis for recognition of cisplatin-modified DNA by high-mobility-group proteins.' 
_citation.journal_abbrev            Nature 
_citation.journal_volume            399 
_citation.page_first                708 
_citation.page_last                 712 
_citation.year                      1999 
_citation.journal_id_ASTM           NATUAS 
_citation.country                   UK 
_citation.journal_id_ISSN           0028-0836 
_citation.journal_id_CSD            0006 
_citation.book_publisher            ? 
_citation.pdbx_database_id_PubMed   10385126 
_citation.pdbx_database_id_DOI      10.1038/21460 
# 
loop_
_citation_author.citation_id 
_citation_author.name 
_citation_author.ordinal 
_citation_author.identifier_ORCID 
primary 'Ohndorf, U.M.' 1 ? 
primary 'Rould, M.A.'   2 ? 
primary 'He, Q.'        3 ? 
primary 'Pabo, C.O.'    4 ? 
primary 'Lippard, S.J.' 5 ? 
# 
loop_
_entity.id 
_entity.type 
_entity.src_method 
_entity.pdbx_description 
_entity.formula_weight 
_entity.pdbx_number_of_molecules 
_entity.pdbx_ec 
_entity.pdbx_mutation 
_entity.pdbx_fragment 
_entity.details 
1 polymer     syn 
;DNA (5'-D(*CP*CP*(5IU)P*CP*TP*CP*TP*GP*GP*AP*CP*CP*TP*TP*CP*C)-3')
;
4872.949 1  ? ? ?                         ? 
2 polymer     syn 
;DNA (5'-D(*GP*GP*AP*AP*GP*GP*TP*CP*CP*AP*GP*AP*GP*AP*GP*G)-3')
;
5037.280 1  ? ? ?                         ? 
3 polymer     man 'HIGH MOBILITY GROUP 1 PROTEIN'                                      8497.785 1  ? ? 'RESIDUES 8-78, DOMAIN A' ? 
4 non-polymer syn Cisplatin                                                            300.045  1  ? ? ?                         ? 
5 water       nat water                                                                18.015   74 ? ? ?                         ? 
# 
_entity_name_com.entity_id   3 
_entity_name_com.name        'HMG-1, AMPHOTERIN, HEPARIN-BINDING PROTEIN P30' 
# 
loop_
_entity_poly.entity_id 
_entity_poly.type 
_entity_poly.nstd_linkage 
_entity_poly.nstd_monomer 
_entity_poly.pdbx_seq_one_letter_code 
_entity_poly.pdbx_seq_one_letter_code_can 
_entity_poly.pdbx_strand_id 
_entity_poly.pdbx_target_identifier 
1 polydeoxyribonucleotide no yes '(DC)(DC)(5IU)(DC)(DT)(DC)(DT)(DG)(DG)(DA)(DC)(DC)(DT)(DT)(DC)(DC)'     CCUCTCTGGACCTTCC B ? 
2 polydeoxyribonucleotide no no  '(DG)(DG)(DA)(DA)(DG)(DG)(DT)(DC)(DC)(DA)(DG)(DA)(DG)(DA)(DG)(DG)'      GGAAGGTCCAGAGAGG C ? 
3 'polypeptide(L)'        no no  KPRGKMSSYAFFVQTCREEHKKKHPDASVNFSEFSKKCSERWKTMSAKEKGKFEDMAKADKARYEREMKTY 
KPRGKMSSYAFFVQTCREEHKKKHPDASVNFSEFSKKCSERWKTMSAKEKGKFEDMAKADKARYEREMKTY A ? 
# 
loop_
_pdbx_entity_nonpoly.entity_id 
_pdbx_entity_nonpoly.name 
_pdbx_entity_nonpoly.comp_id 
4 Cisplatin CPT 
5 water     HOH 
# 
loop_
_entity_poly_seq.entity_id 
_entity_poly_seq.num 
_entity_poly_seq.mon_id 
_entity_poly_seq.hetero 
1 1  DC  n 
1 2  DC  n 
1 3  5IU n 
1 4  DC  n 
1 5  DT  n 
1 6  DC  n 
1 7  DT  n 
1 8  DG  n 
1 9  DG  n 
1 10 DA  n 
1 11 DC  n 
1 12 DC  n 
1 13 DT  n 
1 14 DT  n 
1 15 DC  n 
1 16 DC  n 
2 1  DG  n 
2 2  DG  n 
2 3  DA  n 
2 4  DA  n 
2 5  DG  n 
2 6  DG  n 
2 7  DT  n 
2 8  DC  n 
2 9  DC  n 
2 10 DA  n 
2 11 DG  n 
2 12 DA  n 
2 13 DG  n 
2 14 DA  n 
2 15 DG  n 
2 16 DG  n 
3 1  LYS n 
3 2  PRO n 
3 3  ARG n 
3 4  GLY n 
3 5  LYS n 
3 6  MET n 
3 7  SER n 
3 8  SER n 
3 9  TYR n 
3 10 ALA n 
3 11 PHE n 
3 12 PHE n 
3 13 VAL n 
3 14 GLN n 
3 15 THR n 
3 16 CYS n 
3 17 ARG n 
3 18 GLU n 
3 19 GLU n 
3 20 HIS n 
3 21 LYS n 
3 22 LYS n 
3 23 LYS n 
3 24 HIS n 
3 25 PRO n 
3 26 ASP n 
3 27 ALA n 
3 28 SER n 
3 29 VAL n 
3 30 ASN n 
3 31 PHE n 
3 32 SER n 
3 33 GLU n 
3 34 PHE n 
3 35 SER n 
3 36 LYS n 
3 37 LYS n 
3 38 CYS n 
3 39 SER n 
3 40 GLU n 
3 41 ARG n 
3 42 TRP n 
3 43 LYS n 
3 44 THR n 
3 45 MET n 
3 46 SER n 
3 47 ALA n 
3 48 LYS n 
3 49 GLU n 
3 50 LYS n 
3 51 GLY n 
3 52 LYS n 
3 53 PHE n 
3 54 GLU n 
3 55 ASP n 
3 56 MET n 
3 57 ALA n 
3 58 LYS n 
3 59 ALA n 
3 60 ASP n 
3 61 LYS n 
3 62 ALA n 
3 63 ARG n 
3 64 TYR n 
3 65 GLU n 
3 66 ARG n 
3 67 GLU n 
3 68 MET n 
3 69 LYS n 
3 70 THR n 
3 71 TYR n 
# 
_entity_src_gen.entity_id                          3 
_entity_src_gen.pdbx_src_id                        1 
_entity_src_gen.pdbx_alt_source_flag               sample 
_entity_src_gen.pdbx_seq_type                      ? 
_entity_src_gen.pdbx_beg_seq_num                   ? 
_entity_src_gen.pdbx_end_seq_num                   ? 
_entity_src_gen.gene_src_common_name               'Norway rat' 
_entity_src_gen.gene_src_genus                     Rattus 
_entity_src_gen.pdbx_gene_src_gene                 ? 
_entity_src_gen.gene_src_species                   ? 
_entity_src_gen.gene_src_strain                    SORAGYE-DAWLEY 
_entity_src_gen.gene_src_tissue                    LIVER 
_entity_src_gen.gene_src_tissue_fraction           ? 
_entity_src_gen.gene_src_details                   ? 
_entity_src_gen.pdbx_gene_src_fragment             ? 
_entity_src_gen.pdbx_gene_src_scientific_name      'Rattus norvegicus' 
_entity_src_gen.pdbx_gene_src_ncbi_taxonomy_id     10116 
_entity_src_gen.pdbx_gene_src_variant              ? 
_entity_src_gen.pdbx_gene_src_cell_line            ? 
_entity_src_gen.pdbx_gene_src_atcc                 ? 
_entity_src_gen.pdbx_gene_src_organ                ? 
_entity_src_gen.pdbx_gene_src_organelle            ? 
_entity_src_gen.pdbx_gene_src_cell                 ? 
_entity_src_gen.pdbx_gene_src_cellular_location    ? 
_entity_src_gen.host_org_common_name               ? 
_entity_src_gen.pdbx_host_org_scientific_name      'Escherichia coli BL21(DE3)' 
_entity_src_gen.pdbx_host_org_ncbi_taxonomy_id     469008 
_entity_src_gen.host_org_genus                     Escherichia 
_entity_src_gen.pdbx_host_org_gene                 'HMG1 DOMAIN A (M1-F89)' 
_entity_src_gen.pdbx_host_org_organ                ? 
_entity_src_gen.host_org_species                   'Escherichia coli' 
_entity_src_gen.pdbx_host_org_tissue               ? 
_entity_src_gen.pdbx_host_org_tissue_fraction      ? 
_entity_src_gen.pdbx_host_org_strain               'BL21 (DE3)' 
_entity_src_gen.pdbx_host_org_variant              ? 
_entity_src_gen.pdbx_host_org_cell_line            ? 
_entity_src_gen.pdbx_host_org_atcc                 ? 
_entity_src_gen.pdbx_host_org_culture_collection   ? 
_entity_src_gen.pdbx_host_org_cell                 ? 
_entity_src_gen.pdbx_host_org_organelle            ? 
_entity_src_gen.pdbx_host_org_cellular_location    ? 
_entity_src_gen.pdbx_host_org_vector_type          ? 
_entity_src_gen.pdbx_host_org_vector               ? 
_entity_src_gen.host_org_details                   ? 
_entity_src_gen.expression_system_id               ? 
_entity_src_gen.plasmid_name                       PT7-HMG1BA 
_entity_src_gen.plasmid_details                    ? 
_entity_src_gen.pdbx_description                   ? 
# 
loop_
_chem_comp.id 
_chem_comp.type 
_chem_comp.mon_nstd_flag 
_chem_comp.name 
_chem_comp.pdbx_synonyms 
_chem_comp.formula 
_chem_comp.formula_weight 
5IU 'DNA linking'       n "5-IODO-2'-DEOXYURIDINE-5'-MONOPHOSPHATE" ?                            'C9 H12 I N2 O8 P' 434.078 
ALA 'L-peptide linking' y ALANINE                                   ?                            'C3 H7 N O2'       89.093  
ARG 'L-peptide linking' y ARGININE                                  ?                            'C6 H15 N4 O2 1'   175.209 
ASN 'L-peptide linking' y ASPARAGINE                                ?                            'C4 H8 N2 O3'      132.118 
ASP 'L-peptide linking' y 'ASPARTIC ACID'                           ?                            'C4 H7 N O4'       133.103 
CPT non-polymer         . Cisplatin                                 'diammine(dichloro)platinum' 'Cl2 H6 N2 Pt'     300.045 
CYS 'L-peptide linking' y CYSTEINE                                  ?                            'C3 H7 N O2 S'     121.158 
DA  'DNA linking'       y "2'-DEOXYADENOSINE-5'-MONOPHOSPHATE"      ?                            'C10 H14 N5 O6 P'  331.222 
DC  'DNA linking'       y "2'-DEOXYCYTIDINE-5'-MONOPHOSPHATE"       ?                            'C9 H14 N3 O7 P'   307.197 
DG  'DNA linking'       y "2'-DEOXYGUANOSINE-5'-MONOPHOSPHATE"      ?                            'C10 H14 N5 O7 P'  347.221 
DT  'DNA linking'       y "THYMIDINE-5'-MONOPHOSPHATE"              ?                            'C10 H15 N2 O8 P'  322.208 
GLN 'L-peptide linking' y GLUTAMINE                                 ?                            'C5 H10 N2 O3'     146.144 
GLU 'L-peptide linking' y 'GLUTAMIC ACID'                           ?                            'C5 H9 N O4'       147.129 
GLY 'peptide linking'   y GLYCINE                                   ?                            'C2 H5 N O2'       75.067  
HIS 'L-peptide linking' y HISTIDINE                                 ?                            'C6 H10 N3 O2 1'   156.162 
HOH non-polymer         . WATER                                     ?                            'H2 O'             18.015  
LYS 'L-peptide linking' y LYSINE                                    ?                            'C6 H15 N2 O2 1'   147.195 
MET 'L-peptide linking' y METHIONINE                                ?                            'C5 H11 N O2 S'    149.211 
PHE 'L-peptide linking' y PHENYLALANINE                             ?                            'C9 H11 N O2'      165.189 
PRO 'L-peptide linking' y PROLINE                                   ?                            'C5 H9 N O2'       115.130 
SER 'L-peptide linking' y SERINE                                    ?                            'C3 H7 N O3'       105.093 
THR 'L-peptide linking' y THREONINE                                 ?                            'C4 H9 N O3'       119.119 
TRP 'L-peptide linking' y TRYPTOPHAN                                ?                            'C11 H12 N2 O2'    204.225 
TYR 'L-peptide linking' y TYROSINE                                  ?                            'C9 H11 N O3'      181.189 
VAL 'L-peptide linking' y VALINE                                    ?                            'C5 H11 N O2'      117.146 
# 
loop_
_pdbx_poly_seq_scheme.asym_id 
_pdbx_poly_seq_scheme.entity_id 
_pdbx_poly_seq_scheme.seq_id 
_pdbx_poly_seq_scheme.mon_id 
_pdbx_poly_seq_scheme.ndb_seq_num 
_pdbx_poly_seq_scheme.pdb_seq_num 
_pdbx_poly_seq_scheme.auth_seq_num 
_pdbx_poly_seq_scheme.pdb_mon_id 
_pdbx_poly_seq_scheme.auth_mon_id 
_pdbx_poly_seq_scheme.pdb_strand_id 
_pdbx_poly_seq_scheme.pdb_ins_code 
_pdbx_poly_seq_scheme.hetero 
A 1 1  DC  1  101 101 DC  C   B . n 
A 1 2  DC  2  102 102 DC  C   B . n 
A 1 3  5IU 3  103 103 5IU +U  B . n 
A 1 4  DC  4  104 104 DC  C   B . n 
A 1 5  DT  5  105 105 DT  T   B . n 
A 1 6  DC  6  106 106 DC  C   B . n 
A 1 7  DT  7  107 107 DT  T   B . n 
A 1 8  DG  8  108 108 DG  G   B . n 
A 1 9  DG  9  109 109 DG  G   B . n 
A 1 10 DA  10 110 110 DA  A   B . n 
A 1 11 DC  11 111 111 DC  C   B . n 
A 1 12 DC  12 112 112 DC  C   B . n 
A 1 13 DT  13 113 113 DT  T   B . n 
A 1 14 DT  14 114 114 DT  T   B . n 
A 1 15 DC  15 115 115 DC  C   B . n 
A 1 16 DC  16 116 116 DC  C   B . n 
B 2 1  DG  1  201 201 DG  G   C . n 
B 2 2  DG  2  202 202 DG  G   C . n 
B 2 3  DA  3  203 203 DA  A   C . n 
B 2 4  DA  4  204 204 DA  A   C . n 
B 2 5  DG  5  205 205 DG  G   C . n 
B 2 6  DG  6  206 206 DG  G   C . n 
B 2 7  DT  7  207 207 DT  T   C . n 
B 2 8  DC  8  208 208 DC  C   C . n 
B 2 9  DC  9  209 209 DC  C   C . n 
B 2 10 DA  10 210 210 DA  A   C . n 
B 2 11 DG  11 211 211 DG  G   C . n 
B 2 12 DA  12 212 212 DA  A   C . n 
B 2 13 DG  13 213 213 DG  G   C . n 
B 2 14 DA  14 214 214 DA  A   C . n 
B 2 15 DG  15 215 215 DG  G   C . n 
B 2 16 DG  16 216 216 DG  G   C . n 
C 3 1  LYS 1  7   7   LYS LYS A . n 
C 3 2  PRO 2  8   8   PRO PRO A . n 
C 3 3  ARG 3  9   9   ARG ARG A . n 
C 3 4  GLY 4  10  10  GLY GLY A . n 
C 3 5  LYS 5  11  11  LYS LYS A . n 
C 3 6  MET 6  12  12  MET MET A . n 
C 3 7  SER 7  13  13  SER SER A . n 
C 3 8  SER 8  14  14  SER SER A . n 
C 3 9  TYR 9  15  15  TYR TYR A . n 
C 3 10 ALA 10 16  16  ALA ALA A . n 
C 3 11 PHE 11 17  17  PHE PHE A . n 
C 3 12 PHE 12 18  18  PHE PHE A . n 
C 3 13 VAL 13 19  19  VAL VAL A . n 
C 3 14 GLN 14 20  20  GLN GLN A . n 
C 3 15 THR 15 21  21  THR THR A . n 
C 3 16 CYS 16 22  22  CYS CYS A . n 
C 3 17 ARG 17 23  23  ARG ARG A . n 
C 3 18 GLU 18 24  24  GLU GLU A . n 
C 3 19 GLU 19 25  25  GLU GLU A . n 
C 3 20 HIS 20 26  26  HIS HIS A . n 
C 3 21 LYS 21 27  27  LYS LYS A . n 
C 3 22 LYS 22 28  28  LYS LYS A . n 
C 3 23 LYS 23 29  29  LYS LYS A . n 
C 3 24 HIS 24 30  30  HIS HIS A . n 
C 3 25 PRO 25 31  31  PRO PRO A . n 
C 3 26 ASP 26 32  32  ASP ASP A . n 
C 3 27 ALA 27 33  33  ALA ALA A . n 
C 3 28 SER 28 34  34  SER SER A . n 
C 3 29 VAL 29 35  35  VAL VAL A . n 
C 3 30 ASN 30 36  36  ASN ASN A . n 
C 3 31 PHE 31 37  37  PHE PHE A . n 
C 3 32 SER 32 38  38  SER SER A . n 
C 3 33 GLU 33 39  39  GLU GLU A . n 
C 3 34 PHE 34 40  40  PHE PHE A . n 
C 3 35 SER 35 41  41  SER SER A . n 
C 3 36 LYS 36 42  42  LYS LYS A . n 
C 3 37 LYS 37 43  43  LYS LYS A . n 
C 3 38 CYS 38 44  44  CYS CYS A . n 
C 3 39 SER 39 45  45  SER SER A . n 
C 3 40 GLU 40 46  46  GLU GLU A . n 
C 3 41 ARG 41 47  47  ARG ARG A . n 
C 3 42 TRP 42 48  48  TRP TRP A . n 
C 3 43 LYS 43 49  49  LYS LYS A . n 
C 3 44 THR 44 50  50  THR THR A . n 
C 3 45 MET 45 51  51  MET MET A . n 
C 3 46 SER 46 52  52  SER SER A . n 
C 3 47 ALA 47 53  53  ALA ALA A . n 
C 3 48 LYS 48 54  54  LYS LYS A . n 
C 3 49 GLU 49 55  55  GLU GLU A . n 
C 3 50 LYS 50 56  56  LYS LYS A . n 
C 3 51 GLY 51 57  57  GLY GLY A . n 
C 3 52 LYS 52 58  58  LYS LYS A . n 
C 3 53 PHE 53 59  59  PHE PHE A . n 
C 3 54 GLU 54 60  60  GLU GLU A . n 
C 3 55 ASP 55 61  61  ASP ASP A . n 
C 3 56 MET 56 62  62  MET MET A . n 
C 3 57 ALA 57 63  63  ALA ALA A . n 
C 3 58 LYS 58 64  64  LYS LYS A . n 
C 3 59 ALA 59 65  65  ALA ALA A . n 
C 3 60 ASP 60 66  66  ASP ASP A . n 
C 3 61 LYS 61 67  67  LYS LYS A . n 
C 3 62 ALA 62 68  68  ALA ALA A . n 
C 3 63 ARG 63 69  69  ARG ARG A . n 
C 3 64 TYR 64 70  70  TYR TYR A . n 
C 3 65 GLU 65 71  71  GLU GLU A . n 
C 3 66 ARG 66 72  72  ARG ARG A . n 
C 3 67 GLU 67 73  73  GLU GLU A . n 
C 3 68 MET 68 74  74  MET MET A . n 
C 3 69 LYS 69 75  75  LYS LYS A . n 
C 3 70 THR 70 76  76  THR THR A . n 
C 3 71 TYR 71 77  77  TYR TYR A . n 
# 
loop_
_pdbx_nonpoly_scheme.asym_id 
_pdbx_nonpoly_scheme.entity_id 
_pdbx_nonpoly_scheme.mon_id 
_pdbx_nonpoly_scheme.ndb_seq_num 
_pdbx_nonpoly_scheme.pdb_seq_num 
_pdbx_nonpoly_scheme.auth_seq_num 
_pdbx_nonpoly_scheme.pdb_mon_id 
_pdbx_nonpoly_scheme.auth_mon_id 
_pdbx_nonpoly_scheme.pdb_strand_id 
_pdbx_nonpoly_scheme.pdb_ins_code 
D 4 CPT 1  99  99  CPT CPT B . 
E 5 HOH 1  301 301 HOH HOH B . 
E 5 HOH 2  305 305 HOH HOH B . 
E 5 HOH 3  306 306 HOH HOH B . 
E 5 HOH 4  309 309 HOH HOH B . 
E 5 HOH 5  310 310 HOH HOH B . 
E 5 HOH 6  312 312 HOH HOH B . 
E 5 HOH 7  317 317 HOH HOH B . 
E 5 HOH 8  319 319 HOH HOH B . 
E 5 HOH 9  324 324 HOH HOH B . 
E 5 HOH 10 325 325 HOH HOH B . 
E 5 HOH 11 328 328 HOH HOH B . 
E 5 HOH 12 330 330 HOH HOH B . 
E 5 HOH 13 334 334 HOH HOH B . 
E 5 HOH 14 343 343 HOH HOH B . 
E 5 HOH 15 345 345 HOH HOH B . 
E 5 HOH 16 351 351 HOH HOH B . 
E 5 HOH 17 355 355 HOH HOH B . 
E 5 HOH 18 356 356 HOH HOH B . 
E 5 HOH 19 358 358 HOH HOH B . 
E 5 HOH 20 359 359 HOH HOH B . 
E 5 HOH 21 363 363 HOH HOH B . 
E 5 HOH 22 365 365 HOH HOH B . 
E 5 HOH 23 371 371 HOH HOH B . 
E 5 HOH 24 374 374 HOH HOH B . 
F 5 HOH 1  304 304 HOH HOH C . 
F 5 HOH 2  308 308 HOH HOH C . 
F 5 HOH 3  311 311 HOH HOH C . 
F 5 HOH 4  313 313 HOH HOH C . 
F 5 HOH 5  315 315 HOH HOH C . 
F 5 HOH 6  316 316 HOH HOH C . 
F 5 HOH 7  323 323 HOH HOH C . 
F 5 HOH 8  326 326 HOH HOH C . 
F 5 HOH 9  331 331 HOH HOH C . 
F 5 HOH 10 335 335 HOH HOH C . 
F 5 HOH 11 336 336 HOH HOH C . 
F 5 HOH 12 338 338 HOH HOH C . 
F 5 HOH 13 339 339 HOH HOH C . 
F 5 HOH 14 344 344 HOH HOH C . 
F 5 HOH 15 346 346 HOH HOH C . 
F 5 HOH 16 347 347 HOH HOH C . 
F 5 HOH 17 348 348 HOH HOH C . 
F 5 HOH 18 349 349 HOH HOH C . 
F 5 HOH 19 352 352 HOH HOH C . 
F 5 HOH 20 353 353 HOH HOH C . 
F 5 HOH 21 357 357 HOH HOH C . 
F 5 HOH 22 364 364 HOH HOH C . 
F 5 HOH 23 366 366 HOH HOH C . 
F 5 HOH 24 367 367 HOH HOH C . 
F 5 HOH 25 369 369 HOH HOH C . 
F 5 HOH 26 370 370 HOH HOH C . 
F 5 HOH 27 372 372 HOH HOH C . 
G 5 HOH 1  302 302 HOH HOH A . 
G 5 HOH 2  303 303 HOH HOH A . 
G 5 HOH 3  307 307 HOH HOH A . 
G 5 HOH 4  314 314 HOH HOH A . 
G 5 HOH 5  318 318 HOH HOH A . 
G 5 HOH 6  320 320 HOH HOH A . 
G 5 HOH 7  321 321 HOH HOH A . 
G 5 HOH 8  322 322 HOH HOH A . 
G 5 HOH 9  327 327 HOH HOH A . 
G 5 HOH 10 329 329 HOH HOH A . 
G 5 HOH 11 332 332 HOH HOH A . 
G 5 HOH 12 333 333 HOH HOH A . 
G 5 HOH 13 337 337 HOH HOH A . 
G 5 HOH 14 340 340 HOH HOH A . 
G 5 HOH 15 341 341 HOH HOH A . 
G 5 HOH 16 342 342 HOH HOH A . 
G 5 HOH 17 350 350 HOH HOH A . 
G 5 HOH 18 354 354 HOH HOH A . 
G 5 HOH 19 360 360 HOH HOH A . 
G 5 HOH 20 361 361 HOH HOH A . 
G 5 HOH 21 362 362 HOH HOH A . 
G 5 HOH 22 368 368 HOH HOH A . 
G 5 HOH 23 373 373 HOH HOH A . 
# 
loop_
_pdbx_unobs_or_zero_occ_atoms.id 
_pdbx_unobs_or_zero_occ_atoms.PDB_model_num 
_pdbx_unobs_or_zero_occ_atoms.polymer_flag 
_pdbx_unobs_or_zero_occ_atoms.occupancy_flag 
_pdbx_unobs_or_zero_occ_atoms.auth_asym_id 
_pdbx_unobs_or_zero_occ_atoms.auth_comp_id 
_pdbx_unobs_or_zero_occ_atoms.auth_seq_id 
_pdbx_unobs_or_zero_occ_atoms.PDB_ins_code 
_pdbx_unobs_or_zero_occ_atoms.auth_atom_id 
_pdbx_unobs_or_zero_occ_atoms.label_alt_id 
_pdbx_unobs_or_zero_occ_atoms.label_asym_id 
_pdbx_unobs_or_zero_occ_atoms.label_comp_id 
_pdbx_unobs_or_zero_occ_atoms.label_seq_id 
_pdbx_unobs_or_zero_occ_atoms.label_atom_id 
1  1 Y 1 A LYS 7  ? CG  ? C LYS 1  CG  
2  1 Y 1 A LYS 7  ? CD  ? C LYS 1  CD  
3  1 Y 1 A LYS 7  ? CE  ? C LYS 1  CE  
4  1 Y 1 A LYS 7  ? NZ  ? C LYS 1  NZ  
5  1 Y 1 A ARG 9  ? CG  ? C ARG 3  CG  
6  1 Y 1 A ARG 9  ? CD  ? C ARG 3  CD  
7  1 Y 1 A ARG 9  ? NE  ? C ARG 3  NE  
8  1 Y 1 A ARG 9  ? CZ  ? C ARG 3  CZ  
9  1 Y 1 A ARG 9  ? NH1 ? C ARG 3  NH1 
10 1 Y 1 A ARG 9  ? NH2 ? C ARG 3  NH2 
11 1 Y 1 A LYS 28 ? CG  ? C LYS 22 CG  
12 1 Y 1 A LYS 28 ? CD  ? C LYS 22 CD  
13 1 Y 1 A LYS 28 ? CE  ? C LYS 22 CE  
14 1 Y 1 A LYS 28 ? NZ  ? C LYS 22 NZ  
15 1 Y 1 A LYS 29 ? CD  ? C LYS 23 CD  
16 1 Y 1 A LYS 29 ? CE  ? C LYS 23 CE  
17 1 Y 1 A LYS 29 ? NZ  ? C LYS 23 NZ  
18 1 Y 1 A HIS 30 ? CG  ? C HIS 24 CG  
19 1 Y 1 A HIS 30 ? ND1 ? C HIS 24 ND1 
20 1 Y 1 A HIS 30 ? CD2 ? C HIS 24 CD2 
21 1 Y 1 A HIS 30 ? CE1 ? C HIS 24 CE1 
22 1 Y 1 A HIS 30 ? NE2 ? C HIS 24 NE2 
23 1 Y 1 A ASP 32 ? CG  ? C ASP 26 CG  
24 1 Y 1 A ASP 32 ? OD1 ? C ASP 26 OD1 
25 1 Y 1 A ASP 32 ? OD2 ? C ASP 26 OD2 
26 1 Y 1 A SER 34 ? OG  ? C SER 28 OG  
27 1 Y 1 A LYS 64 ? CG  ? C LYS 58 CG  
28 1 Y 1 A LYS 64 ? CD  ? C LYS 58 CD  
29 1 Y 1 A LYS 64 ? CE  ? C LYS 58 CE  
30 1 Y 1 A LYS 64 ? NZ  ? C LYS 58 NZ  
# 
loop_
_software.name 
_software.classification 
_software.version 
_software.citation_id 
_software.pdbx_ordinal 
X-PLOR    'model building' .     ? 1 
X-PLOR    refinement       3.851 ? 2 
SCALEPACK 'data scaling'   .     ? 3 
X-PLOR    phasing          .     ? 4 
# 
_cell.entry_id           1CKT 
_cell.length_a           105.210 
_cell.length_b           50.410 
_cell.length_c           53.130 
_cell.angle_alpha        90.00 
_cell.angle_beta         99.82 
_cell.angle_gamma        90.00 
_cell.Z_PDB              4 
_cell.pdbx_unique_axis   ? 
# 
_symmetry.entry_id                         1CKT 
_symmetry.space_group_name_H-M             'C 1 2 1' 
_symmetry.pdbx_full_space_group_name_H-M   ? 
_symmetry.cell_setting                     monoclinic 
_symmetry.Int_Tables_number                5 
# 
_exptl.entry_id          1CKT 
_exptl.method            'X-RAY DIFFRACTION' 
_exptl.crystals_number   3 
# 
_exptl_crystal.id                    1 
_exptl_crystal.density_meas          ? 
_exptl_crystal.density_Matthews      3.71 
_exptl_crystal.density_percent_sol   69 
_exptl_crystal.description           ? 
# 
_exptl_crystal_grow.crystal_id      1 
_exptl_crystal_grow.method          'VAPOR DIFFUSION, HANGING DROP' 
_exptl_crystal_grow.temp            ? 
_exptl_crystal_grow.temp_details    ? 
_exptl_crystal_grow.pH              6.5 
_exptl_crystal_grow.pdbx_details    
;CRYSTALS WERE OBTAINED FROM A SOLUTION THAT CONTAINED HEPES, MAGNESIUM ACETATE, PEG 3350, GLYCEROL AND DTT, pH 6.5, VAPOR DIFFUSION, HANGING DROP
;
_exptl_crystal_grow.pdbx_pH_range   ? 
# 
loop_
_exptl_crystal_grow_comp.crystal_id 
_exptl_crystal_grow_comp.id 
_exptl_crystal_grow_comp.sol_id 
_exptl_crystal_grow_comp.name 
_exptl_crystal_grow_comp.volume 
_exptl_crystal_grow_comp.conc 
_exptl_crystal_grow_comp.details 
1 1 1 'MAGNESIUM ACETATE' ? ? ? 
1 2 1 HEPES               ? ? ? 
1 3 1 'PEG 3350'          ? ? ? 
1 4 1 GLYCEROL            ? ? ? 
1 5 1 DTT                 ? ? ? 
# 
_diffrn.id                     1 
_diffrn.ambient_temp           123 
_diffrn.ambient_temp_details   ? 
_diffrn.crystal_id             1 
# 
_diffrn_detector.diffrn_id              1 
_diffrn_detector.detector               'IMAGE PLATE' 
_diffrn_detector.type                   'RIGAKU RAXIS IIC' 
_diffrn_detector.pdbx_collection_date   ? 
_diffrn_detector.details                ? 
# 
_diffrn_radiation.diffrn_id                        1 
_diffrn_radiation.wavelength_id                    1 
_diffrn_radiation.pdbx_monochromatic_or_laue_m_l   M 
_diffrn_radiation.monochromator                    ? 
_diffrn_radiation.pdbx_diffrn_protocol             'SINGLE WAVELENGTH' 
_diffrn_radiation.pdbx_scattering_type             x-ray 
# 
_diffrn_radiation_wavelength.id           1 
_diffrn_radiation_wavelength.wavelength   1.5418 
_diffrn_radiation_wavelength.wt           1.0 
# 
_diffrn_source.diffrn_id                   1 
_diffrn_source.source                      'ROTATING ANODE' 
_diffrn_source.type                        RIGAKU 
_diffrn_source.pdbx_synchrotron_site       ? 
_diffrn_source.pdbx_synchrotron_beamline   ? 
_diffrn_source.pdbx_wavelength             1.5418 
_diffrn_source.pdbx_wavelength_list        ? 
# 
_reflns.entry_id                     1CKT 
_reflns.observed_criterion_sigma_I   ? 
_reflns.observed_criterion_sigma_F   ? 
_reflns.d_resolution_low             100 
_reflns.d_resolution_high            2.5 
_reflns.number_obs                   9655 
_reflns.number_all                   ? 
_reflns.percent_possible_obs         97.1 
_reflns.pdbx_Rmerge_I_obs            0.044 
_reflns.pdbx_Rsym_value              ? 
_reflns.pdbx_netI_over_sigmaI        ? 
_reflns.B_iso_Wilson_estimate        ? 
_reflns.pdbx_redundancy              3.7 
_reflns.pdbx_ordinal                 1 
_reflns.pdbx_diffrn_id               1 
# 
_refine.entry_id                                 1CKT 
_refine.ls_number_reflns_obs                     17638 
_refine.ls_number_reflns_all                     ? 
_refine.pdbx_ls_sigma_I                          ? 
_refine.pdbx_ls_sigma_F                          0.0 
_refine.pdbx_data_cutoff_high_absF               ? 
_refine.pdbx_data_cutoff_low_absF                ? 
_refine.pdbx_data_cutoff_high_rms_absF           ? 
_refine.ls_d_res_low                             100 
_refine.ls_d_res_high                            2.5 
_refine.ls_percent_reflns_obs                    65.6 
_refine.ls_R_factor_obs                          0.238 
_refine.ls_R_factor_all                          ? 
_refine.ls_R_factor_R_work                       0.238 
_refine.ls_R_factor_R_free                       0.239 
_refine.ls_R_factor_R_free_error                 ? 
_refine.ls_R_factor_R_free_error_details         ? 
_refine.ls_percent_reflns_R_free                 10.0 
_refine.ls_number_reflns_R_free                  1710 
_refine.ls_number_parameters                     ? 
_refine.ls_number_restraints                     ? 
_refine.occupancy_min                            ? 
_refine.occupancy_max                            ? 
_refine.B_iso_mean                               ? 
_refine.aniso_B[1][1]                            ? 
_refine.aniso_B[2][2]                            ? 
_refine.aniso_B[3][3]                            ? 
_refine.aniso_B[1][2]                            ? 
_refine.aniso_B[1][3]                            ? 
_refine.aniso_B[2][3]                            ? 
_refine.solvent_model_details                    ? 
_refine.solvent_model_param_ksol                 ? 
_refine.solvent_model_param_bsol                 ? 
_refine.pdbx_ls_cross_valid_method               THROUGHOUT 
_refine.details                                  
;TYR: TYR 77 C-TERMINAL OXYGEN OXT WAS NOT FOUND IN ELECTRON
DENSITY MAP; C-TERMINAL RESIDUES 78-89 WERE NOT SEEN IN DENSITY MAP
;
_refine.pdbx_starting_model                      ? 
_refine.pdbx_method_to_determine_struct          MIRAS 
_refine.pdbx_isotropic_thermal_model             ? 
_refine.pdbx_stereochemistry_target_values       ? 
_refine.pdbx_stereochem_target_val_spec_case     ? 
_refine.pdbx_R_Free_selection_details            RANDOM 
_refine.pdbx_overall_ESU_R                       ? 
_refine.pdbx_overall_ESU_R_Free                  ? 
_refine.overall_SU_ML                            ? 
_refine.overall_SU_B                             ? 
_refine.pdbx_refine_id                           'X-RAY DIFFRACTION' 
_refine.pdbx_diffrn_id                           1 
_refine.pdbx_TLS_residual_ADP_flag               ? 
_refine.correlation_coeff_Fo_to_Fc               ? 
_refine.correlation_coeff_Fo_to_Fc_free          ? 
_refine.pdbx_solvent_vdw_probe_radii             ? 
_refine.pdbx_solvent_ion_probe_radii             ? 
_refine.pdbx_solvent_shrinkage_radii             ? 
_refine.pdbx_overall_phase_error                 ? 
_refine.overall_SU_R_Cruickshank_DPI             ? 
_refine.pdbx_overall_SU_R_free_Cruickshank_DPI   ? 
_refine.pdbx_overall_SU_R_Blow_DPI               ? 
_refine.pdbx_overall_SU_R_free_Blow_DPI          ? 
# 
_refine_hist.pdbx_refine_id                   'X-RAY DIFFRACTION' 
_refine_hist.cycle_id                         LAST 
_refine_hist.pdbx_number_atoms_protein        562 
_refine_hist.pdbx_number_atoms_nucleic_acid   650 
_refine_hist.pdbx_number_atoms_ligand         3 
_refine_hist.number_atoms_solvent             74 
_refine_hist.number_atoms_total               1289 
_refine_hist.d_res_high                       2.5 
_refine_hist.d_res_low                        100 
# 
loop_
_refine_ls_restr.type 
_refine_ls_restr.dev_ideal 
_refine_ls_restr.dev_ideal_target 
_refine_ls_restr.weight 
_refine_ls_restr.number 
_refine_ls_restr.pdbx_refine_id 
_refine_ls_restr.pdbx_restraint_function 
x_bond_d                0.013 ? ? ? 'X-RAY DIFFRACTION' ? 
x_bond_d_na             ?     ? ? ? 'X-RAY DIFFRACTION' ? 
x_bond_d_prot           ?     ? ? ? 'X-RAY DIFFRACTION' ? 
x_angle_d               ?     ? ? ? 'X-RAY DIFFRACTION' ? 
x_angle_d_na            ?     ? ? ? 'X-RAY DIFFRACTION' ? 
x_angle_d_prot          ?     ? ? ? 'X-RAY DIFFRACTION' ? 
x_angle_deg             1.8   ? ? ? 'X-RAY DIFFRACTION' ? 
x_angle_deg_na          ?     ? ? ? 'X-RAY DIFFRACTION' ? 
x_angle_deg_prot        ?     ? ? ? 'X-RAY DIFFRACTION' ? 
x_dihedral_angle_d      32.2  ? ? ? 'X-RAY DIFFRACTION' ? 
x_dihedral_angle_d_na   ?     ? ? ? 'X-RAY DIFFRACTION' ? 
x_dihedral_angle_d_prot ?     ? ? ? 'X-RAY DIFFRACTION' ? 
x_improper_angle_d      1.6   ? ? ? 'X-RAY DIFFRACTION' ? 
x_improper_angle_d_na   ?     ? ? ? 'X-RAY DIFFRACTION' ? 
x_improper_angle_d_prot ?     ? ? ? 'X-RAY DIFFRACTION' ? 
x_mcbond_it             ?     ? ? ? 'X-RAY DIFFRACTION' ? 
x_mcangle_it            ?     ? ? ? 'X-RAY DIFFRACTION' ? 
x_scbond_it             ?     ? ? ? 'X-RAY DIFFRACTION' ? 
x_scangle_it            ?     ? ? ? 'X-RAY DIFFRACTION' ? 
# 
_struct.entry_id                  1CKT 
_struct.title                     'CRYSTAL STRUCTURE OF HMG1 DOMAIN A BOUND TO A CISPLATIN-MODIFIED DNA DUPLEX' 
_struct.pdbx_model_details        ? 
_struct.pdbx_CASP_flag            ? 
_struct.pdbx_model_type_details   ? 
# 
_struct_keywords.entry_id        1CKT 
_struct_keywords.pdbx_keywords   'GENE REGULATION/DNA' 
_struct_keywords.text            'HIGH-MOBILITY GROUP DOMAIN, BENT DNA, PROTEIN-DRUG-DNA COMPLEX, GENE REGULATION-DNA COMPLEX' 
# 
loop_
_struct_asym.id 
_struct_asym.pdbx_blank_PDB_chainid_flag 
_struct_asym.pdbx_modified 
_struct_asym.entity_id 
_struct_asym.details 
A N N 1 ? 
B N N 2 ? 
C N N 3 ? 
D N N 4 ? 
E N N 5 ? 
F N N 5 ? 
G N N 5 ? 
# 
loop_
_struct_ref.id 
_struct_ref.db_name 
_struct_ref.db_code 
_struct_ref.pdbx_db_accession 
_struct_ref.entity_id 
_struct_ref.pdbx_align_begin 
_struct_ref.pdbx_db_isoform 
_struct_ref.pdbx_seq_one_letter_code 
1 UNP HMG1_RAT P63159 3 7 ? ? 
2 PDB 1CKT     1CKT   1 ? ? ? 
3 PDB 1CKT     1CKT   2 ? ? ? 
# 
loop_
_struct_ref_seq.align_id 
_struct_ref_seq.ref_id 
_struct_ref_seq.pdbx_PDB_id_code 
_struct_ref_seq.pdbx_strand_id 
_struct_ref_seq.seq_align_beg 
_struct_ref_seq.pdbx_seq_align_beg_ins_code 
_struct_ref_seq.seq_align_end 
_struct_ref_seq.pdbx_seq_align_end_ins_code 
_struct_ref_seq.pdbx_db_accession 
_struct_ref_seq.db_align_beg 
_struct_ref_seq.pdbx_db_align_beg_ins_code 
_struct_ref_seq.db_align_end 
_struct_ref_seq.pdbx_db_align_end_ins_code 
_struct_ref_seq.pdbx_auth_seq_align_beg 
_struct_ref_seq.pdbx_auth_seq_align_end 
1 1 1CKT A 1 ? 71 ? P63159 7   ? 77  ? 7   77  
2 2 1CKT B 1 ? 16 ? 1CKT   101 ? 116 ? 101 116 
3 3 1CKT C 1 ? 16 ? 1CKT   201 ? 216 ? 201 216 
# 
_pdbx_struct_assembly.id                   1 
_pdbx_struct_assembly.details              author_defined_assembly 
_pdbx_struct_assembly.method_details       ? 
_pdbx_struct_assembly.oligomeric_details   trimeric 
_pdbx_struct_assembly.oligomeric_count     3 
# 
_pdbx_struct_assembly_gen.assembly_id       1 
_pdbx_struct_assembly_gen.oper_expression   1 
_pdbx_struct_assembly_gen.asym_id_list      A,B,C,D,E,F,G 
# 
_pdbx_struct_oper_list.id                   1 
_pdbx_struct_oper_list.type                 'identity operation' 
_pdbx_struct_oper_list.name                 1_555 
_pdbx_struct_oper_list.symmetry_operation   x,y,z 
_pdbx_struct_oper_list.matrix[1][1]         1.0000000000 
_pdbx_struct_oper_list.matrix[1][2]         0.0000000000 
_pdbx_struct_oper_list.matrix[1][3]         0.0000000000 
_pdbx_struct_oper_list.vector[1]            0.0000000000 
_pdbx_struct_oper_list.matrix[2][1]         0.0000000000 
_pdbx_struct_oper_list.matrix[2][2]         1.0000000000 
_pdbx_struct_oper_list.matrix[2][3]         0.0000000000 
_pdbx_struct_oper_list.vector[2]            0.0000000000 
_pdbx_struct_oper_list.matrix[3][1]         0.0000000000 
_pdbx_struct_oper_list.matrix[3][2]         0.0000000000 
_pdbx_struct_oper_list.matrix[3][3]         1.0000000000 
_pdbx_struct_oper_list.vector[3]            0.0000000000 
# 
_struct_biol.id   1 
# 
loop_
_struct_conf.conf_type_id 
_struct_conf.id 
_struct_conf.pdbx_PDB_helix_id 
_struct_conf.beg_label_comp_id 
_struct_conf.beg_label_asym_id 
_struct_conf.beg_label_seq_id 
_struct_conf.pdbx_beg_PDB_ins_code 
_struct_conf.end_label_comp_id 
_struct_conf.end_label_asym_id 
_struct_conf.end_label_seq_id 
_struct_conf.pdbx_end_PDB_ins_code 
_struct_conf.beg_auth_comp_id 
_struct_conf.beg_auth_asym_id 
_struct_conf.beg_auth_seq_id 
_struct_conf.end_auth_comp_id 
_struct_conf.end_auth_asym_id 
_struct_conf.end_auth_seq_id 
_struct_conf.pdbx_PDB_helix_class 
_struct_conf.details 
_struct_conf.pdbx_PDB_helix_length 
HELX_P HELX_P1 1 SER C 8  ? LYS C 23 ? SER A 14 LYS A 29 1 ? 16 
HELX_P HELX_P2 2 PHE C 31 ? LYS C 43 ? PHE A 37 LYS A 49 1 ? 13 
HELX_P HELX_P3 3 GLY C 51 ? MET C 68 ? GLY A 57 MET A 74 1 ? 18 
# 
_struct_conf_type.id          HELX_P 
_struct_conf_type.criteria    ? 
_struct_conf_type.reference   ? 
# 
loop_
_struct_conn.id 
_struct_conn.conn_type_id 
_struct_conn.pdbx_leaving_atom_flag 
_struct_conn.pdbx_PDB_id 
_struct_conn.ptnr1_label_asym_id 
_struct_conn.ptnr1_label_comp_id 
_struct_conn.ptnr1_label_seq_id 
_struct_conn.ptnr1_label_atom_id 
_struct_conn.pdbx_ptnr1_label_alt_id 
_struct_conn.pdbx_ptnr1_PDB_ins_code 
_struct_conn.pdbx_ptnr1_standard_comp_id 
_struct_conn.ptnr1_symmetry 
_struct_conn.ptnr2_label_asym_id 
_struct_conn.ptnr2_label_comp_id 
_struct_conn.ptnr2_label_seq_id 
_struct_conn.ptnr2_label_atom_id 
_struct_conn.pdbx_ptnr2_label_alt_id 
_struct_conn.pdbx_ptnr2_PDB_ins_code 
_struct_conn.ptnr1_auth_asym_id 
_struct_conn.ptnr1_auth_comp_id 
_struct_conn.ptnr1_auth_seq_id 
_struct_conn.ptnr2_auth_asym_id 
_struct_conn.ptnr2_auth_comp_id 
_struct_conn.ptnr2_auth_seq_id 
_struct_conn.ptnr2_symmetry 
_struct_conn.pdbx_ptnr3_label_atom_id 
_struct_conn.pdbx_ptnr3_label_seq_id 
_struct_conn.pdbx_ptnr3_label_comp_id 
_struct_conn.pdbx_ptnr3_label_asym_id 
_struct_conn.pdbx_ptnr3_label_alt_id 
_struct_conn.pdbx_ptnr3_PDB_ins_code 
_struct_conn.details 
_struct_conn.pdbx_dist_value 
_struct_conn.pdbx_value_order 
_struct_conn.pdbx_role 
covale1  covale both ? A DC  2  "O3'" ? ? ? 1_555 A 5IU 3  P  ? ? B DC  102 B 5IU 103 1_555 ? ? ? ? ? ? ?            1.592 ? ? 
covale2  covale both ? A 5IU 3  "O3'" ? ? ? 1_555 A DC  4  P  ? ? B 5IU 103 B DC  104 1_555 ? ? ? ? ? ? ?            1.600 ? ? 
metalc1  metalc ?    ? D CPT .  PT1   ? ? ? 1_555 A DG  8  N7 ? ? B CPT 99  B DG  108 1_555 ? ? ? ? ? ? ?            1.940 ? ? 
metalc2  metalc ?    ? D CPT .  PT1   ? ? ? 1_555 A DG  8  C8 ? ? B CPT 99  B DG  108 1_555 ? ? ? ? ? ? ?            2.638 ? ? 
metalc3  metalc ?    ? D CPT .  PT1   ? ? ? 1_555 A DG  8  C5 ? ? B CPT 99  B DG  108 1_555 ? ? ? ? ? ? ?            3.182 ? ? 
metalc4  metalc ?    ? D CPT .  PT1   ? ? ? 1_555 A DG  9  N7 ? ? B CPT 99  B DG  109 1_555 ? ? ? ? ? ? ?            1.890 ? ? 
metalc5  metalc ?    ? D CPT .  PT1   ? ? ? 1_555 A DG  9  C8 ? ? B CPT 99  B DG  109 1_555 ? ? ? ? ? ? ?            2.733 ? ? 
metalc6  metalc ?    ? D CPT .  PT1   ? ? ? 1_555 A DG  9  C5 ? ? B CPT 99  B DG  109 1_555 ? ? ? ? ? ? ?            3.085 ? ? 
hydrog1  hydrog ?    ? A DC  1  N3    ? ? ? 1_555 B DG  16 N1 ? ? B DC  101 C DG  216 1_555 ? ? ? ? ? ? WATSON-CRICK ?     ? ? 
hydrog2  hydrog ?    ? A DC  1  N4    ? ? ? 1_555 B DG  16 O6 ? ? B DC  101 C DG  216 1_555 ? ? ? ? ? ? WATSON-CRICK ?     ? ? 
hydrog3  hydrog ?    ? A DC  1  O2    ? ? ? 1_555 B DG  16 N2 ? ? B DC  101 C DG  216 1_555 ? ? ? ? ? ? WATSON-CRICK ?     ? ? 
hydrog4  hydrog ?    ? A DC  2  N3    ? ? ? 1_555 B DG  15 N1 ? ? B DC  102 C DG  215 1_555 ? ? ? ? ? ? WATSON-CRICK ?     ? ? 
hydrog5  hydrog ?    ? A DC  2  N4    ? ? ? 1_555 B DG  15 O6 ? ? B DC  102 C DG  215 1_555 ? ? ? ? ? ? WATSON-CRICK ?     ? ? 
hydrog6  hydrog ?    ? A DC  2  O2    ? ? ? 1_555 B DG  15 N2 ? ? B DC  102 C DG  215 1_555 ? ? ? ? ? ? WATSON-CRICK ?     ? ? 
hydrog7  hydrog ?    ? A 5IU 3  N3    ? ? ? 1_555 B DA  14 N1 ? ? B 5IU 103 C DA  214 1_555 ? ? ? ? ? ? WATSON-CRICK ?     ? ? 
hydrog8  hydrog ?    ? A 5IU 3  O4    ? ? ? 1_555 B DA  14 N6 ? ? B 5IU 103 C DA  214 1_555 ? ? ? ? ? ? WATSON-CRICK ?     ? ? 
hydrog9  hydrog ?    ? A DC  4  N3    ? ? ? 1_555 B DG  13 N1 ? ? B DC  104 C DG  213 1_555 ? ? ? ? ? ? WATSON-CRICK ?     ? ? 
hydrog10 hydrog ?    ? A DC  4  N4    ? ? ? 1_555 B DG  13 O6 ? ? B DC  104 C DG  213 1_555 ? ? ? ? ? ? WATSON-CRICK ?     ? ? 
hydrog11 hydrog ?    ? A DC  4  O2    ? ? ? 1_555 B DG  13 N2 ? ? B DC  104 C DG  213 1_555 ? ? ? ? ? ? WATSON-CRICK ?     ? ? 
hydrog12 hydrog ?    ? A DT  5  N3    ? ? ? 1_555 B DA  12 N1 ? ? B DT  105 C DA  212 1_555 ? ? ? ? ? ? WATSON-CRICK ?     ? ? 
hydrog13 hydrog ?    ? A DT  5  O4    ? ? ? 1_555 B DA  12 N6 ? ? B DT  105 C DA  212 1_555 ? ? ? ? ? ? WATSON-CRICK ?     ? ? 
hydrog14 hydrog ?    ? A DC  6  N3    ? ? ? 1_555 B DG  11 N1 ? ? B DC  106 C DG  211 1_555 ? ? ? ? ? ? WATSON-CRICK ?     ? ? 
hydrog15 hydrog ?    ? A DC  6  N4    ? ? ? 1_555 B DG  11 O6 ? ? B DC  106 C DG  211 1_555 ? ? ? ? ? ? WATSON-CRICK ?     ? ? 
hydrog16 hydrog ?    ? A DC  6  O2    ? ? ? 1_555 B DG  11 N2 ? ? B DC  106 C DG  211 1_555 ? ? ? ? ? ? WATSON-CRICK ?     ? ? 
hydrog17 hydrog ?    ? A DT  7  N3    ? ? ? 1_555 B DA  10 N1 ? ? B DT  107 C DA  210 1_555 ? ? ? ? ? ? WATSON-CRICK ?     ? ? 
hydrog18 hydrog ?    ? A DT  7  O4    ? ? ? 1_555 B DA  10 N6 ? ? B DT  107 C DA  210 1_555 ? ? ? ? ? ? WATSON-CRICK ?     ? ? 
hydrog19 hydrog ?    ? A DG  8  N1    ? ? ? 1_555 B DC  9  N3 ? ? B DG  108 C DC  209 1_555 ? ? ? ? ? ? WATSON-CRICK ?     ? ? 
hydrog20 hydrog ?    ? A DG  8  N2    ? ? ? 1_555 B DC  9  O2 ? ? B DG  108 C DC  209 1_555 ? ? ? ? ? ? WATSON-CRICK ?     ? ? 
hydrog21 hydrog ?    ? A DG  8  O6    ? ? ? 1_555 B DC  9  N4 ? ? B DG  108 C DC  209 1_555 ? ? ? ? ? ? WATSON-CRICK ?     ? ? 
hydrog22 hydrog ?    ? A DG  9  N1    ? ? ? 1_555 B DC  8  N3 ? ? B DG  109 C DC  208 1_555 ? ? ? ? ? ? WATSON-CRICK ?     ? ? 
hydrog23 hydrog ?    ? A DG  9  N2    ? ? ? 1_555 B DC  8  O2 ? ? B DG  109 C DC  208 1_555 ? ? ? ? ? ? WATSON-CRICK ?     ? ? 
hydrog24 hydrog ?    ? A DG  9  O6    ? ? ? 1_555 B DC  8  N4 ? ? B DG  109 C DC  208 1_555 ? ? ? ? ? ? WATSON-CRICK ?     ? ? 
hydrog25 hydrog ?    ? A DA  10 N1    ? ? ? 1_555 B DT  7  N3 ? ? B DA  110 C DT  207 1_555 ? ? ? ? ? ? WATSON-CRICK ?     ? ? 
hydrog26 hydrog ?    ? A DA  10 N6    ? ? ? 1_555 B DT  7  O4 ? ? B DA  110 C DT  207 1_555 ? ? ? ? ? ? WATSON-CRICK ?     ? ? 
hydrog27 hydrog ?    ? A DC  11 N3    ? ? ? 1_555 B DG  6  N1 ? ? B DC  111 C DG  206 1_555 ? ? ? ? ? ? WATSON-CRICK ?     ? ? 
hydrog28 hydrog ?    ? A DC  11 N4    ? ? ? 1_555 B DG  6  O6 ? ? B DC  111 C DG  206 1_555 ? ? ? ? ? ? WATSON-CRICK ?     ? ? 
hydrog29 hydrog ?    ? A DC  11 O2    ? ? ? 1_555 B DG  6  N2 ? ? B DC  111 C DG  206 1_555 ? ? ? ? ? ? WATSON-CRICK ?     ? ? 
hydrog30 hydrog ?    ? A DC  12 N3    ? ? ? 1_555 B DG  5  N1 ? ? B DC  112 C DG  205 1_555 ? ? ? ? ? ? WATSON-CRICK ?     ? ? 
hydrog31 hydrog ?    ? A DC  12 N4    ? ? ? 1_555 B DG  5  O6 ? ? B DC  112 C DG  205 1_555 ? ? ? ? ? ? WATSON-CRICK ?     ? ? 
hydrog32 hydrog ?    ? A DC  12 O2    ? ? ? 1_555 B DG  5  N2 ? ? B DC  112 C DG  205 1_555 ? ? ? ? ? ? WATSON-CRICK ?     ? ? 
hydrog33 hydrog ?    ? A DT  13 N3    ? ? ? 1_555 B DA  4  N1 ? ? B DT  113 C DA  204 1_555 ? ? ? ? ? ? WATSON-CRICK ?     ? ? 
hydrog34 hydrog ?    ? A DT  13 O4    ? ? ? 1_555 B DA  4  N6 ? ? B DT  113 C DA  204 1_555 ? ? ? ? ? ? WATSON-CRICK ?     ? ? 
hydrog35 hydrog ?    ? A DT  14 N3    ? ? ? 1_555 B DA  3  N1 ? ? B DT  114 C DA  203 1_555 ? ? ? ? ? ? WATSON-CRICK ?     ? ? 
hydrog36 hydrog ?    ? A DT  14 O4    ? ? ? 1_555 B DA  3  N6 ? ? B DT  114 C DA  203 1_555 ? ? ? ? ? ? WATSON-CRICK ?     ? ? 
hydrog37 hydrog ?    ? A DC  15 N3    ? ? ? 1_555 B DG  2  N1 ? ? B DC  115 C DG  202 1_555 ? ? ? ? ? ? WATSON-CRICK ?     ? ? 
hydrog38 hydrog ?    ? A DC  15 N4    ? ? ? 1_555 B DG  2  O6 ? ? B DC  115 C DG  202 1_555 ? ? ? ? ? ? WATSON-CRICK ?     ? ? 
hydrog39 hydrog ?    ? A DC  15 O2    ? ? ? 1_555 B DG  2  N2 ? ? B DC  115 C DG  202 1_555 ? ? ? ? ? ? WATSON-CRICK ?     ? ? 
hydrog40 hydrog ?    ? A DC  16 N3    ? ? ? 1_555 B DG  1  N1 ? ? B DC  116 C DG  201 1_555 ? ? ? ? ? ? WATSON-CRICK ?     ? ? 
hydrog41 hydrog ?    ? A DC  16 N4    ? ? ? 1_555 B DG  1  O6 ? ? B DC  116 C DG  201 1_555 ? ? ? ? ? ? WATSON-CRICK ?     ? ? 
hydrog42 hydrog ?    ? A DC  16 O2    ? ? ? 1_555 B DG  1  N2 ? ? B DC  116 C DG  201 1_555 ? ? ? ? ? ? WATSON-CRICK ?     ? ? 
# 
loop_
_struct_conn_type.id 
_struct_conn_type.criteria 
_struct_conn_type.reference 
covale ? ? 
metalc ? ? 
hydrog ? ? 
# 
loop_
_pdbx_struct_conn_angle.id 
_pdbx_struct_conn_angle.ptnr1_label_atom_id 
_pdbx_struct_conn_angle.ptnr1_label_alt_id 
_pdbx_struct_conn_angle.ptnr1_label_asym_id 
_pdbx_struct_conn_angle.ptnr1_label_comp_id 
_pdbx_struct_conn_angle.ptnr1_label_seq_id 
_pdbx_struct_conn_angle.ptnr1_auth_atom_id 
_pdbx_struct_conn_angle.ptnr1_auth_asym_id 
_pdbx_struct_conn_angle.ptnr1_auth_comp_id 
_pdbx_struct_conn_angle.ptnr1_auth_seq_id 
_pdbx_struct_conn_angle.ptnr1_PDB_ins_code 
_pdbx_struct_conn_angle.ptnr1_symmetry 
_pdbx_struct_conn_angle.ptnr2_label_atom_id 
_pdbx_struct_conn_angle.ptnr2_label_alt_id 
_pdbx_struct_conn_angle.ptnr2_label_asym_id 
_pdbx_struct_conn_angle.ptnr2_label_comp_id 
_pdbx_struct_conn_angle.ptnr2_label_seq_id 
_pdbx_struct_conn_angle.ptnr2_auth_atom_id 
_pdbx_struct_conn_angle.ptnr2_auth_asym_id 
_pdbx_struct_conn_angle.ptnr2_auth_comp_id 
_pdbx_struct_conn_angle.ptnr2_auth_seq_id 
_pdbx_struct_conn_angle.ptnr2_PDB_ins_code 
_pdbx_struct_conn_angle.ptnr2_symmetry 
_pdbx_struct_conn_angle.ptnr3_label_atom_id 
_pdbx_struct_conn_angle.ptnr3_label_alt_id 
_pdbx_struct_conn_angle.ptnr3_label_asym_id 
_pdbx_struct_conn_angle.ptnr3_label_comp_id 
_pdbx_struct_conn_angle.ptnr3_label_seq_id 
_pdbx_struct_conn_angle.ptnr3_auth_atom_id 
_pdbx_struct_conn_angle.ptnr3_auth_asym_id 
_pdbx_struct_conn_angle.ptnr3_auth_comp_id 
_pdbx_struct_conn_angle.ptnr3_auth_seq_id 
_pdbx_struct_conn_angle.ptnr3_PDB_ins_code 
_pdbx_struct_conn_angle.ptnr3_symmetry 
_pdbx_struct_conn_angle.value 
_pdbx_struct_conn_angle.value_esd 
1  N7 ? A DG  8 ? B DG  108 ? 1_555 PT1 ? D CPT . ? B CPT 99 ? 1_555 N1 ? D CPT . ? B CPT 99  ? 1_555 177.3 ? 
2  N7 ? A DG  8 ? B DG  108 ? 1_555 PT1 ? D CPT . ? B CPT 99 ? 1_555 N2 ? D CPT . ? B CPT 99  ? 1_555 88.7  ? 
3  N1 ? D CPT . ? B CPT 99  ? 1_555 PT1 ? D CPT . ? B CPT 99 ? 1_555 N2 ? D CPT . ? B CPT 99  ? 1_555 89.1  ? 
4  N7 ? A DG  8 ? B DG  108 ? 1_555 PT1 ? D CPT . ? B CPT 99 ? 1_555 C8 ? A DG  8 ? B DG  108 ? 1_555 28.1  ? 
5  N1 ? D CPT . ? B CPT 99  ? 1_555 PT1 ? D CPT . ? B CPT 99 ? 1_555 C8 ? A DG  8 ? B DG  108 ? 1_555 153.7 ? 
6  N2 ? D CPT . ? B CPT 99  ? 1_555 PT1 ? D CPT . ? B CPT 99 ? 1_555 C8 ? A DG  8 ? B DG  108 ? 1_555 91.4  ? 
7  N7 ? A DG  8 ? B DG  108 ? 1_555 PT1 ? D CPT . ? B CPT 99 ? 1_555 C5 ? A DG  8 ? B DG  108 ? 1_555 14.5  ? 
8  N1 ? D CPT . ? B CPT 99  ? 1_555 PT1 ? D CPT . ? B CPT 99 ? 1_555 C5 ? A DG  8 ? B DG  108 ? 1_555 164.6 ? 
9  N2 ? D CPT . ? B CPT 99  ? 1_555 PT1 ? D CPT . ? B CPT 99 ? 1_555 C5 ? A DG  8 ? B DG  108 ? 1_555 94.3  ? 
10 C8 ? A DG  8 ? B DG  108 ? 1_555 PT1 ? D CPT . ? B CPT 99 ? 1_555 C5 ? A DG  8 ? B DG  108 ? 1_555 41.4  ? 
11 N7 ? A DG  8 ? B DG  108 ? 1_555 PT1 ? D CPT . ? B CPT 99 ? 1_555 N7 ? A DG  9 ? B DG  109 ? 1_555 90.3  ? 
12 N1 ? D CPT . ? B CPT 99  ? 1_555 PT1 ? D CPT . ? B CPT 99 ? 1_555 N7 ? A DG  9 ? B DG  109 ? 1_555 92.0  ? 
13 N2 ? D CPT . ? B CPT 99  ? 1_555 PT1 ? D CPT . ? B CPT 99 ? 1_555 N7 ? A DG  9 ? B DG  109 ? 1_555 176.1 ? 
14 C8 ? A DG  8 ? B DG  108 ? 1_555 PT1 ? D CPT . ? B CPT 99 ? 1_555 N7 ? A DG  9 ? B DG  109 ? 1_555 86.0  ? 
15 C5 ? A DG  8 ? B DG  108 ? 1_555 PT1 ? D CPT . ? B CPT 99 ? 1_555 N7 ? A DG  9 ? B DG  109 ? 1_555 85.6  ? 
16 N7 ? A DG  8 ? B DG  108 ? 1_555 PT1 ? D CPT . ? B CPT 99 ? 1_555 C8 ? A DG  9 ? B DG  109 ? 1_555 90.0  ? 
17 N1 ? D CPT . ? B CPT 99  ? 1_555 PT1 ? D CPT . ? B CPT 99 ? 1_555 C8 ? A DG  9 ? B DG  109 ? 1_555 92.7  ? 
18 N2 ? D CPT . ? B CPT 99  ? 1_555 PT1 ? D CPT . ? B CPT 99 ? 1_555 C8 ? A DG  9 ? B DG  109 ? 1_555 150.7 ? 
19 C8 ? A DG  8 ? B DG  108 ? 1_555 PT1 ? D CPT . ? B CPT 99 ? 1_555 C8 ? A DG  9 ? B DG  109 ? 1_555 74.5  ? 
20 C5 ? A DG  8 ? B DG  108 ? 1_555 PT1 ? D CPT . ? B CPT 99 ? 1_555 C8 ? A DG  9 ? B DG  109 ? 1_555 91.7  ? 
21 N7 ? A DG  9 ? B DG  109 ? 1_555 PT1 ? D CPT . ? B CPT 99 ? 1_555 C8 ? A DG  9 ? B DG  109 ? 1_555 25.5  ? 
22 N7 ? A DG  8 ? B DG  108 ? 1_555 PT1 ? D CPT . ? B CPT 99 ? 1_555 C5 ? A DG  9 ? B DG  109 ? 1_555 91.5  ? 
23 N1 ? D CPT . ? B CPT 99  ? 1_555 PT1 ? D CPT . ? B CPT 99 ? 1_555 C5 ? A DG  9 ? B DG  109 ? 1_555 90.3  ? 
24 N2 ? D CPT . ? B CPT 99  ? 1_555 PT1 ? D CPT . ? B CPT 99 ? 1_555 C5 ? A DG  9 ? B DG  109 ? 1_555 166.8 ? 
25 C8 ? A DG  8 ? B DG  108 ? 1_555 PT1 ? D CPT . ? B CPT 99 ? 1_555 C5 ? A DG  9 ? B DG  109 ? 1_555 95.0  ? 
26 C5 ? A DG  8 ? B DG  108 ? 1_555 PT1 ? D CPT . ? B CPT 99 ? 1_555 C5 ? A DG  9 ? B DG  109 ? 1_555 83.1  ? 
27 N7 ? A DG  9 ? B DG  109 ? 1_555 PT1 ? D CPT . ? B CPT 99 ? 1_555 C5 ? A DG  9 ? B DG  109 ? 1_555 17.0  ? 
28 C8 ? A DG  9 ? B DG  109 ? 1_555 PT1 ? D CPT . ? B CPT 99 ? 1_555 C5 ? A DG  9 ? B DG  109 ? 1_555 42.5  ? 
# 
_struct_site.id                   AC1 
_struct_site.pdbx_evidence_code   Software 
_struct_site.pdbx_auth_asym_id    B 
_struct_site.pdbx_auth_comp_id    CPT 
_struct_site.pdbx_auth_seq_id     99 
_struct_site.pdbx_auth_ins_code   ? 
_struct_site.pdbx_num_residues    2 
_struct_site.details              'BINDING SITE FOR RESIDUE CPT B 99' 
# 
loop_
_struct_site_gen.id 
_struct_site_gen.site_id 
_struct_site_gen.pdbx_num_res 
_struct_site_gen.label_comp_id 
_struct_site_gen.label_asym_id 
_struct_site_gen.label_seq_id 
_struct_site_gen.pdbx_auth_ins_code 
_struct_site_gen.auth_comp_id 
_struct_site_gen.auth_asym_id 
_struct_site_gen.auth_seq_id 
_struct_site_gen.label_atom_id 
_struct_site_gen.label_alt_id 
_struct_site_gen.symmetry 
_struct_site_gen.details 
1 AC1 2 DG A 8 ? DG B 108 . ? 1_555 ? 
2 AC1 2 DG A 9 ? DG B 109 . ? 1_555 ? 
# 
loop_
_pdbx_validate_torsion.id 
_pdbx_validate_torsion.PDB_model_num 
_pdbx_validate_torsion.auth_comp_id 
_pdbx_validate_torsion.auth_asym_id 
_pdbx_validate_torsion.auth_seq_id 
_pdbx_validate_torsion.PDB_ins_code 
_pdbx_validate_torsion.label_alt_id 
_pdbx_validate_torsion.phi 
_pdbx_validate_torsion.psi 
1 1 PRO A 31 ? ? -69.69 10.26  
2 1 ALA A 33 ? ? -20.80 116.83 
3 1 VAL A 35 ? ? 67.37  101.27 
4 1 ALA A 53 ? ? -39.60 -24.57 
# 
loop_
_pdbx_validate_planes.id 
_pdbx_validate_planes.PDB_model_num 
_pdbx_validate_planes.auth_comp_id 
_pdbx_validate_planes.auth_asym_id 
_pdbx_validate_planes.auth_seq_id 
_pdbx_validate_planes.PDB_ins_code 
_pdbx_validate_planes.label_alt_id 
_pdbx_validate_planes.rmsd 
_pdbx_validate_planes.type 
1 1 DC B 101 ? ? 0.064 'SIDE CHAIN' 
2 1 DG C 215 ? ? 0.089 'SIDE CHAIN' 
# 
_pdbx_struct_mod_residue.id               1 
_pdbx_struct_mod_residue.label_asym_id    A 
_pdbx_struct_mod_residue.label_comp_id    5IU 
_pdbx_struct_mod_residue.label_seq_id     3 
_pdbx_struct_mod_residue.auth_asym_id     B 
_pdbx_struct_mod_residue.auth_comp_id     5IU 
_pdbx_struct_mod_residue.auth_seq_id      103 
_pdbx_struct_mod_residue.PDB_ins_code     ? 
_pdbx_struct_mod_residue.parent_comp_id   DU 
_pdbx_struct_mod_residue.details          "5-IODO-2'-DEOXYURIDINE-5'-MONOPHOSPHATE" 
# 
loop_
_chem_comp_atom.comp_id 
_chem_comp_atom.atom_id 
_chem_comp_atom.type_symbol 
_chem_comp_atom.pdbx_aromatic_flag 
_chem_comp_atom.pdbx_stereo_config 
_chem_comp_atom.pdbx_ordinal 
5IU N1     N  N N 1   
5IU C2     C  N N 2   
5IU N3     N  N N 3   
5IU C4     C  N N 4   
5IU C5     C  N N 5   
5IU C6     C  N N 6   
5IU O2     O  N N 7   
5IU O4     O  N N 8   
5IU I5     I  N N 9   
5IU "C1'"  C  N R 10  
5IU "C2'"  C  N N 11  
5IU "C3'"  C  N S 12  
5IU "C4'"  C  N R 13  
5IU "O3'"  O  N N 14  
5IU "O4'"  O  N N 15  
5IU "C5'"  C  N N 16  
5IU "O5'"  O  N N 17  
5IU P      P  N N 18  
5IU OP1    O  N N 19  
5IU OP2    O  N N 20  
5IU OP3    O  N N 21  
5IU HN3    H  N N 22  
5IU H6     H  N N 23  
5IU "H1'"  H  N N 24  
5IU "H2'"  H  N N 25  
5IU "H2''" H  N N 26  
5IU "H3'"  H  N N 27  
5IU "H4'"  H  N N 28  
5IU "HO3'" H  N N 29  
5IU "H5'"  H  N N 30  
5IU "H5''" H  N N 31  
5IU HOP2   H  N N 32  
5IU HOP3   H  N N 33  
ALA N      N  N N 34  
ALA CA     C  N S 35  
ALA C      C  N N 36  
ALA O      O  N N 37  
ALA CB     C  N N 38  
ALA OXT    O  N N 39  
ALA H      H  N N 40  
ALA H2     H  N N 41  
ALA HA     H  N N 42  
ALA HB1    H  N N 43  
ALA HB2    H  N N 44  
ALA HB3    H  N N 45  
ALA HXT    H  N N 46  
ARG N      N  N N 47  
ARG CA     C  N S 48  
ARG C      C  N N 49  
ARG O      O  N N 50  
ARG CB     C  N N 51  
ARG CG     C  N N 52  
ARG CD     C  N N 53  
ARG NE     N  N N 54  
ARG CZ     C  N N 55  
ARG NH1    N  N N 56  
ARG NH2    N  N N 57  
ARG OXT    O  N N 58  
ARG H      H  N N 59  
ARG H2     H  N N 60  
ARG HA     H  N N 61  
ARG HB2    H  N N 62  
ARG HB3    H  N N 63  
ARG HG2    H  N N 64  
ARG HG3    H  N N 65  
ARG HD2    H  N N 66  
ARG HD3    H  N N 67  
ARG HE     H  N N 68  
ARG HH11   H  N N 69  
ARG HH12   H  N N 70  
ARG HH21   H  N N 71  
ARG HH22   H  N N 72  
ARG HXT    H  N N 73  
ASN N      N  N N 74  
ASN CA     C  N S 75  
ASN C      C  N N 76  
ASN O      O  N N 77  
ASN CB     C  N N 78  
ASN CG     C  N N 79  
ASN OD1    O  N N 80  
ASN ND2    N  N N 81  
ASN OXT    O  N N 82  
ASN H      H  N N 83  
ASN H2     H  N N 84  
ASN HA     H  N N 85  
ASN HB2    H  N N 86  
ASN HB3    H  N N 87  
ASN HD21   H  N N 88  
ASN HD22   H  N N 89  
ASN HXT    H  N N 90  
ASP N      N  N N 91  
ASP CA     C  N S 92  
ASP C      C  N N 93  
ASP O      O  N N 94  
ASP CB     C  N N 95  
ASP CG     C  N N 96  
ASP OD1    O  N N 97  
ASP OD2    O  N N 98  
ASP OXT    O  N N 99  
ASP H      H  N N 100 
ASP H2     H  N N 101 
ASP HA     H  N N 102 
ASP HB2    H  N N 103 
ASP HB3    H  N N 104 
ASP HD2    H  N N 105 
ASP HXT    H  N N 106 
CPT PT1    PT N N 107 
CPT N1     N  N N 108 
CPT N2     N  N N 109 
CPT H11    H  N N 110 
CPT H12    H  N N 111 
CPT H21    H  N N 112 
CPT H22    H  N N 113 
CPT CL2    CL N N 114 
CPT CL1    CL N N 115 
CPT H13    H  N N 116 
CPT H23    H  N N 117 
CYS N      N  N N 118 
CYS CA     C  N R 119 
CYS C      C  N N 120 
CYS O      O  N N 121 
CYS CB     C  N N 122 
CYS SG     S  N N 123 
CYS OXT    O  N N 124 
CYS H      H  N N 125 
CYS H2     H  N N 126 
CYS HA     H  N N 127 
CYS HB2    H  N N 128 
CYS HB3    H  N N 129 
CYS HG     H  N N 130 
CYS HXT    H  N N 131 
DA  OP3    O  N N 132 
DA  P      P  N N 133 
DA  OP1    O  N N 134 
DA  OP2    O  N N 135 
DA  "O5'"  O  N N 136 
DA  "C5'"  C  N N 137 
DA  "C4'"  C  N R 138 
DA  "O4'"  O  N N 139 
DA  "C3'"  C  N S 140 
DA  "O3'"  O  N N 141 
DA  "C2'"  C  N N 142 
DA  "C1'"  C  N R 143 
DA  N9     N  Y N 144 
DA  C8     C  Y N 145 
DA  N7     N  Y N 146 
DA  C5     C  Y N 147 
DA  C6     C  Y N 148 
DA  N6     N  N N 149 
DA  N1     N  Y N 150 
DA  C2     C  Y N 151 
DA  N3     N  Y N 152 
DA  C4     C  Y N 153 
DA  HOP3   H  N N 154 
DA  HOP2   H  N N 155 
DA  "H5'"  H  N N 156 
DA  "H5''" H  N N 157 
DA  "H4'"  H  N N 158 
DA  "H3'"  H  N N 159 
DA  "HO3'" H  N N 160 
DA  "H2'"  H  N N 161 
DA  "H2''" H  N N 162 
DA  "H1'"  H  N N 163 
DA  H8     H  N N 164 
DA  H61    H  N N 165 
DA  H62    H  N N 166 
DA  H2     H  N N 167 
DC  OP3    O  N N 168 
DC  P      P  N N 169 
DC  OP1    O  N N 170 
DC  OP2    O  N N 171 
DC  "O5'"  O  N N 172 
DC  "C5'"  C  N N 173 
DC  "C4'"  C  N R 174 
DC  "O4'"  O  N N 175 
DC  "C3'"  C  N S 176 
DC  "O3'"  O  N N 177 
DC  "C2'"  C  N N 178 
DC  "C1'"  C  N R 179 
DC  N1     N  N N 180 
DC  C2     C  N N 181 
DC  O2     O  N N 182 
DC  N3     N  N N 183 
DC  C4     C  N N 184 
DC  N4     N  N N 185 
DC  C5     C  N N 186 
DC  C6     C  N N 187 
DC  HOP3   H  N N 188 
DC  HOP2   H  N N 189 
DC  "H5'"  H  N N 190 
DC  "H5''" H  N N 191 
DC  "H4'"  H  N N 192 
DC  "H3'"  H  N N 193 
DC  "HO3'" H  N N 194 
DC  "H2'"  H  N N 195 
DC  "H2''" H  N N 196 
DC  "H1'"  H  N N 197 
DC  H41    H  N N 198 
DC  H42    H  N N 199 
DC  H5     H  N N 200 
DC  H6     H  N N 201 
DG  OP3    O  N N 202 
DG  P      P  N N 203 
DG  OP1    O  N N 204 
DG  OP2    O  N N 205 
DG  "O5'"  O  N N 206 
DG  "C5'"  C  N N 207 
DG  "C4'"  C  N R 208 
DG  "O4'"  O  N N 209 
DG  "C3'"  C  N S 210 
DG  "O3'"  O  N N 211 
DG  "C2'"  C  N N 212 
DG  "C1'"  C  N R 213 
DG  N9     N  Y N 214 
DG  C8     C  Y N 215 
DG  N7     N  Y N 216 
DG  C5     C  Y N 217 
DG  C6     C  N N 218 
DG  O6     O  N N 219 
DG  N1     N  N N 220 
DG  C2     C  N N 221 
DG  N2     N  N N 222 
DG  N3     N  N N 223 
DG  C4     C  Y N 224 
DG  HOP3   H  N N 225 
DG  HOP2   H  N N 226 
DG  "H5'"  H  N N 227 
DG  "H5''" H  N N 228 
DG  "H4'"  H  N N 229 
DG  "H3'"  H  N N 230 
DG  "HO3'" H  N N 231 
DG  "H2'"  H  N N 232 
DG  "H2''" H  N N 233 
DG  "H1'"  H  N N 234 
DG  H8     H  N N 235 
DG  H1     H  N N 236 
DG  H21    H  N N 237 
DG  H22    H  N N 238 
DT  OP3    O  N N 239 
DT  P      P  N N 240 
DT  OP1    O  N N 241 
DT  OP2    O  N N 242 
DT  "O5'"  O  N N 243 
DT  "C5'"  C  N N 244 
DT  "C4'"  C  N R 245 
DT  "O4'"  O  N N 246 
DT  "C3'"  C  N S 247 
DT  "O3'"  O  N N 248 
DT  "C2'"  C  N N 249 
DT  "C1'"  C  N R 250 
DT  N1     N  N N 251 
DT  C2     C  N N 252 
DT  O2     O  N N 253 
DT  N3     N  N N 254 
DT  C4     C  N N 255 
DT  O4     O  N N 256 
DT  C5     C  N N 257 
DT  C7     C  N N 258 
DT  C6     C  N N 259 
DT  HOP3   H  N N 260 
DT  HOP2   H  N N 261 
DT  "H5'"  H  N N 262 
DT  "H5''" H  N N 263 
DT  "H4'"  H  N N 264 
DT  "H3'"  H  N N 265 
DT  "HO3'" H  N N 266 
DT  "H2'"  H  N N 267 
DT  "H2''" H  N N 268 
DT  "H1'"  H  N N 269 
DT  H3     H  N N 270 
DT  H71    H  N N 271 
DT  H72    H  N N 272 
DT  H73    H  N N 273 
DT  H6     H  N N 274 
GLN N      N  N N 275 
GLN CA     C  N S 276 
GLN C      C  N N 277 
GLN O      O  N N 278 
GLN CB     C  N N 279 
GLN CG     C  N N 280 
GLN CD     C  N N 281 
GLN OE1    O  N N 282 
GLN NE2    N  N N 283 
GLN OXT    O  N N 284 
GLN H      H  N N 285 
GLN H2     H  N N 286 
GLN HA     H  N N 287 
GLN HB2    H  N N 288 
GLN HB3    H  N N 289 
GLN HG2    H  N N 290 
GLN HG3    H  N N 291 
GLN HE21   H  N N 292 
GLN HE22   H  N N 293 
GLN HXT    H  N N 294 
GLU N      N  N N 295 
GLU CA     C  N S 296 
GLU C      C  N N 297 
GLU O      O  N N 298 
GLU CB     C  N N 299 
GLU CG     C  N N 300 
GLU CD     C  N N 301 
GLU OE1    O  N N 302 
GLU OE2    O  N N 303 
GLU OXT    O  N N 304 
GLU H      H  N N 305 
GLU H2     H  N N 306 
GLU HA     H  N N 307 
GLU HB2    H  N N 308 
GLU HB3    H  N N 309 
GLU HG2    H  N N 310 
GLU HG3    H  N N 311 
GLU HE2    H  N N 312 
GLU HXT    H  N N 313 
GLY N      N  N N 314 
GLY CA     C  N N 315 
GLY C      C  N N 316 
GLY O      O  N N 317 
GLY OXT    O  N N 318 
GLY H      H  N N 319 
GLY H2     H  N N 320 
GLY HA2    H  N N 321 
GLY HA3    H  N N 322 
GLY HXT    H  N N 323 
HIS N      N  N N 324 
HIS CA     C  N S 325 
HIS C      C  N N 326 
HIS O      O  N N 327 
HIS CB     C  N N 328 
HIS CG     C  Y N 329 
HIS ND1    N  Y N 330 
HIS CD2    C  Y N 331 
HIS CE1    C  Y N 332 
HIS NE2    N  Y N 333 
HIS OXT    O  N N 334 
HIS H      H  N N 335 
HIS H2     H  N N 336 
HIS HA     H  N N 337 
HIS HB2    H  N N 338 
HIS HB3    H  N N 339 
HIS HD1    H  N N 340 
HIS HD2    H  N N 341 
HIS HE1    H  N N 342 
HIS HE2    H  N N 343 
HIS HXT    H  N N 344 
HOH O      O  N N 345 
HOH H1     H  N N 346 
HOH H2     H  N N 347 
LYS N      N  N N 348 
LYS CA     C  N S 349 
LYS C      C  N N 350 
LYS O      O  N N 351 
LYS CB     C  N N 352 
LYS CG     C  N N 353 
LYS CD     C  N N 354 
LYS CE     C  N N 355 
LYS NZ     N  N N 356 
LYS OXT    O  N N 357 
LYS H      H  N N 358 
LYS H2     H  N N 359 
LYS HA     H  N N 360 
LYS HB2    H  N N 361 
LYS HB3    H  N N 362 
LYS HG2    H  N N 363 
LYS HG3    H  N N 364 
LYS HD2    H  N N 365 
LYS HD3    H  N N 366 
LYS HE2    H  N N 367 
LYS HE3    H  N N 368 
LYS HZ1    H  N N 369 
LYS HZ2    H  N N 370 
LYS HZ3    H  N N 371 
LYS HXT    H  N N 372 
MET N      N  N N 373 
MET CA     C  N S 374 
MET C      C  N N 375 
MET O      O  N N 376 
MET CB     C  N N 377 
MET CG     C  N N 378 
MET SD     S  N N 379 
MET CE     C  N N 380 
MET OXT    O  N N 381 
MET H      H  N N 382 
MET H2     H  N N 383 
MET HA     H  N N 384 
MET HB2    H  N N 385 
MET HB3    H  N N 386 
MET HG2    H  N N 387 
MET HG3    H  N N 388 
MET HE1    H  N N 389 
MET HE2    H  N N 390 
MET HE3    H  N N 391 
MET HXT    H  N N 392 
PHE N      N  N N 393 
PHE CA     C  N S 394 
PHE C      C  N N 395 
PHE O      O  N N 396 
PHE CB     C  N N 397 
PHE CG     C  Y N 398 
PHE CD1    C  Y N 399 
PHE CD2    C  Y N 400 
PHE CE1    C  Y N 401 
PHE CE2    C  Y N 402 
PHE CZ     C  Y N 403 
PHE OXT    O  N N 404 
PHE H      H  N N 405 
PHE H2     H  N N 406 
PHE HA     H  N N 407 
PHE HB2    H  N N 408 
PHE HB3    H  N N 409 
PHE HD1    H  N N 410 
PHE HD2    H  N N 411 
PHE HE1    H  N N 412 
PHE HE2    H  N N 413 
PHE HZ     H  N N 414 
PHE HXT    H  N N 415 
PRO N      N  N N 416 
PRO CA     C  N S 417 
PRO C      C  N N 418 
PRO O      O  N N 419 
PRO CB     C  N N 420 
PRO CG     C  N N 421 
PRO CD     C  N N 422 
PRO OXT    O  N N 423 
PRO H      H  N N 424 
PRO HA     H  N N 425 
PRO HB2    H  N N 426 
PRO HB3    H  N N 427 
PRO HG2    H  N N 428 
PRO HG3    H  N N 429 
PRO HD2    H  N N 430 
PRO HD3    H  N N 431 
PRO HXT    H  N N 432 
SER N      N  N N 433 
SER CA     C  N S 434 
SER C      C  N N 435 
SER O      O  N N 436 
SER CB     C  N N 437 
SER OG     O  N N 438 
SER OXT    O  N N 439 
SER H      H  N N 440 
SER H2     H  N N 441 
SER HA     H  N N 442 
SER HB2    H  N N 443 
SER HB3    H  N N 444 
SER HG     H  N N 445 
SER HXT    H  N N 446 
THR N      N  N N 447 
THR CA     C  N S 448 
THR C      C  N N 449 
THR O      O  N N 450 
THR CB     C  N R 451 
THR OG1    O  N N 452 
THR CG2    C  N N 453 
THR OXT    O  N N 454 
THR H      H  N N 455 
THR H2     H  N N 456 
THR HA     H  N N 457 
THR HB     H  N N 458 
THR HG1    H  N N 459 
THR HG21   H  N N 460 
THR HG22   H  N N 461 
THR HG23   H  N N 462 
THR HXT    H  N N 463 
TRP N      N  N N 464 
TRP CA     C  N S 465 
TRP C      C  N N 466 
TRP O      O  N N 467 
TRP CB     C  N N 468 
TRP CG     C  Y N 469 
TRP CD1    C  Y N 470 
TRP CD2    C  Y N 471 
TRP NE1    N  Y N 472 
TRP CE2    C  Y N 473 
TRP CE3    C  Y N 474 
TRP CZ2    C  Y N 475 
TRP CZ3    C  Y N 476 
TRP CH2    C  Y N 477 
TRP OXT    O  N N 478 
TRP H      H  N N 479 
TRP H2     H  N N 480 
TRP HA     H  N N 481 
TRP HB2    H  N N 482 
TRP HB3    H  N N 483 
TRP HD1    H  N N 484 
TRP HE1    H  N N 485 
TRP HE3    H  N N 486 
TRP HZ2    H  N N 487 
TRP HZ3    H  N N 488 
TRP HH2    H  N N 489 
TRP HXT    H  N N 490 
TYR N      N  N N 491 
TYR CA     C  N S 492 
TYR C      C  N N 493 
TYR O      O  N N 494 
TYR CB     C  N N 495 
TYR CG     C  Y N 496 
TYR CD1    C  Y N 497 
TYR CD2    C  Y N 498 
TYR CE1    C  Y N 499 
TYR CE2    C  Y N 500 
TYR CZ     C  Y N 501 
TYR OH     O  N N 502 
TYR OXT    O  N N 503 
TYR H      H  N N 504 
TYR H2     H  N N 505 
TYR HA     H  N N 506 
TYR HB2    H  N N 507 
TYR HB3    H  N N 508 
TYR HD1    H  N N 509 
TYR HD2    H  N N 510 
TYR HE1    H  N N 511 
TYR HE2    H  N N 512 
TYR HH     H  N N 513 
TYR HXT    H  N N 514 
VAL N      N  N N 515 
VAL CA     C  N S 516 
VAL C      C  N N 517 
VAL O      O  N N 518 
VAL CB     C  N N 519 
VAL CG1    C  N N 520 
VAL CG2    C  N N 521 
VAL OXT    O  N N 522 
VAL H      H  N N 523 
VAL H2     H  N N 524 
VAL HA     H  N N 525 
VAL HB     H  N N 526 
VAL HG11   H  N N 527 
VAL HG12   H  N N 528 
VAL HG13   H  N N 529 
VAL HG21   H  N N 530 
VAL HG22   H  N N 531 
VAL HG23   H  N N 532 
VAL HXT    H  N N 533 
# 
loop_
_chem_comp_bond.comp_id 
_chem_comp_bond.atom_id_1 
_chem_comp_bond.atom_id_2 
_chem_comp_bond.value_order 
_chem_comp_bond.pdbx_aromatic_flag 
_chem_comp_bond.pdbx_stereo_config 
_chem_comp_bond.pdbx_ordinal 
5IU N1    C2     sing N N 1   
5IU N1    C6     sing N N 2   
5IU N1    "C1'"  sing N N 3   
5IU C2    N3     sing N N 4   
5IU C2    O2     doub N N 5   
5IU N3    C4     sing N N 6   
5IU N3    HN3    sing N N 7   
5IU C4    C5     sing N N 8   
5IU C4    O4     doub N N 9   
5IU C5    C6     doub N N 10  
5IU C5    I5     sing N N 11  
5IU C6    H6     sing N N 12  
5IU "C1'" "C2'"  sing N N 13  
5IU "C1'" "O4'"  sing N N 14  
5IU "C1'" "H1'"  sing N N 15  
5IU "C2'" "C3'"  sing N N 16  
5IU "C2'" "H2'"  sing N N 17  
5IU "C2'" "H2''" sing N N 18  
5IU "C3'" "C4'"  sing N N 19  
5IU "C3'" "O3'"  sing N N 20  
5IU "C3'" "H3'"  sing N N 21  
5IU "C4'" "O4'"  sing N N 22  
5IU "C4'" "C5'"  sing N N 23  
5IU "C4'" "H4'"  sing N N 24  
5IU "O3'" "HO3'" sing N N 25  
5IU "C5'" "O5'"  sing N N 26  
5IU "C5'" "H5'"  sing N N 27  
5IU "C5'" "H5''" sing N N 28  
5IU "O5'" P      sing N N 29  
5IU P     OP1    doub N N 30  
5IU P     OP2    sing N N 31  
5IU P     OP3    sing N N 32  
5IU OP2   HOP2   sing N N 33  
5IU OP3   HOP3   sing N N 34  
ALA N     CA     sing N N 35  
ALA N     H      sing N N 36  
ALA N     H2     sing N N 37  
ALA CA    C      sing N N 38  
ALA CA    CB     sing N N 39  
ALA CA    HA     sing N N 40  
ALA C     O      doub N N 41  
ALA C     OXT    sing N N 42  
ALA CB    HB1    sing N N 43  
ALA CB    HB2    sing N N 44  
ALA CB    HB3    sing N N 45  
ALA OXT   HXT    sing N N 46  
ARG N     CA     sing N N 47  
ARG N     H      sing N N 48  
ARG N     H2     sing N N 49  
ARG CA    C      sing N N 50  
ARG CA    CB     sing N N 51  
ARG CA    HA     sing N N 52  
ARG C     O      doub N N 53  
ARG C     OXT    sing N N 54  
ARG CB    CG     sing N N 55  
ARG CB    HB2    sing N N 56  
ARG CB    HB3    sing N N 57  
ARG CG    CD     sing N N 58  
ARG CG    HG2    sing N N 59  
ARG CG    HG3    sing N N 60  
ARG CD    NE     sing N N 61  
ARG CD    HD2    sing N N 62  
ARG CD    HD3    sing N N 63  
ARG NE    CZ     sing N N 64  
ARG NE    HE     sing N N 65  
ARG CZ    NH1    sing N N 66  
ARG CZ    NH2    doub N N 67  
ARG NH1   HH11   sing N N 68  
ARG NH1   HH12   sing N N 69  
ARG NH2   HH21   sing N N 70  
ARG NH2   HH22   sing N N 71  
ARG OXT   HXT    sing N N 72  
ASN N     CA     sing N N 73  
ASN N     H      sing N N 74  
ASN N     H2     sing N N 75  
ASN CA    C      sing N N 76  
ASN CA    CB     sing N N 77  
ASN CA    HA     sing N N 78  
ASN C     O      doub N N 79  
ASN C     OXT    sing N N 80  
ASN CB    CG     sing N N 81  
ASN CB    HB2    sing N N 82  
ASN CB    HB3    sing N N 83  
ASN CG    OD1    doub N N 84  
ASN CG    ND2    sing N N 85  
ASN ND2   HD21   sing N N 86  
ASN ND2   HD22   sing N N 87  
ASN OXT   HXT    sing N N 88  
ASP N     CA     sing N N 89  
ASP N     H      sing N N 90  
ASP N     H2     sing N N 91  
ASP CA    C      sing N N 92  
ASP CA    CB     sing N N 93  
ASP CA    HA     sing N N 94  
ASP C     O      doub N N 95  
ASP C     OXT    sing N N 96  
ASP CB    CG     sing N N 97  
ASP CB    HB2    sing N N 98  
ASP CB    HB3    sing N N 99  
ASP CG    OD1    doub N N 100 
ASP CG    OD2    sing N N 101 
ASP OD2   HD2    sing N N 102 
ASP OXT   HXT    sing N N 103 
CPT PT1   N1     sing N N 104 
CPT PT1   N2     sing N N 105 
CPT N1    H11    sing N N 106 
CPT N1    H12    sing N N 107 
CPT N1    H13    sing N N 108 
CPT N2    H21    sing N N 109 
CPT N2    H22    sing N N 110 
CPT N2    H23    sing N N 111 
CPT CL2   PT1    sing N N 112 
CPT CL1   PT1    sing N N 113 
CYS N     CA     sing N N 114 
CYS N     H      sing N N 115 
CYS N     H2     sing N N 116 
CYS CA    C      sing N N 117 
CYS CA    CB     sing N N 118 
CYS CA    HA     sing N N 119 
CYS C     O      doub N N 120 
CYS C     OXT    sing N N 121 
CYS CB    SG     sing N N 122 
CYS CB    HB2    sing N N 123 
CYS CB    HB3    sing N N 124 
CYS SG    HG     sing N N 125 
CYS OXT   HXT    sing N N 126 
DA  OP3   P      sing N N 127 
DA  OP3   HOP3   sing N N 128 
DA  P     OP1    doub N N 129 
DA  P     OP2    sing N N 130 
DA  P     "O5'"  sing N N 131 
DA  OP2   HOP2   sing N N 132 
DA  "O5'" "C5'"  sing N N 133 
DA  "C5'" "C4'"  sing N N 134 
DA  "C5'" "H5'"  sing N N 135 
DA  "C5'" "H5''" sing N N 136 
DA  "C4'" "O4'"  sing N N 137 
DA  "C4'" "C3'"  sing N N 138 
DA  "C4'" "H4'"  sing N N 139 
DA  "O4'" "C1'"  sing N N 140 
DA  "C3'" "O3'"  sing N N 141 
DA  "C3'" "C2'"  sing N N 142 
DA  "C3'" "H3'"  sing N N 143 
DA  "O3'" "HO3'" sing N N 144 
DA  "C2'" "C1'"  sing N N 145 
DA  "C2'" "H2'"  sing N N 146 
DA  "C2'" "H2''" sing N N 147 
DA  "C1'" N9     sing N N 148 
DA  "C1'" "H1'"  sing N N 149 
DA  N9    C8     sing Y N 150 
DA  N9    C4     sing Y N 151 
DA  C8    N7     doub Y N 152 
DA  C8    H8     sing N N 153 
DA  N7    C5     sing Y N 154 
DA  C5    C6     sing Y N 155 
DA  C5    C4     doub Y N 156 
DA  C6    N6     sing N N 157 
DA  C6    N1     doub Y N 158 
DA  N6    H61    sing N N 159 
DA  N6    H62    sing N N 160 
DA  N1    C2     sing Y N 161 
DA  C2    N3     doub Y N 162 
DA  C2    H2     sing N N 163 
DA  N3    C4     sing Y N 164 
DC  OP3   P      sing N N 165 
DC  OP3   HOP3   sing N N 166 
DC  P     OP1    doub N N 167 
DC  P     OP2    sing N N 168 
DC  P     "O5'"  sing N N 169 
DC  OP2   HOP2   sing N N 170 
DC  "O5'" "C5'"  sing N N 171 
DC  "C5'" "C4'"  sing N N 172 
DC  "C5'" "H5'"  sing N N 173 
DC  "C5'" "H5''" sing N N 174 
DC  "C4'" "O4'"  sing N N 175 
DC  "C4'" "C3'"  sing N N 176 
DC  "C4'" "H4'"  sing N N 177 
DC  "O4'" "C1'"  sing N N 178 
DC  "C3'" "O3'"  sing N N 179 
DC  "C3'" "C2'"  sing N N 180 
DC  "C3'" "H3'"  sing N N 181 
DC  "O3'" "HO3'" sing N N 182 
DC  "C2'" "C1'"  sing N N 183 
DC  "C2'" "H2'"  sing N N 184 
DC  "C2'" "H2''" sing N N 185 
DC  "C1'" N1     sing N N 186 
DC  "C1'" "H1'"  sing N N 187 
DC  N1    C2     sing N N 188 
DC  N1    C6     sing N N 189 
DC  C2    O2     doub N N 190 
DC  C2    N3     sing N N 191 
DC  N3    C4     doub N N 192 
DC  C4    N4     sing N N 193 
DC  C4    C5     sing N N 194 
DC  N4    H41    sing N N 195 
DC  N4    H42    sing N N 196 
DC  C5    C6     doub N N 197 
DC  C5    H5     sing N N 198 
DC  C6    H6     sing N N 199 
DG  OP3   P      sing N N 200 
DG  OP3   HOP3   sing N N 201 
DG  P     OP1    doub N N 202 
DG  P     OP2    sing N N 203 
DG  P     "O5'"  sing N N 204 
DG  OP2   HOP2   sing N N 205 
DG  "O5'" "C5'"  sing N N 206 
DG  "C5'" "C4'"  sing N N 207 
DG  "C5'" "H5'"  sing N N 208 
DG  "C5'" "H5''" sing N N 209 
DG  "C4'" "O4'"  sing N N 210 
DG  "C4'" "C3'"  sing N N 211 
DG  "C4'" "H4'"  sing N N 212 
DG  "O4'" "C1'"  sing N N 213 
DG  "C3'" "O3'"  sing N N 214 
DG  "C3'" "C2'"  sing N N 215 
DG  "C3'" "H3'"  sing N N 216 
DG  "O3'" "HO3'" sing N N 217 
DG  "C2'" "C1'"  sing N N 218 
DG  "C2'" "H2'"  sing N N 219 
DG  "C2'" "H2''" sing N N 220 
DG  "C1'" N9     sing N N 221 
DG  "C1'" "H1'"  sing N N 222 
DG  N9    C8     sing Y N 223 
DG  N9    C4     sing Y N 224 
DG  C8    N7     doub Y N 225 
DG  C8    H8     sing N N 226 
DG  N7    C5     sing Y N 227 
DG  C5    C6     sing N N 228 
DG  C5    C4     doub Y N 229 
DG  C6    O6     doub N N 230 
DG  C6    N1     sing N N 231 
DG  N1    C2     sing N N 232 
DG  N1    H1     sing N N 233 
DG  C2    N2     sing N N 234 
DG  C2    N3     doub N N 235 
DG  N2    H21    sing N N 236 
DG  N2    H22    sing N N 237 
DG  N3    C4     sing N N 238 
DT  OP3   P      sing N N 239 
DT  OP3   HOP3   sing N N 240 
DT  P     OP1    doub N N 241 
DT  P     OP2    sing N N 242 
DT  P     "O5'"  sing N N 243 
DT  OP2   HOP2   sing N N 244 
DT  "O5'" "C5'"  sing N N 245 
DT  "C5'" "C4'"  sing N N 246 
DT  "C5'" "H5'"  sing N N 247 
DT  "C5'" "H5''" sing N N 248 
DT  "C4'" "O4'"  sing N N 249 
DT  "C4'" "C3'"  sing N N 250 
DT  "C4'" "H4'"  sing N N 251 
DT  "O4'" "C1'"  sing N N 252 
DT  "C3'" "O3'"  sing N N 253 
DT  "C3'" "C2'"  sing N N 254 
DT  "C3'" "H3'"  sing N N 255 
DT  "O3'" "HO3'" sing N N 256 
DT  "C2'" "C1'"  sing N N 257 
DT  "C2'" "H2'"  sing N N 258 
DT  "C2'" "H2''" sing N N 259 
DT  "C1'" N1     sing N N 260 
DT  "C1'" "H1'"  sing N N 261 
DT  N1    C2     sing N N 262 
DT  N1    C6     sing N N 263 
DT  C2    O2     doub N N 264 
DT  C2    N3     sing N N 265 
DT  N3    C4     sing N N 266 
DT  N3    H3     sing N N 267 
DT  C4    O4     doub N N 268 
DT  C4    C5     sing N N 269 
DT  C5    C7     sing N N 270 
DT  C5    C6     doub N N 271 
DT  C7    H71    sing N N 272 
DT  C7    H72    sing N N 273 
DT  C7    H73    sing N N 274 
DT  C6    H6     sing N N 275 
GLN N     CA     sing N N 276 
GLN N     H      sing N N 277 
GLN N     H2     sing N N 278 
GLN CA    C      sing N N 279 
GLN CA    CB     sing N N 280 
GLN CA    HA     sing N N 281 
GLN C     O      doub N N 282 
GLN C     OXT    sing N N 283 
GLN CB    CG     sing N N 284 
GLN CB    HB2    sing N N 285 
GLN CB    HB3    sing N N 286 
GLN CG    CD     sing N N 287 
GLN CG    HG2    sing N N 288 
GLN CG    HG3    sing N N 289 
GLN CD    OE1    doub N N 290 
GLN CD    NE2    sing N N 291 
GLN NE2   HE21   sing N N 292 
GLN NE2   HE22   sing N N 293 
GLN OXT   HXT    sing N N 294 
GLU N     CA     sing N N 295 
GLU N     H      sing N N 296 
GLU N     H2     sing N N 297 
GLU CA    C      sing N N 298 
GLU CA    CB     sing N N 299 
GLU CA    HA     sing N N 300 
GLU C     O      doub N N 301 
GLU C     OXT    sing N N 302 
GLU CB    CG     sing N N 303 
GLU CB    HB2    sing N N 304 
GLU CB    HB3    sing N N 305 
GLU CG    CD     sing N N 306 
GLU CG    HG2    sing N N 307 
GLU CG    HG3    sing N N 308 
GLU CD    OE1    doub N N 309 
GLU CD    OE2    sing N N 310 
GLU OE2   HE2    sing N N 311 
GLU OXT   HXT    sing N N 312 
GLY N     CA     sing N N 313 
GLY N     H      sing N N 314 
GLY N     H2     sing N N 315 
GLY CA    C      sing N N 316 
GLY CA    HA2    sing N N 317 
GLY CA    HA3    sing N N 318 
GLY C     O      doub N N 319 
GLY C     OXT    sing N N 320 
GLY OXT   HXT    sing N N 321 
HIS N     CA     sing N N 322 
HIS N     H      sing N N 323 
HIS N     H2     sing N N 324 
HIS CA    C      sing N N 325 
HIS CA    CB     sing N N 326 
HIS CA    HA     sing N N 327 
HIS C     O      doub N N 328 
HIS C     OXT    sing N N 329 
HIS CB    CG     sing N N 330 
HIS CB    HB2    sing N N 331 
HIS CB    HB3    sing N N 332 
HIS CG    ND1    sing Y N 333 
HIS CG    CD2    doub Y N 334 
HIS ND1   CE1    doub Y N 335 
HIS ND1   HD1    sing N N 336 
HIS CD2   NE2    sing Y N 337 
HIS CD2   HD2    sing N N 338 
HIS CE1   NE2    sing Y N 339 
HIS CE1   HE1    sing N N 340 
HIS NE2   HE2    sing N N 341 
HIS OXT   HXT    sing N N 342 
HOH O     H1     sing N N 343 
HOH O     H2     sing N N 344 
LYS N     CA     sing N N 345 
LYS N     H      sing N N 346 
LYS N     H2     sing N N 347 
LYS CA    C      sing N N 348 
LYS CA    CB     sing N N 349 
LYS CA    HA     sing N N 350 
LYS C     O      doub N N 351 
LYS C     OXT    sing N N 352 
LYS CB    CG     sing N N 353 
LYS CB    HB2    sing N N 354 
LYS CB    HB3    sing N N 355 
LYS CG    CD     sing N N 356 
LYS CG    HG2    sing N N 357 
LYS CG    HG3    sing N N 358 
LYS CD    CE     sing N N 359 
LYS CD    HD2    sing N N 360 
LYS CD    HD3    sing N N 361 
LYS CE    NZ     sing N N 362 
LYS CE    HE2    sing N N 363 
LYS CE    HE3    sing N N 364 
LYS NZ    HZ1    sing N N 365 
LYS NZ    HZ2    sing N N 366 
LYS NZ    HZ3    sing N N 367 
LYS OXT   HXT    sing N N 368 
MET N     CA     sing N N 369 
MET N     H      sing N N 370 
MET N     H2     sing N N 371 
MET CA    C      sing N N 372 
MET CA    CB     sing N N 373 
MET CA    HA     sing N N 374 
MET C     O      doub N N 375 
MET C     OXT    sing N N 376 
MET CB    CG     sing N N 377 
MET CB    HB2    sing N N 378 
MET CB    HB3    sing N N 379 
MET CG    SD     sing N N 380 
MET CG    HG2    sing N N 381 
MET CG    HG3    sing N N 382 
MET SD    CE     sing N N 383 
MET CE    HE1    sing N N 384 
MET CE    HE2    sing N N 385 
MET CE    HE3    sing N N 386 
MET OXT   HXT    sing N N 387 
PHE N     CA     sing N N 388 
PHE N     H      sing N N 389 
PHE N     H2     sing N N 390 
PHE CA    C      sing N N 391 
PHE CA    CB     sing N N 392 
PHE CA    HA     sing N N 393 
PHE C     O      doub N N 394 
PHE C     OXT    sing N N 395 
PHE CB    CG     sing N N 396 
PHE CB    HB2    sing N N 397 
PHE CB    HB3    sing N N 398 
PHE CG    CD1    doub Y N 399 
PHE CG    CD2    sing Y N 400 
PHE CD1   CE1    sing Y N 401 
PHE CD1   HD1    sing N N 402 
PHE CD2   CE2    doub Y N 403 
PHE CD2   HD2    sing N N 404 
PHE CE1   CZ     doub Y N 405 
PHE CE1   HE1    sing N N 406 
PHE CE2   CZ     sing Y N 407 
PHE CE2   HE2    sing N N 408 
PHE CZ    HZ     sing N N 409 
PHE OXT   HXT    sing N N 410 
PRO N     CA     sing N N 411 
PRO N     CD     sing N N 412 
PRO N     H      sing N N 413 
PRO CA    C      sing N N 414 
PRO CA    CB     sing N N 415 
PRO CA    HA     sing N N 416 
PRO C     O      doub N N 417 
PRO C     OXT    sing N N 418 
PRO CB    CG     sing N N 419 
PRO CB    HB2    sing N N 420 
PRO CB    HB3    sing N N 421 
PRO CG    CD     sing N N 422 
PRO CG    HG2    sing N N 423 
PRO CG    HG3    sing N N 424 
PRO CD    HD2    sing N N 425 
PRO CD    HD3    sing N N 426 
PRO OXT   HXT    sing N N 427 
SER N     CA     sing N N 428 
SER N     H      sing N N 429 
SER N     H2     sing N N 430 
SER CA    C      sing N N 431 
SER CA    CB     sing N N 432 
SER CA    HA     sing N N 433 
SER C     O      doub N N 434 
SER C     OXT    sing N N 435 
SER CB    OG     sing N N 436 
SER CB    HB2    sing N N 437 
SER CB    HB3    sing N N 438 
SER OG    HG     sing N N 439 
SER OXT   HXT    sing N N 440 
THR N     CA     sing N N 441 
THR N     H      sing N N 442 
THR N     H2     sing N N 443 
THR CA    C      sing N N 444 
THR CA    CB     sing N N 445 
THR CA    HA     sing N N 446 
THR C     O      doub N N 447 
THR C     OXT    sing N N 448 
THR CB    OG1    sing N N 449 
THR CB    CG2    sing N N 450 
THR CB    HB     sing N N 451 
THR OG1   HG1    sing N N 452 
THR CG2   HG21   sing N N 453 
THR CG2   HG22   sing N N 454 
THR CG2   HG23   sing N N 455 
THR OXT   HXT    sing N N 456 
TRP N     CA     sing N N 457 
TRP N     H      sing N N 458 
TRP N     H2     sing N N 459 
TRP CA    C      sing N N 460 
TRP CA    CB     sing N N 461 
TRP CA    HA     sing N N 462 
TRP C     O      doub N N 463 
TRP C     OXT    sing N N 464 
TRP CB    CG     sing N N 465 
TRP CB    HB2    sing N N 466 
TRP CB    HB3    sing N N 467 
TRP CG    CD1    doub Y N 468 
TRP CG    CD2    sing Y N 469 
TRP CD1   NE1    sing Y N 470 
TRP CD1   HD1    sing N N 471 
TRP CD2   CE2    doub Y N 472 
TRP CD2   CE3    sing Y N 473 
TRP NE1   CE2    sing Y N 474 
TRP NE1   HE1    sing N N 475 
TRP CE2   CZ2    sing Y N 476 
TRP CE3   CZ3    doub Y N 477 
TRP CE3   HE3    sing N N 478 
TRP CZ2   CH2    doub Y N 479 
TRP CZ2   HZ2    sing N N 480 
TRP CZ3   CH2    sing Y N 481 
TRP CZ3   HZ3    sing N N 482 
TRP CH2   HH2    sing N N 483 
TRP OXT   HXT    sing N N 484 
TYR N     CA     sing N N 485 
TYR N     H      sing N N 486 
TYR N     H2     sing N N 487 
TYR CA    C      sing N N 488 
TYR CA    CB     sing N N 489 
TYR CA    HA     sing N N 490 
TYR C     O      doub N N 491 
TYR C     OXT    sing N N 492 
TYR CB    CG     sing N N 493 
TYR CB    HB2    sing N N 494 
TYR CB    HB3    sing N N 495 
TYR CG    CD1    doub Y N 496 
TYR CG    CD2    sing Y N 497 
TYR CD1   CE1    sing Y N 498 
TYR CD1   HD1    sing N N 499 
TYR CD2   CE2    doub Y N 500 
TYR CD2   HD2    sing N N 501 
TYR CE1   CZ     doub Y N 502 
TYR CE1   HE1    sing N N 503 
TYR CE2   CZ     sing Y N 504 
TYR CE2   HE2    sing N N 505 
TYR CZ    OH     sing N N 506 
TYR OH    HH     sing N N 507 
TYR OXT   HXT    sing N N 508 
VAL N     CA     sing N N 509 
VAL N     H      sing N N 510 
VAL N     H2     sing N N 511 
VAL CA    C      sing N N 512 
VAL CA    CB     sing N N 513 
VAL CA    HA     sing N N 514 
VAL C     O      doub N N 515 
VAL C     OXT    sing N N 516 
VAL CB    CG1    sing N N 517 
VAL CB    CG2    sing N N 518 
VAL CB    HB     sing N N 519 
VAL CG1   HG11   sing N N 520 
VAL CG1   HG12   sing N N 521 
VAL CG1   HG13   sing N N 522 
VAL CG2   HG21   sing N N 523 
VAL CG2   HG22   sing N N 524 
VAL CG2   HG23   sing N N 525 
VAL OXT   HXT    sing N N 526 
# 
loop_
_ndb_struct_conf_na.entry_id 
_ndb_struct_conf_na.feature 
1CKT 'double helix'        
1CKT 'b-form double helix' 
# 
loop_
_ndb_struct_na_base_pair.model_number 
_ndb_struct_na_base_pair.i_label_asym_id 
_ndb_struct_na_base_pair.i_label_comp_id 
_ndb_struct_na_base_pair.i_label_seq_id 
_ndb_struct_na_base_pair.i_symmetry 
_ndb_struct_na_base_pair.j_label_asym_id 
_ndb_struct_na_base_pair.j_label_comp_id 
_ndb_struct_na_base_pair.j_label_seq_id 
_ndb_struct_na_base_pair.j_symmetry 
_ndb_struct_na_base_pair.shear 
_ndb_struct_na_base_pair.stretch 
_ndb_struct_na_base_pair.stagger 
_ndb_struct_na_base_pair.buckle 
_ndb_struct_na_base_pair.propeller 
_ndb_struct_na_base_pair.opening 
_ndb_struct_na_base_pair.pair_number 
_ndb_struct_na_base_pair.pair_name 
_ndb_struct_na_base_pair.i_auth_asym_id 
_ndb_struct_na_base_pair.i_auth_seq_id 
_ndb_struct_na_base_pair.i_PDB_ins_code 
_ndb_struct_na_base_pair.j_auth_asym_id 
_ndb_struct_na_base_pair.j_auth_seq_id 
_ndb_struct_na_base_pair.j_PDB_ins_code 
_ndb_struct_na_base_pair.hbond_type_28 
_ndb_struct_na_base_pair.hbond_type_12 
1 A DC  1  1_555 B DG 16 1_555 -0.323 -0.226 0.002  2.121   -7.051  0.631  1  B_DC101:DG216_C  B 101 ? C 216 ? 19 1 
1 A DC  2  1_555 B DG 15 1_555 -0.060 -0.136 0.407  -11.316 -2.624  4.789  2  B_DC102:DG215_C  B 102 ? C 215 ? 19 1 
1 A 5IU 3  1_555 B DA 14 1_555 0.239  -0.172 -0.453 5.930   -7.015  1.438  3  B_5IU103:DA214_C B 103 ? C 214 ? 20 1 
1 A DC  4  1_555 B DG 13 1_555 -0.146 0.078  0.148  -1.191  -9.197  -1.739 4  B_DC104:DG213_C  B 104 ? C 213 ? 19 1 
1 A DT  5  1_555 B DA 12 1_555 -0.503 -0.334 -0.045 2.690   -10.547 -4.787 5  B_DT105:DA212_C  B 105 ? C 212 ? 20 1 
1 A DC  6  1_555 B DG 11 1_555 0.091  -0.308 0.106  -2.043  -8.243  1.190  6  B_DC106:DG211_C  B 106 ? C 211 ? 19 1 
1 A DT  7  1_555 B DA 10 1_555 0.138  -0.207 0.341  8.068   1.675   -4.570 7  B_DT107:DA210_C  B 107 ? C 210 ? 20 1 
1 A DG  8  1_555 B DC 9  1_555 -0.816 -0.445 0.444  30.429  -5.037  -1.465 8  B_DG108:DC209_C  B 108 ? C 209 ? 19 1 
1 A DG  9  1_555 B DC 8  1_555 -0.067 -0.365 -0.504 -10.843 9.538   -7.052 9  B_DG109:DC208_C  B 109 ? C 208 ? 19 1 
1 A DA  10 1_555 B DT 7  1_555 0.368  0.058  0.320  6.309   -6.461  -7.046 10 B_DA110:DT207_C  B 110 ? C 207 ? 20 1 
1 A DC  11 1_555 B DG 6  1_555 0.130  -0.088 -0.079 13.715  -15.802 0.417  11 B_DC111:DG206_C  B 111 ? C 206 ? 19 1 
1 A DC  12 1_555 B DG 5  1_555 -0.145 -0.196 0.285  -3.564  -12.180 -5.938 12 B_DC112:DG205_C  B 112 ? C 205 ? 19 1 
1 A DT  13 1_555 B DA 4  1_555 -0.331 -0.120 0.231  -0.620  -13.640 -5.601 13 B_DT113:DA204_C  B 113 ? C 204 ? 20 1 
1 A DT  14 1_555 B DA 3  1_555 -0.231 -0.171 -0.221 -2.402  -17.563 -5.721 14 B_DT114:DA203_C  B 114 ? C 203 ? 20 1 
1 A DC  15 1_555 B DG 2  1_555 -0.251 -0.093 -0.114 -5.348  -8.951  1.191  15 B_DC115:DG202_C  B 115 ? C 202 ? 19 1 
1 A DC  16 1_555 B DG 1  1_555 -0.359 -0.239 -0.326 2.196   -5.785  -4.683 16 B_DC116:DG201_C  B 116 ? C 201 ? 19 1 
# 
loop_
_ndb_struct_na_base_pair_step.model_number 
_ndb_struct_na_base_pair_step.i_label_asym_id_1 
_ndb_struct_na_base_pair_step.i_label_comp_id_1 
_ndb_struct_na_base_pair_step.i_label_seq_id_1 
_ndb_struct_na_base_pair_step.i_symmetry_1 
_ndb_struct_na_base_pair_step.j_label_asym_id_1 
_ndb_struct_na_base_pair_step.j_label_comp_id_1 
_ndb_struct_na_base_pair_step.j_label_seq_id_1 
_ndb_struct_na_base_pair_step.j_symmetry_1 
_ndb_struct_na_base_pair_step.i_label_asym_id_2 
_ndb_struct_na_base_pair_step.i_label_comp_id_2 
_ndb_struct_na_base_pair_step.i_label_seq_id_2 
_ndb_struct_na_base_pair_step.i_symmetry_2 
_ndb_struct_na_base_pair_step.j_label_asym_id_2 
_ndb_struct_na_base_pair_step.j_label_comp_id_2 
_ndb_struct_na_base_pair_step.j_label_seq_id_2 
_ndb_struct_na_base_pair_step.j_symmetry_2 
_ndb_struct_na_base_pair_step.shift 
_ndb_struct_na_base_pair_step.slide 
_ndb_struct_na_base_pair_step.rise 
_ndb_struct_na_base_pair_step.tilt 
_ndb_struct_na_base_pair_step.roll 
_ndb_struct_na_base_pair_step.twist 
_ndb_struct_na_base_pair_step.x_displacement 
_ndb_struct_na_base_pair_step.y_displacement 
_ndb_struct_na_base_pair_step.helical_rise 
_ndb_struct_na_base_pair_step.inclination 
_ndb_struct_na_base_pair_step.tip 
_ndb_struct_na_base_pair_step.helical_twist 
_ndb_struct_na_base_pair_step.step_number 
_ndb_struct_na_base_pair_step.step_name 
_ndb_struct_na_base_pair_step.i_auth_asym_id_1 
_ndb_struct_na_base_pair_step.i_auth_seq_id_1 
_ndb_struct_na_base_pair_step.i_PDB_ins_code_1 
_ndb_struct_na_base_pair_step.j_auth_asym_id_1 
_ndb_struct_na_base_pair_step.j_auth_seq_id_1 
_ndb_struct_na_base_pair_step.j_PDB_ins_code_1 
_ndb_struct_na_base_pair_step.i_auth_asym_id_2 
_ndb_struct_na_base_pair_step.i_auth_seq_id_2 
_ndb_struct_na_base_pair_step.i_PDB_ins_code_2 
_ndb_struct_na_base_pair_step.j_auth_asym_id_2 
_ndb_struct_na_base_pair_step.j_auth_seq_id_2 
_ndb_struct_na_base_pair_step.j_PDB_ins_code_2 
1 A DC  1  1_555 B DG 16 1_555 A DC  2  1_555 B DG 15 1_555 0.762  -0.873 3.612 -2.346 1.430  35.450 -1.657 -1.622 3.520 2.343  
3.845   35.553 1  BB_DC101DC102:DG215DG216_CC  B 101 ? C 216 ? B 102 ? C 215 ? 
1 A DC  2  1_555 B DG 15 1_555 A 5IU 3  1_555 B DA 14 1_555 -0.989 -0.718 2.947 7.578  -0.023 30.705 -1.315 3.032  2.635 -0.043 
-14.044 31.604 2  BB_DC1025IU103:DA214DG215_CC B 102 ? C 215 ? B 103 ? C 214 ? 
1 A 5IU 3  1_555 B DA 14 1_555 A DC  4  1_555 B DG 13 1_555 -0.363 -0.533 3.540 -5.732 2.981  32.507 -1.479 -0.411 3.490 5.260  
10.115  33.126 3  BB_5IU103DC104:DG213DA214_CC B 103 ? C 214 ? B 104 ? C 213 ? 
1 A DC  4  1_555 B DG 13 1_555 A DT  5  1_555 B DA 12 1_555 -0.116 -0.258 3.086 1.969  4.317  33.401 -1.101 0.499  3.019 7.464  
-3.404  33.727 4  BB_DC104DT105:DA212DG213_CC  B 104 ? C 213 ? B 105 ? C 212 ? 
1 A DT  5  1_555 B DA 12 1_555 A DC  6  1_555 B DG 11 1_555 0.646  -0.021 3.409 1.108  4.757  35.692 -0.740 -0.880 3.396 7.716  
-1.797  36.014 5  BB_DT105DC106:DG211DA212_CC  B 105 ? C 212 ? B 106 ? C 211 ? 
1 A DC  6  1_555 B DG 11 1_555 A DT  7  1_555 B DA 10 1_555 -0.365 0.444  3.221 -0.846 6.883  31.326 -0.437 0.509  3.251 12.554 
1.543   32.066 6  BB_DC106DT107:DA210DG211_CC  B 106 ? C 211 ? B 107 ? C 210 ? 
1 A DT  7  1_555 B DA 10 1_555 A DG  8  1_555 B DC 9  1_555 1.494  1.837  3.047 9.952  -1.944 26.988 4.127  -0.790 3.244 -3.991 
-20.431 28.797 7  BB_DT107DG108:DC209DA210_CC  B 107 ? C 210 ? B 108 ? C 209 ? 
1 A DG  8  1_555 B DC 9  1_555 A DG  9  1_555 B DC 8  1_555 -0.342 -0.624 5.633 -6.761 60.609 14.423 -5.413 -0.208 0.798 77.485 
8.644   62.507 8  BB_DG108DG109:DC208DC209_CC  B 108 ? C 209 ? B 109 ? C 208 ? 
1 A DG  9  1_555 B DC 8  1_555 A DA  10 1_555 B DT 7  1_555 -0.905 -0.102 3.042 -7.041 6.809  36.075 -1.017 0.526  3.089 10.753 
11.120  37.338 9  BB_DG109DA110:DT207DC208_CC  B 109 ? C 208 ? B 110 ? C 207 ? 
1 A DA  10 1_555 B DT 7  1_555 A DC  11 1_555 B DG 6  1_555 0.883  -0.841 3.118 2.244  7.905  29.676 -3.025 -1.256 2.862 15.073 
-4.279  30.768 10 BB_DA110DC111:DG206DT207_CC  B 110 ? C 207 ? B 111 ? C 206 ? 
1 A DC  11 1_555 B DG 6  1_555 A DC  12 1_555 B DG 5  1_555 0.135  -0.390 3.633 0.045  9.307  38.597 -1.768 -0.193 3.452 13.836 
-0.067  39.661 11 BB_DC111DC112:DG205DG206_CC  B 111 ? C 206 ? B 112 ? C 205 ? 
1 A DC  12 1_555 B DG 5  1_555 A DT  13 1_555 B DA 4  1_555 -0.780 -0.109 3.233 1.129  3.968  30.350 -0.976 1.696  3.163 7.534  
-2.143  30.623 12 BB_DC112DT113:DA204DG205_CC  B 112 ? C 205 ? B 113 ? C 204 ? 
1 A DT  13 1_555 B DA 4  1_555 A DT  14 1_555 B DA 3  1_555 -0.174 -0.273 3.200 2.939  -0.544 38.379 -0.348 0.621  3.182 -0.826 
-4.463  38.491 13 BB_DT113DT114:DA203DA204_CC  B 113 ? C 204 ? B 114 ? C 203 ? 
1 A DT  14 1_555 B DA 3  1_555 A DC  15 1_555 B DG 2  1_555 1.312  0.353  3.265 3.741  0.036  40.329 0.506  -1.470 3.368 0.051  
-5.413  40.495 14 BB_DT114DC115:DG202DA203_CC  B 114 ? C 203 ? B 115 ? C 202 ? 
1 A DC  15 1_555 B DG 2  1_555 A DC  16 1_555 B DG 1  1_555 -0.681 0.118  3.111 1.323  3.982  27.941 -0.637 1.688  3.063 8.188  
-2.720  28.248 15 BB_DC115DC116:DG201DG202_CC  B 115 ? C 202 ? B 116 ? C 201 ? 
# 
_atom_sites.entry_id                    1CKT 
_atom_sites.fract_transf_matrix[1][1]   0.00465714 
_atom_sites.fract_transf_matrix[1][2]   0.00541077 
_atom_sites.fract_transf_matrix[1][3]   0.00648735 
_atom_sites.fract_transf_matrix[2][1]   0.00212414 
_atom_sites.fract_transf_matrix[2][2]   -0.01586958 
_atom_sites.fract_transf_matrix[2][3]   0.01171115 
_atom_sites.fract_transf_matrix[3][1]   0.01793228 
_atom_sites.fract_transf_matrix[3][2]   -0.00218215 
_atom_sites.fract_transf_matrix[3][3]   -0.00620951 
_atom_sites.fract_transf_vector[1]      0.290237 
_atom_sites.fract_transf_vector[2]      -0.298974 
_atom_sites.fract_transf_vector[3]      0.287736 
# 
loop_
_atom_type.symbol 
C  
I  
N  
O  
P  
PT 
S  
# 
loop_
_atom_site.group_PDB 
_atom_site.id 
_atom_site.type_symbol 
_atom_site.label_atom_id 
_atom_site.label_alt_id 
_atom_site.label_comp_id 
_atom_site.label_asym_id 
_atom_site.label_entity_id 
_atom_site.label_seq_id 
_atom_site.pdbx_PDB_ins_code 
_atom_site.Cartn_x 
_atom_site.Cartn_y 
_atom_site.Cartn_z 
_atom_site.occupancy 
_atom_site.B_iso_or_equiv 
_atom_site.pdbx_formal_charge 
_atom_site.auth_seq_id 
_atom_site.auth_comp_id 
_atom_site.auth_asym_id 
_atom_site.auth_atom_id 
_atom_site.pdbx_PDB_model_num 
ATOM   1    O  "O5'" . DC  A 1 1  ? -22.003 -27.370 1.390   1.00 67.56 ? 101 DC  B "O5'" 1 
ATOM   2    C  "C5'" . DC  A 1 1  ? -20.786 -26.677 1.080   1.00 65.68 ? 101 DC  B "C5'" 1 
ATOM   3    C  "C4'" . DC  A 1 1  ? -20.708 -25.385 1.858   1.00 64.60 ? 101 DC  B "C4'" 1 
ATOM   4    O  "O4'" . DC  A 1 1  ? -20.646 -25.736 3.265   1.00 63.39 ? 101 DC  B "O4'" 1 
ATOM   5    C  "C3'" . DC  A 1 1  ? -19.454 -24.565 1.554   1.00 63.86 ? 101 DC  B "C3'" 1 
ATOM   6    O  "O3'" . DC  A 1 1  ? -19.721 -23.229 1.152   1.00 64.76 ? 101 DC  B "O3'" 1 
ATOM   7    C  "C2'" . DC  A 1 1  ? -18.683 -24.523 2.856   1.00 63.63 ? 101 DC  B "C2'" 1 
ATOM   8    C  "C1'" . DC  A 1 1  ? -19.659 -24.965 3.921   1.00 62.28 ? 101 DC  B "C1'" 1 
ATOM   9    N  N1    . DC  A 1 1  ? -18.924 -25.830 4.862   1.00 61.04 ? 101 DC  B N1    1 
ATOM   10   C  C2    . DC  A 1 1  ? -18.719 -25.366 6.154   1.00 59.81 ? 101 DC  B C2    1 
ATOM   11   O  O2    . DC  A 1 1  ? -19.285 -24.323 6.502   1.00 60.71 ? 101 DC  B O2    1 
ATOM   12   N  N3    . DC  A 1 1  ? -17.917 -26.060 6.994   1.00 58.41 ? 101 DC  B N3    1 
ATOM   13   C  C4    . DC  A 1 1  ? -17.355 -27.197 6.588   1.00 58.24 ? 101 DC  B C4    1 
ATOM   14   N  N4    . DC  A 1 1  ? -16.536 -27.820 7.435   1.00 56.83 ? 101 DC  B N4    1 
ATOM   15   C  C5    . DC  A 1 1  ? -17.602 -27.737 5.293   1.00 58.69 ? 101 DC  B C5    1 
ATOM   16   C  C6    . DC  A 1 1  ? -18.393 -27.030 4.469   1.00 60.15 ? 101 DC  B C6    1 
ATOM   17   P  P     . DC  A 1 2  ? -18.492 -22.316 0.653   1.00 66.04 ? 102 DC  B P     1 
ATOM   18   O  OP1   . DC  A 1 2  ? -18.962 -21.276 -0.316  1.00 64.90 ? 102 DC  B OP1   1 
ATOM   19   O  OP2   . DC  A 1 2  ? -17.373 -23.236 0.278   1.00 66.72 ? 102 DC  B OP2   1 
ATOM   20   O  "O5'" . DC  A 1 2  ? -18.046 -21.585 1.985   1.00 62.16 ? 102 DC  B "O5'" 1 
ATOM   21   C  "C5'" . DC  A 1 2  ? -19.013 -20.887 2.732   1.00 57.31 ? 102 DC  B "C5'" 1 
ATOM   22   C  "C4'" . DC  A 1 2  ? -18.437 -20.484 4.058   1.00 53.45 ? 102 DC  B "C4'" 1 
ATOM   23   O  "O4'" . DC  A 1 2  ? -18.152 -21.710 4.765   1.00 51.03 ? 102 DC  B "O4'" 1 
ATOM   24   C  "C3'" . DC  A 1 2  ? -17.100 -19.785 3.916   1.00 52.38 ? 102 DC  B "C3'" 1 
ATOM   25   O  "O3'" . DC  A 1 2  ? -17.159 -18.422 4.215   1.00 54.43 ? 102 DC  B "O3'" 1 
ATOM   26   C  "C2'" . DC  A 1 2  ? -16.210 -20.446 4.950   1.00 51.16 ? 102 DC  B "C2'" 1 
ATOM   27   C  "C1'" . DC  A 1 2  ? -17.058 -21.494 5.620   1.00 47.85 ? 102 DC  B "C1'" 1 
ATOM   28   N  N1    . DC  A 1 2  ? -16.302 -22.734 5.693   1.00 42.80 ? 102 DC  B N1    1 
ATOM   29   C  C2    . DC  A 1 2  ? -15.509 -22.944 6.794   1.00 41.68 ? 102 DC  B C2    1 
ATOM   30   O  O2    . DC  A 1 2  ? -15.491 -22.075 7.683   1.00 41.21 ? 102 DC  B O2    1 
ATOM   31   N  N3    . DC  A 1 2  ? -14.774 -24.077 6.879   1.00 40.74 ? 102 DC  B N3    1 
ATOM   32   C  C4    . DC  A 1 2  ? -14.819 -24.970 5.892   1.00 40.16 ? 102 DC  B C4    1 
ATOM   33   N  N4    . DC  A 1 2  ? -14.070 -26.062 6.001   1.00 39.13 ? 102 DC  B N4    1 
ATOM   34   C  C5    . DC  A 1 2  ? -15.631 -24.778 4.748   1.00 41.00 ? 102 DC  B C5    1 
ATOM   35   C  C6    . DC  A 1 2  ? -16.355 -23.655 4.690   1.00 42.18 ? 102 DC  B C6    1 
HETATM 36   N  N1    . 5IU A 1 3  ? -12.674 -19.732 7.300   1.00 54.85 ? 103 5IU B N1    1 
HETATM 37   C  C2    . 5IU A 1 3  ? -12.091 -20.666 8.140   1.00 53.91 ? 103 5IU B C2    1 
HETATM 38   N  N3    . 5IU A 1 3  ? -11.791 -21.861 7.560   1.00 51.60 ? 103 5IU B N3    1 
HETATM 39   C  C4    . 5IU A 1 3  ? -11.990 -22.219 6.256   1.00 54.26 ? 103 5IU B C4    1 
HETATM 40   C  C5    . 5IU A 1 3  ? -12.537 -21.155 5.579   1.00 54.86 ? 103 5IU B C5    1 
HETATM 41   C  C6    . 5IU A 1 3  ? -12.887 -20.015 5.968   1.00 54.55 ? 103 5IU B C6    1 
HETATM 42   O  O2    . 5IU A 1 3  ? -11.849 -20.452 9.304   1.00 55.02 ? 103 5IU B O2    1 
HETATM 43   O  O4    . 5IU A 1 3  ? -11.669 -23.344 5.886   1.00 54.09 ? 103 5IU B O4    1 
HETATM 44   I  I5    . 5IU A 1 3  ? -13.071 -21.634 3.479   1.00 64.79 ? 103 5IU B I5    1 
HETATM 45   C  "C1'" . 5IU A 1 3  ? -13.085 -18.421 7.899   1.00 56.45 ? 103 5IU B "C1'" 1 
HETATM 46   C  "C2'" . 5IU A 1 3  ? -12.636 -17.138 7.202   1.00 57.61 ? 103 5IU B "C2'" 1 
HETATM 47   C  "C3'" . 5IU A 1 3  ? -13.773 -16.154 7.467   1.00 57.45 ? 103 5IU B "C3'" 1 
HETATM 48   C  "C4'" . 5IU A 1 3  ? -14.990 -17.042 7.660   1.00 56.97 ? 103 5IU B "C4'" 1 
HETATM 49   O  "O3'" . 5IU A 1 3  ? -13.632 -15.403 8.660   1.00 57.67 ? 103 5IU B "O3'" 1 
HETATM 50   O  "O4'" . 5IU A 1 3  ? -14.501 -18.380 7.913   1.00 57.85 ? 103 5IU B "O4'" 1 
HETATM 51   C  "C5'" . 5IU A 1 3  ? -15.890 -17.095 6.460   1.00 57.07 ? 103 5IU B "C5'" 1 
HETATM 52   O  "O5'" . 5IU A 1 3  ? -15.160 -17.541 5.336   1.00 57.23 ? 103 5IU B "O5'" 1 
HETATM 53   P  P     . 5IU A 1 3  ? -15.869 -17.535 3.926   1.00 56.74 ? 103 5IU B P     1 
HETATM 54   O  OP1   . 5IU A 1 3  ? -16.251 -16.127 3.656   1.00 59.04 ? 103 5IU B OP1   1 
HETATM 55   O  OP2   . 5IU A 1 3  ? -15.039 -18.282 2.938   1.00 56.98 ? 103 5IU B OP2   1 
ATOM   56   P  P     . DC  A 1 4  ? -12.757 -14.064 8.666   1.00 59.44 ? 104 DC  B P     1 
ATOM   57   O  OP1   . DC  A 1 4  ? -13.497 -13.073 9.497   1.00 58.47 ? 104 DC  B OP1   1 
ATOM   58   O  OP2   . DC  A 1 4  ? -12.348 -13.699 7.278   1.00 58.67 ? 104 DC  B OP2   1 
ATOM   59   O  "O5'" . DC  A 1 4  ? -11.502 -14.547 9.513   1.00 56.61 ? 104 DC  B "O5'" 1 
ATOM   60   C  "C5'" . DC  A 1 4  ? -11.740 -15.181 10.788  1.00 53.07 ? 104 DC  B "C5'" 1 
ATOM   61   C  "C4'" . DC  A 1 4  ? -10.525 -15.941 11.269  1.00 50.02 ? 104 DC  B "C4'" 1 
ATOM   62   O  "O4'" . DC  A 1 4  ? -10.352 -17.214 10.603  1.00 48.92 ? 104 DC  B "O4'" 1 
ATOM   63   C  "C3'" . DC  A 1 4  ? -9.199  -15.209 11.149  1.00 48.81 ? 104 DC  B "C3'" 1 
ATOM   64   O  "O3'" . DC  A 1 4  ? -8.571  -15.228 12.414  1.00 48.42 ? 104 DC  B "O3'" 1 
ATOM   65   C  "C2'" . DC  A 1 4  ? -8.411  -16.024 10.136  1.00 47.16 ? 104 DC  B "C2'" 1 
ATOM   66   C  "C1'" . DC  A 1 4  ? -8.975  -17.412 10.335  1.00 44.37 ? 104 DC  B "C1'" 1 
ATOM   67   N  N1    . DC  A 1 4  ? -8.876  -18.305 9.174   1.00 40.31 ? 104 DC  B N1    1 
ATOM   68   C  C2    . DC  A 1 4  ? -8.195  -19.517 9.316   1.00 38.18 ? 104 DC  B C2    1 
ATOM   69   O  O2    . DC  A 1 4  ? -7.661  -19.777 10.399  1.00 39.09 ? 104 DC  B O2    1 
ATOM   70   N  N3    . DC  A 1 4  ? -8.132  -20.368 8.276   1.00 37.05 ? 104 DC  B N3    1 
ATOM   71   C  C4    . DC  A 1 4  ? -8.708  -20.044 7.119   1.00 37.31 ? 104 DC  B C4    1 
ATOM   72   N  N4    . DC  A 1 4  ? -8.635  -20.917 6.121   1.00 36.28 ? 104 DC  B N4    1 
ATOM   73   C  C5    . DC  A 1 4  ? -9.391  -18.807 6.936   1.00 37.12 ? 104 DC  B C5    1 
ATOM   74   C  C6    . DC  A 1 4  ? -9.448  -17.973 7.984   1.00 38.19 ? 104 DC  B C6    1 
ATOM   75   P  P     . DT  A 1 5  ? -7.242  -14.378 12.629  1.00 50.09 ? 105 DT  B P     1 
ATOM   76   O  OP1   . DT  A 1 5  ? -7.197  -13.828 14.030  1.00 48.94 ? 105 DT  B OP1   1 
ATOM   77   O  OP2   . DT  A 1 5  ? -7.119  -13.461 11.451  1.00 47.74 ? 105 DT  B OP2   1 
ATOM   78   O  "O5'" . DT  A 1 5  ? -6.137  -15.502 12.499  1.00 47.98 ? 105 DT  B "O5'" 1 
ATOM   79   C  "C5'" . DT  A 1 5  ? -6.178  -16.631 13.367  1.00 43.64 ? 105 DT  B "C5'" 1 
ATOM   80   C  "C4'" . DT  A 1 5  ? -4.925  -17.441 13.184  1.00 40.36 ? 105 DT  B "C4'" 1 
ATOM   81   O  "O4'" . DT  A 1 5  ? -5.026  -18.305 12.031  1.00 37.81 ? 105 DT  B "O4'" 1 
ATOM   82   C  "C3'" . DT  A 1 5  ? -3.729  -16.542 12.930  1.00 39.69 ? 105 DT  B "C3'" 1 
ATOM   83   O  "O3'" . DT  A 1 5  ? -2.660  -17.062 13.690  1.00 40.26 ? 105 DT  B "O3'" 1 
ATOM   84   C  "C2'" . DT  A 1 5  ? -3.521  -16.646 11.428  1.00 36.47 ? 105 DT  B "C2'" 1 
ATOM   85   C  "C1'" . DT  A 1 5  ? -3.938  -18.074 11.166  1.00 34.22 ? 105 DT  B "C1'" 1 
ATOM   86   N  N1    . DT  A 1 5  ? -4.392  -18.367 9.806   1.00 31.03 ? 105 DT  B N1    1 
ATOM   87   C  C2    . DT  A 1 5  ? -4.122  -19.603 9.294   1.00 29.40 ? 105 DT  B C2    1 
ATOM   88   O  O2    . DT  A 1 5  ? -3.478  -20.440 9.891   1.00 30.41 ? 105 DT  B O2    1 
ATOM   89   N  N3    . DT  A 1 5  ? -4.618  -19.828 8.050   1.00 26.56 ? 105 DT  B N3    1 
ATOM   90   C  C4    . DT  A 1 5  ? -5.315  -18.949 7.270   1.00 28.27 ? 105 DT  B C4    1 
ATOM   91   O  O4    . DT  A 1 5  ? -5.682  -19.287 6.156   1.00 27.43 ? 105 DT  B O4    1 
ATOM   92   C  C5    . DT  A 1 5  ? -5.549  -17.666 7.853   1.00 28.22 ? 105 DT  B C5    1 
ATOM   93   C  C7    . DT  A 1 5  ? -6.304  -16.645 7.069   1.00 29.46 ? 105 DT  B C7    1 
ATOM   94   C  C6    . DT  A 1 5  ? -5.081  -17.436 9.079   1.00 29.94 ? 105 DT  B C6    1 
ATOM   95   P  P     . DC  A 1 6  ? -1.312  -16.229 13.825  1.00 42.41 ? 106 DC  B P     1 
ATOM   96   O  OP1   . DC  A 1 6  ? -0.884  -16.356 15.247  1.00 41.93 ? 106 DC  B OP1   1 
ATOM   97   O  OP2   . DC  A 1 6  ? -1.523  -14.876 13.228  1.00 42.24 ? 106 DC  B OP2   1 
ATOM   98   O  "O5'" . DC  A 1 6  ? -0.364  -17.116 12.910  1.00 39.87 ? 106 DC  B "O5'" 1 
ATOM   99   C  "C5'" . DC  A 1 6  ? -0.448  -18.540 13.031  1.00 36.34 ? 106 DC  B "C5'" 1 
ATOM   100  C  "C4'" . DC  A 1 6  ? 0.373   -19.213 11.966  1.00 33.69 ? 106 DC  B "C4'" 1 
ATOM   101  O  "O4'" . DC  A 1 6  ? -0.413  -19.400 10.769  1.00 32.12 ? 106 DC  B "O4'" 1 
ATOM   102  C  "C3'" . DC  A 1 6  ? 1.620   -18.439 11.560  1.00 34.83 ? 106 DC  B "C3'" 1 
ATOM   103  O  "O3'" . DC  A 1 6  ? 2.784   -19.234 11.764  1.00 34.39 ? 106 DC  B "O3'" 1 
ATOM   104  C  "C2'" . DC  A 1 6  ? 1.401   -18.132 10.086  1.00 32.71 ? 106 DC  B "C2'" 1 
ATOM   105  C  "C1'" . DC  A 1 6  ? 0.385   -19.165 9.639   1.00 30.35 ? 106 DC  B "C1'" 1 
ATOM   106  N  N1    . DC  A 1 6  ? -0.494  -18.676 8.577   1.00 27.10 ? 106 DC  B N1    1 
ATOM   107  C  C2    . DC  A 1 6  ? -0.757  -19.492 7.477   1.00 25.97 ? 106 DC  B C2    1 
ATOM   108  O  O2    . DC  A 1 6  ? -0.258  -20.621 7.429   1.00 24.94 ? 106 DC  B O2    1 
ATOM   109  N  N3    . DC  A 1 6  ? -1.552  -19.032 6.493   1.00 25.71 ? 106 DC  B N3    1 
ATOM   110  C  C4    . DC  A 1 6  ? -2.087  -17.808 6.586   1.00 26.47 ? 106 DC  B C4    1 
ATOM   111  N  N4    . DC  A 1 6  ? -2.887  -17.404 5.610   1.00 28.04 ? 106 DC  B N4    1 
ATOM   112  C  C5    . DC  A 1 6  ? -1.834  -16.956 7.692   1.00 25.94 ? 106 DC  B C5    1 
ATOM   113  C  C6    . DC  A 1 6  ? -1.041  -17.427 8.658   1.00 26.81 ? 106 DC  B C6    1 
ATOM   114  P  P     . DT  A 1 7  ? 4.185   -18.518 12.086  1.00 34.92 ? 107 DT  B P     1 
ATOM   115  O  OP1   . DT  A 1 7  ? 4.868   -19.319 13.139  1.00 34.51 ? 107 DT  B OP1   1 
ATOM   116  O  OP2   . DT  A 1 7  ? 4.006   -17.051 12.263  1.00 33.51 ? 107 DT  B OP2   1 
ATOM   117  O  "O5'" . DT  A 1 7  ? 4.972   -18.796 10.745  1.00 33.09 ? 107 DT  B "O5'" 1 
ATOM   118  C  "C5'" . DT  A 1 7  ? 5.262   -20.139 10.417  1.00 30.63 ? 107 DT  B "C5'" 1 
ATOM   119  C  "C4'" . DT  A 1 7  ? 5.716   -20.261 8.989   1.00 27.78 ? 107 DT  B "C4'" 1 
ATOM   120  O  "O4'" . DT  A 1 7  ? 4.569   -20.314 8.128   1.00 27.94 ? 107 DT  B "O4'" 1 
ATOM   121  C  "C3'" . DT  A 1 7  ? 6.575   -19.106 8.508   1.00 28.61 ? 107 DT  B "C3'" 1 
ATOM   122  O  "O3'" . DT  A 1 7  ? 7.908   -19.519 8.363   1.00 28.72 ? 107 DT  B "O3'" 1 
ATOM   123  C  "C2'" . DT  A 1 7  ? 5.995   -18.734 7.158   1.00 27.40 ? 107 DT  B "C2'" 1 
ATOM   124  C  "C1'" . DT  A 1 7  ? 4.850   -19.691 6.891   1.00 26.67 ? 107 DT  B "C1'" 1 
ATOM   125  N  N1    . DT  A 1 7  ? 3.665   -18.885 6.501   1.00 25.42 ? 107 DT  B N1    1 
ATOM   126  C  C2    . DT  A 1 7  ? 2.929   -19.205 5.372   1.00 25.46 ? 107 DT  B C2    1 
ATOM   127  O  O2    . DT  A 1 7  ? 3.123   -20.200 4.692   1.00 25.48 ? 107 DT  B O2    1 
ATOM   128  N  N3    . DT  A 1 7  ? 1.940   -18.310 5.067   1.00 24.83 ? 107 DT  B N3    1 
ATOM   129  C  C4    . DT  A 1 7  ? 1.595   -17.170 5.772   1.00 25.63 ? 107 DT  B C4    1 
ATOM   130  O  O4    . DT  A 1 7  ? 0.666   -16.450 5.367   1.00 28.11 ? 107 DT  B O4    1 
ATOM   131  C  C5    . DT  A 1 7  ? 2.381   -16.924 6.961   1.00 25.54 ? 107 DT  B C5    1 
ATOM   132  C  C7    . DT  A 1 7  ? 2.090   -15.721 7.795   1.00 24.79 ? 107 DT  B C7    1 
ATOM   133  C  C6    . DT  A 1 7  ? 3.351   -17.786 7.265   1.00 25.35 ? 107 DT  B C6    1 
ATOM   134  P  P     . DG  A 1 8  ? 9.067   -18.427 8.354   1.00 27.64 ? 108 DG  B P     1 
ATOM   135  O  OP1   . DG  A 1 8  ? 10.155  -18.935 9.213   1.00 27.94 ? 108 DG  B OP1   1 
ATOM   136  O  OP2   . DG  A 1 8  ? 8.534   -17.085 8.611   1.00 28.80 ? 108 DG  B OP2   1 
ATOM   137  O  "O5'" . DG  A 1 8  ? 9.498   -18.513 6.840   1.00 26.44 ? 108 DG  B "O5'" 1 
ATOM   138  C  "C5'" . DG  A 1 8  ? 9.958   -19.750 6.344   1.00 28.75 ? 108 DG  B "C5'" 1 
ATOM   139  C  "C4'" . DG  A 1 8  ? 9.962   -19.729 4.844   1.00 29.29 ? 108 DG  B "C4'" 1 
ATOM   140  O  "O4'" . DG  A 1 8  ? 8.574   -19.554 4.515   1.00 30.59 ? 108 DG  B "O4'" 1 
ATOM   141  C  "C3'" . DG  A 1 8  ? 10.657  -18.493 4.298   1.00 30.09 ? 108 DG  B "C3'" 1 
ATOM   142  O  "O3'" . DG  A 1 8  ? 11.943  -18.717 3.772   1.00 31.71 ? 108 DG  B "O3'" 1 
ATOM   143  C  "C2'" . DG  A 1 8  ? 9.737   -17.965 3.224   1.00 29.88 ? 108 DG  B "C2'" 1 
ATOM   144  C  "C1'" . DG  A 1 8  ? 8.399   -18.597 3.491   1.00 28.43 ? 108 DG  B "C1'" 1 
ATOM   145  N  N9    . DG  A 1 8  ? 7.482   -17.555 3.963   1.00 26.43 ? 108 DG  B N9    1 
ATOM   146  C  C8    . DG  A 1 8  ? 7.741   -16.505 4.835   1.00 24.81 ? 108 DG  B C8    1 
ATOM   147  N  N7    . DG  A 1 8  ? 6.751   -15.670 4.939   1.00 20.87 ? 108 DG  B N7    1 
ATOM   148  C  C5    . DG  A 1 8  ? 5.762   -16.227 4.136   1.00 25.93 ? 108 DG  B C5    1 
ATOM   149  C  C6    . DG  A 1 8  ? 4.444   -15.783 3.840   1.00 25.98 ? 108 DG  B C6    1 
ATOM   150  O  O6    . DG  A 1 8  ? 3.848   -14.792 4.268   1.00 26.40 ? 108 DG  B O6    1 
ATOM   151  N  N1    . DG  A 1 8  ? 3.809   -16.628 2.944   1.00 25.98 ? 108 DG  B N1    1 
ATOM   152  C  C2    . DG  A 1 8  ? 4.361   -17.760 2.401   1.00 28.21 ? 108 DG  B C2    1 
ATOM   153  N  N2    . DG  A 1 8  ? 3.594   -18.450 1.547   1.00 29.01 ? 108 DG  B N2    1 
ATOM   154  N  N3    . DG  A 1 8  ? 5.574   -18.190 2.669   1.00 27.63 ? 108 DG  B N3    1 
ATOM   155  C  C4    . DG  A 1 8  ? 6.208   -17.389 3.537   1.00 26.39 ? 108 DG  B C4    1 
ATOM   156  P  P     . DG  A 1 9  ? 13.124  -17.724 4.230   1.00 32.11 ? 109 DG  B P     1 
ATOM   157  O  OP1   . DG  A 1 9  ? 14.389  -18.384 3.856   1.00 33.78 ? 109 DG  B OP1   1 
ATOM   158  O  OP2   . DG  A 1 9  ? 12.902  -17.292 5.635   1.00 31.78 ? 109 DG  B OP2   1 
ATOM   159  O  "O5'" . DG  A 1 9  ? 12.905  -16.465 3.301   1.00 30.26 ? 109 DG  B "O5'" 1 
ATOM   160  C  "C5'" . DG  A 1 9  ? 12.856  -16.641 1.896   1.00 31.00 ? 109 DG  B "C5'" 1 
ATOM   161  C  "C4'" . DG  A 1 9  ? 12.527  -15.335 1.223   1.00 31.00 ? 109 DG  B "C4'" 1 
ATOM   162  O  "O4'" . DG  A 1 9  ? 11.118  -15.021 1.389   1.00 31.95 ? 109 DG  B "O4'" 1 
ATOM   163  C  "C3'" . DG  A 1 9  ? 13.309  -14.133 1.754   1.00 29.40 ? 109 DG  B "C3'" 1 
ATOM   164  O  "O3'" . DG  A 1 9  ? 13.740  -13.347 0.628   1.00 30.60 ? 109 DG  B "O3'" 1 
ATOM   165  C  "C2'" . DG  A 1 9  ? 12.271  -13.387 2.584   1.00 31.05 ? 109 DG  B "C2'" 1 
ATOM   166  C  "C1'" . DG  A 1 9  ? 11.008  -13.667 1.780   1.00 31.08 ? 109 DG  B "C1'" 1 
ATOM   167  N  N9    . DG  A 1 9  ? 9.706   -13.461 2.419   1.00 30.80 ? 109 DG  B N9    1 
ATOM   168  C  C8    . DG  A 1 9  ? 9.295   -13.903 3.655   1.00 31.98 ? 109 DG  B C8    1 
ATOM   169  N  N7    . DG  A 1 9  ? 8.083   -13.512 3.967   1.00 30.23 ? 109 DG  B N7    1 
ATOM   170  C  C5    . DG  A 1 9  ? 7.674   -12.761 2.871   1.00 32.66 ? 109 DG  B C5    1 
ATOM   171  C  C6    . DG  A 1 9  ? 6.471   -12.053 2.642   1.00 32.20 ? 109 DG  B C6    1 
ATOM   172  O  O6    . DG  A 1 9  ? 5.521   -11.906 3.398   1.00 35.93 ? 109 DG  B O6    1 
ATOM   173  N  N1    . DG  A 1 9  ? 6.439   -11.469 1.394   1.00 29.73 ? 109 DG  B N1    1 
ATOM   174  C  C2    . DG  A 1 9  ? 7.430   -11.534 0.481   1.00 30.86 ? 109 DG  B C2    1 
ATOM   175  N  N2    . DG  A 1 9  ? 7.171   -10.922 -0.694  1.00 29.34 ? 109 DG  B N2    1 
ATOM   176  N  N3    . DG  A 1 9  ? 8.588   -12.155 0.684   1.00 32.27 ? 109 DG  B N3    1 
ATOM   177  C  C4    . DG  A 1 9  ? 8.640   -12.746 1.895   1.00 31.71 ? 109 DG  B C4    1 
ATOM   178  P  P     . DA  A 1 10 ? 15.021  -12.377 0.747   1.00 30.64 ? 110 DA  B P     1 
ATOM   179  O  OP1   . DA  A 1 10 ? 16.114  -13.167 0.148   1.00 31.11 ? 110 DA  B OP1   1 
ATOM   180  O  OP2   . DA  A 1 10 ? 15.169  -11.823 2.113   1.00 26.82 ? 110 DA  B OP2   1 
ATOM   181  O  "O5'" . DA  A 1 10 ? 14.654  -11.182 -0.239  1.00 28.30 ? 110 DA  B "O5'" 1 
ATOM   182  C  "C5'" . DA  A 1 10 ? 14.177  -11.460 -1.585  1.00 28.19 ? 110 DA  B "C5'" 1 
ATOM   183  C  "C4'" . DA  A 1 10 ? 13.492  -10.244 -2.170  1.00 26.86 ? 110 DA  B "C4'" 1 
ATOM   184  O  "O4'" . DA  A 1 10 ? 12.157  -10.089 -1.634  1.00 26.92 ? 110 DA  B "O4'" 1 
ATOM   185  C  "C3'" . DA  A 1 10 ? 14.222  -8.945  -1.857  1.00 25.92 ? 110 DA  B "C3'" 1 
ATOM   186  O  "O3'" . DA  A 1 10 ? 14.105  -8.065  -2.965  1.00 25.32 ? 110 DA  B "O3'" 1 
ATOM   187  C  "C2'" . DA  A 1 10 ? 13.494  -8.420  -0.636  1.00 25.15 ? 110 DA  B "C2'" 1 
ATOM   188  C  "C1'" . DA  A 1 10 ? 12.071  -8.891  -0.872  1.00 25.08 ? 110 DA  B "C1'" 1 
ATOM   189  N  N9    . DA  A 1 10 ? 11.331  -9.175  0.360   1.00 25.11 ? 110 DA  B N9    1 
ATOM   190  C  C8    . DA  A 1 10 ? 11.723  -9.873  1.482   1.00 25.65 ? 110 DA  B C8    1 
ATOM   191  N  N7    . DA  A 1 10 ? 10.827  -9.880  2.443   1.00 25.44 ? 110 DA  B N7    1 
ATOM   192  C  C5    . DA  A 1 10 ? 9.766   -9.157  1.913   1.00 24.62 ? 110 DA  B C5    1 
ATOM   193  C  C6    . DA  A 1 10 ? 8.503   -8.802  2.424   1.00 23.31 ? 110 DA  B C6    1 
ATOM   194  N  N6    . DA  A 1 10 ? 8.066   -9.131  3.647   1.00 20.35 ? 110 DA  B N6    1 
ATOM   195  N  N1    . DA  A 1 10 ? 7.690   -8.082  1.628   1.00 21.96 ? 110 DA  B N1    1 
ATOM   196  C  C2    . DA  A 1 10 ? 8.105   -7.739  0.407   1.00 23.26 ? 110 DA  B C2    1 
ATOM   197  N  N3    . DA  A 1 10 ? 9.260   -8.010  -0.191  1.00 26.08 ? 110 DA  B N3    1 
ATOM   198  C  C4    . DA  A 1 10 ? 10.058  -8.729  0.627   1.00 26.25 ? 110 DA  B C4    1 
ATOM   199  P  P     . DC  A 1 11 ? 14.952  -6.704  -2.997  1.00 24.95 ? 111 DC  B P     1 
ATOM   200  O  OP1   . DC  A 1 11 ? 15.128  -6.405  -4.430  1.00 25.78 ? 111 DC  B OP1   1 
ATOM   201  O  OP2   . DC  A 1 11 ? 16.109  -6.723  -2.079  1.00 24.97 ? 111 DC  B OP2   1 
ATOM   202  O  "O5'" . DC  A 1 11 ? 13.971  -5.626  -2.390  1.00 24.94 ? 111 DC  B "O5'" 1 
ATOM   203  C  "C5'" . DC  A 1 11 ? 12.694  -5.405  -2.977  1.00 22.67 ? 111 DC  B "C5'" 1 
ATOM   204  C  "C4'" . DC  A 1 11 ? 11.888  -4.481  -2.105  1.00 21.44 ? 111 DC  B "C4'" 1 
ATOM   205  O  "O4'" . DC  A 1 11 ? 11.257  -5.195  -1.015  1.00 22.27 ? 111 DC  B "O4'" 1 
ATOM   206  C  "C3'" . DC  A 1 11 ? 12.710  -3.369  -1.463  1.00 22.46 ? 111 DC  B "C3'" 1 
ATOM   207  O  "O3'" . DC  A 1 11 ? 12.108  -2.139  -1.758  1.00 24.32 ? 111 DC  B "O3'" 1 
ATOM   208  C  "C2'" . DC  A 1 11 ? 12.578  -3.630  0.028   1.00 21.87 ? 111 DC  B "C2'" 1 
ATOM   209  C  "C1'" . DC  A 1 11 ? 11.256  -4.348  0.108   1.00 22.22 ? 111 DC  B "C1'" 1 
ATOM   210  N  N1    . DC  A 1 11 ? 11.084  -5.168  1.309   1.00 22.97 ? 111 DC  B N1    1 
ATOM   211  C  C2    . DC  A 1 11 ? 9.830   -5.187  1.955   1.00 25.90 ? 111 DC  B C2    1 
ATOM   212  O  O2    . DC  A 1 11 ? 8.871   -4.603  1.447   1.00 26.92 ? 111 DC  B O2    1 
ATOM   213  N  N3    . DC  A 1 11 ? 9.695   -5.857  3.111   1.00 26.25 ? 111 DC  B N3    1 
ATOM   214  C  C4    . DC  A 1 11 ? 10.730  -6.521  3.615   1.00 26.66 ? 111 DC  B C4    1 
ATOM   215  N  N4    . DC  A 1 11 ? 10.556  -7.154  4.772   1.00 26.26 ? 111 DC  B N4    1 
ATOM   216  C  C5    . DC  A 1 11 ? 11.991  -6.566  2.957   1.00 26.36 ? 111 DC  B C5    1 
ATOM   217  C  C6    . DC  A 1 11 ? 12.123  -5.879  1.816   1.00 25.15 ? 111 DC  B C6    1 
ATOM   218  P  P     . DC  A 1 12 ? 12.925  -0.798  -1.548  1.00 25.48 ? 112 DC  B P     1 
ATOM   219  O  OP1   . DC  A 1 12 ? 13.166  -0.275  -2.909  1.00 26.74 ? 112 DC  B OP1   1 
ATOM   220  O  OP2   . DC  A 1 12 ? 14.059  -1.050  -0.623  1.00 26.65 ? 112 DC  B OP2   1 
ATOM   221  O  "O5'" . DC  A 1 12 ? 11.901  0.147   -0.794  1.00 25.35 ? 112 DC  B "O5'" 1 
ATOM   222  C  "C5'" . DC  A 1 12 ? 10.513  0.013   -1.009  1.00 24.80 ? 112 DC  B "C5'" 1 
ATOM   223  C  "C4'" . DC  A 1 12 ? 9.750   0.412   0.226   1.00 24.40 ? 112 DC  B "C4'" 1 
ATOM   224  O  "O4'" . DC  A 1 12 ? 9.661   -0.688  1.151   1.00 24.62 ? 112 DC  B "O4'" 1 
ATOM   225  C  "C3'" . DC  A 1 12 ? 10.349  1.581   0.999   1.00 26.49 ? 112 DC  B "C3'" 1 
ATOM   226  O  "O3'" . DC  A 1 12 ? 9.414   2.627   1.143   1.00 30.87 ? 112 DC  B "O3'" 1 
ATOM   227  C  "C2'" . DC  A 1 12 ? 10.660  1.016   2.376   1.00 25.58 ? 112 DC  B "C2'" 1 
ATOM   228  C  "C1'" . DC  A 1 12 ? 9.775   -0.200  2.476   1.00 23.54 ? 112 DC  B "C1'" 1 
ATOM   229  N  N1    . DC  A 1 12 ? 10.370  -1.259  3.293   1.00 22.71 ? 112 DC  B N1    1 
ATOM   230  C  C2    . DC  A 1 12 ? 9.692   -1.690  4.416   1.00 22.47 ? 112 DC  B C2    1 
ATOM   231  O  O2    . DC  A 1 12 ? 8.615   -1.173  4.689   1.00 23.67 ? 112 DC  B O2    1 
ATOM   232  N  N3    . DC  A 1 12 ? 10.222  -2.663  5.179   1.00 21.89 ? 112 DC  B N3    1 
ATOM   233  C  C4    . DC  A 1 12 ? 11.393  -3.204  4.846   1.00 21.88 ? 112 DC  B C4    1 
ATOM   234  N  N4    . DC  A 1 12 ? 11.868  -4.166  5.623   1.00 22.00 ? 112 DC  B N4    1 
ATOM   235  C  C5    . DC  A 1 12 ? 12.121  -2.780  3.699   1.00 21.51 ? 112 DC  B C5    1 
ATOM   236  C  C6    . DC  A 1 12 ? 11.578  -1.811  2.959   1.00 22.94 ? 112 DC  B C6    1 
ATOM   237  P  P     . DT  A 1 13 ? 9.910   4.027   1.703   1.00 32.06 ? 113 DT  B P     1 
ATOM   238  O  OP1   . DT  A 1 13 ? 9.310   5.040   0.820   1.00 32.36 ? 113 DT  B OP1   1 
ATOM   239  O  OP2   . DT  A 1 13 ? 11.380  3.981   1.903   1.00 32.95 ? 113 DT  B OP2   1 
ATOM   240  O  "O5'" . DT  A 1 13 ? 9.263   4.068   3.149   1.00 32.70 ? 113 DT  B "O5'" 1 
ATOM   241  C  "C5'" . DT  A 1 13 ? 7.855   4.207   3.290   1.00 33.50 ? 113 DT  B "C5'" 1 
ATOM   242  C  "C4'" . DT  A 1 13 ? 7.465   4.099   4.741   1.00 34.71 ? 113 DT  B "C4'" 1 
ATOM   243  O  "O4'" . DT  A 1 13 ? 7.940   2.847   5.279   1.00 35.68 ? 113 DT  B "O4'" 1 
ATOM   244  C  "C3'" . DT  A 1 13 ? 8.002   5.161   5.688   1.00 34.73 ? 113 DT  B "C3'" 1 
ATOM   245  O  "O3'" . DT  A 1 13 ? 7.119   5.109   6.772   1.00 37.95 ? 113 DT  B "O3'" 1 
ATOM   246  C  "C2'" . DT  A 1 13 ? 9.231   4.494   6.253   1.00 35.59 ? 113 DT  B "C2'" 1 
ATOM   247  C  "C1'" . DT  A 1 13 ? 8.641   3.122   6.480   1.00 34.59 ? 113 DT  B "C1'" 1 
ATOM   248  N  N1    . DT  A 1 13 ? 9.635   2.074   6.672   1.00 33.87 ? 113 DT  B N1    1 
ATOM   249  C  C2    . DT  A 1 13 ? 9.473   1.147   7.688   1.00 34.25 ? 113 DT  B C2    1 
ATOM   250  O  O2    . DT  A 1 13 ? 8.513   1.133   8.456   1.00 34.84 ? 113 DT  B O2    1 
ATOM   251  N  N3    . DT  A 1 13 ? 10.486  0.227   7.775   1.00 33.53 ? 113 DT  B N3    1 
ATOM   252  C  C4    . DT  A 1 13 ? 11.607  0.147   6.966   1.00 33.24 ? 113 DT  B C4    1 
ATOM   253  O  O4    . DT  A 1 13 ? 12.440  -0.732  7.168   1.00 33.47 ? 113 DT  B O4    1 
ATOM   254  C  C5    . DT  A 1 13 ? 11.691  1.151   5.921   1.00 32.97 ? 113 DT  B C5    1 
ATOM   255  C  C7    . DT  A 1 13 ? 12.857  1.150   4.985   1.00 32.14 ? 113 DT  B C7    1 
ATOM   256  C  C6    . DT  A 1 13 ? 10.715  2.044   5.832   1.00 33.23 ? 113 DT  B C6    1 
ATOM   257  P  P     . DT  A 1 14 ? 6.624   6.433   7.473   1.00 40.37 ? 114 DT  B P     1 
ATOM   258  O  OP1   . DT  A 1 14 ? 5.339   6.694   6.763   1.00 42.36 ? 114 DT  B OP1   1 
ATOM   259  O  OP2   . DT  A 1 14 ? 7.668   7.484   7.554   1.00 40.02 ? 114 DT  B OP2   1 
ATOM   260  O  "O5'" . DT  A 1 14 ? 6.367   5.914   8.943   1.00 38.28 ? 114 DT  B "O5'" 1 
ATOM   261  C  "C5'" . DT  A 1 14 ? 5.783   4.636   9.139   1.00 37.03 ? 114 DT  B "C5'" 1 
ATOM   262  C  "C4'" . DT  A 1 14 ? 6.119   4.120   10.513  1.00 35.95 ? 114 DT  B "C4'" 1 
ATOM   263  O  "O4'" . DT  A 1 14 ? 7.238   3.219   10.476  1.00 37.04 ? 114 DT  B "O4'" 1 
ATOM   264  C  "C3'" . DT  A 1 14 ? 6.417   5.139   11.609  1.00 35.02 ? 114 DT  B "C3'" 1 
ATOM   265  O  "O3'" . DT  A 1 14 ? 5.753   4.637   12.759  1.00 35.59 ? 114 DT  B "O3'" 1 
ATOM   266  C  "C2'" . DT  A 1 14 ? 7.927   5.050   11.755  1.00 35.36 ? 114 DT  B "C2'" 1 
ATOM   267  C  "C1'" . DT  A 1 14 ? 8.169   3.571   11.481  1.00 35.03 ? 114 DT  B "C1'" 1 
ATOM   268  N  N1    . DT  A 1 14 ? 9.495   3.164   10.989  1.00 33.74 ? 114 DT  B N1    1 
ATOM   269  C  C2    . DT  A 1 14 ? 10.041  1.989   11.473  1.00 33.14 ? 114 DT  B C2    1 
ATOM   270  O  O2    . DT  A 1 14 ? 9.521   1.312   12.348  1.00 35.06 ? 114 DT  B O2    1 
ATOM   271  N  N3    . DT  A 1 14 ? 11.224  1.632   10.898  1.00 30.15 ? 114 DT  B N3    1 
ATOM   272  C  C4    . DT  A 1 14 ? 11.909  2.315   9.926   1.00 29.27 ? 114 DT  B C4    1 
ATOM   273  O  O4    . DT  A 1 14 ? 12.945  1.856   9.490   1.00 29.28 ? 114 DT  B O4    1 
ATOM   274  C  C5    . DT  A 1 14 ? 11.311  3.548   9.489   1.00 30.55 ? 114 DT  B C5    1 
ATOM   275  C  C7    . DT  A 1 14 ? 12.004  4.357   8.442   1.00 29.29 ? 114 DT  B C7    1 
ATOM   276  C  C6    . DT  A 1 14 ? 10.149  3.914   10.042  1.00 32.35 ? 114 DT  B C6    1 
ATOM   277  P  P     . DC  A 1 15 ? 5.877   5.395   14.149  1.00 37.23 ? 115 DC  B P     1 
ATOM   278  O  OP1   . DC  A 1 15 ? 4.662   5.077   14.921  1.00 37.34 ? 115 DC  B OP1   1 
ATOM   279  O  OP2   . DC  A 1 15 ? 6.227   6.806   13.863  1.00 37.42 ? 115 DC  B OP2   1 
ATOM   280  O  "O5'" . DC  A 1 15 ? 7.068   4.622   14.848  1.00 35.49 ? 115 DC  B "O5'" 1 
ATOM   281  C  "C5'" . DC  A 1 15 ? 6.887   3.263   15.218  1.00 33.37 ? 115 DC  B "C5'" 1 
ATOM   282  C  "C4'" . DC  A 1 15 ? 8.052   2.804   16.050  1.00 31.75 ? 115 DC  B "C4'" 1 
ATOM   283  O  "O4'" . DC  A 1 15 ? 9.193   2.592   15.194  1.00 32.38 ? 115 DC  B "O4'" 1 
ATOM   284  C  "C3'" . DC  A 1 15 ? 8.481   3.832   17.092  1.00 32.67 ? 115 DC  B "C3'" 1 
ATOM   285  O  "O3'" . DC  A 1 15 ? 8.720   3.197   18.328  1.00 33.88 ? 115 DC  B "O3'" 1 
ATOM   286  C  "C2'" . DC  A 1 15 ? 9.781   4.382   16.550  1.00 31.76 ? 115 DC  B "C2'" 1 
ATOM   287  C  "C1'" . DC  A 1 15 ? 10.324  3.201   15.783  1.00 30.39 ? 115 DC  B "C1'" 1 
ATOM   288  N  N1    . DC  A 1 15 ? 11.233  3.598   14.706  1.00 28.52 ? 115 DC  B N1    1 
ATOM   289  C  C2    . DC  A 1 15 ? 12.272  2.745   14.349  1.00 27.06 ? 115 DC  B C2    1 
ATOM   290  O  O2    . DC  A 1 15 ? 12.419  1.685   14.966  1.00 28.06 ? 115 DC  B O2    1 
ATOM   291  N  N3    . DC  A 1 15 ? 13.100  3.100   13.356  1.00 25.22 ? 115 DC  B N3    1 
ATOM   292  C  C4    . DC  A 1 15 ? 12.943  4.270   12.744  1.00 25.17 ? 115 DC  B C4    1 
ATOM   293  N  N4    . DC  A 1 15 ? 13.805  4.594   11.788  1.00 24.23 ? 115 DC  B N4    1 
ATOM   294  C  C5    . DC  A 1 15 ? 11.900  5.165   13.091  1.00 25.98 ? 115 DC  B C5    1 
ATOM   295  C  C6    . DC  A 1 15 ? 11.067  4.790   14.065  1.00 27.98 ? 115 DC  B C6    1 
ATOM   296  P  P     . DC  A 1 16 ? 8.934   4.090   19.630  1.00 35.80 ? 116 DC  B P     1 
ATOM   297  O  OP1   . DC  A 1 16 ? 7.883   3.780   20.622  1.00 37.43 ? 116 DC  B OP1   1 
ATOM   298  O  OP2   . DC  A 1 16 ? 9.131   5.482   19.182  1.00 35.41 ? 116 DC  B OP2   1 
ATOM   299  O  "O5'" . DC  A 1 16 ? 10.282  3.481   20.194  1.00 36.54 ? 116 DC  B "O5'" 1 
ATOM   300  C  "C5'" . DC  A 1 16 ? 10.379  2.069   20.358  1.00 35.07 ? 116 DC  B "C5'" 1 
ATOM   301  C  "C4'" . DC  A 1 16 ? 11.822  1.646   20.473  1.00 33.88 ? 116 DC  B "C4'" 1 
ATOM   302  O  "O4'" . DC  A 1 16 ? 12.478  1.744   19.183  1.00 34.95 ? 116 DC  B "O4'" 1 
ATOM   303  C  "C3'" . DC  A 1 16 ? 12.662  2.455   21.458  1.00 33.72 ? 116 DC  B "C3'" 1 
ATOM   304  O  "O3'" . DC  A 1 16 ? 13.366  1.567   22.317  1.00 35.04 ? 116 DC  B "O3'" 1 
ATOM   305  C  "C2'" . DC  A 1 16 ? 13.647  3.195   20.571  1.00 33.65 ? 116 DC  B "C2'" 1 
ATOM   306  C  "C1'" . DC  A 1 16 ? 13.766  2.296   19.346  1.00 31.43 ? 116 DC  B "C1'" 1 
ATOM   307  N  N1    . DC  A 1 16 ? 14.101  3.040   18.120  1.00 27.40 ? 116 DC  B N1    1 
ATOM   308  C  C2    . DC  A 1 16 ? 15.090  2.549   17.263  1.00 26.27 ? 116 DC  B C2    1 
ATOM   309  O  O2    . DC  A 1 16 ? 15.595  1.443   17.498  1.00 26.05 ? 116 DC  B O2    1 
ATOM   310  N  N3    . DC  A 1 16 ? 15.465  3.288   16.198  1.00 23.85 ? 116 DC  B N3    1 
ATOM   311  C  C4    . DC  A 1 16 ? 14.868  4.455   15.963  1.00 24.12 ? 116 DC  B C4    1 
ATOM   312  N  N4    . DC  A 1 16 ? 15.252  5.162   14.910  1.00 21.74 ? 116 DC  B N4    1 
ATOM   313  C  C5    . DC  A 1 16 ? 13.836  4.953   16.798  1.00 25.75 ? 116 DC  B C5    1 
ATOM   314  C  C6    . DC  A 1 16 ? 13.483  4.218   17.850  1.00 26.46 ? 116 DC  B C6    1 
ATOM   315  O  "O5'" . DG  B 2 1  ? 24.058  3.653   11.729  1.00 41.16 ? 201 DG  C "O5'" 1 
ATOM   316  C  "C5'" . DG  B 2 1  ? 23.951  2.528   10.801  1.00 37.10 ? 201 DG  C "C5'" 1 
ATOM   317  C  "C4'" . DG  B 2 1  ? 23.857  1.232   11.569  1.00 36.34 ? 201 DG  C "C4'" 1 
ATOM   318  O  "O4'" . DG  B 2 1  ? 22.823  1.416   12.551  1.00 34.65 ? 201 DG  C "O4'" 1 
ATOM   319  C  "C3'" . DG  B 2 1  ? 23.390  0.048   10.731  1.00 35.74 ? 201 DG  C "C3'" 1 
ATOM   320  O  "O3'" . DG  B 2 1  ? 23.750  -1.155  11.417  1.00 38.33 ? 201 DG  C "O3'" 1 
ATOM   321  C  "C2'" . DG  B 2 1  ? 21.885  0.242   10.712  1.00 35.45 ? 201 DG  C "C2'" 1 
ATOM   322  C  "C1'" . DG  B 2 1  ? 21.602  0.843   12.094  1.00 33.20 ? 201 DG  C "C1'" 1 
ATOM   323  N  N9    . DG  B 2 1  ? 20.608  1.910   12.076  1.00 30.27 ? 201 DG  C N9    1 
ATOM   324  C  C8    . DG  B 2 1  ? 20.480  2.910   11.142  1.00 29.90 ? 201 DG  C C8    1 
ATOM   325  N  N7    . DG  B 2 1  ? 19.519  3.745   11.419  1.00 29.26 ? 201 DG  C N7    1 
ATOM   326  C  C5    . DG  B 2 1  ? 18.979  3.257   12.599  1.00 28.02 ? 201 DG  C C5    1 
ATOM   327  C  C6    . DG  B 2 1  ? 17.902  3.738   13.371  1.00 28.33 ? 201 DG  C C6    1 
ATOM   328  O  O6    . DG  B 2 1  ? 17.197  4.731   13.157  1.00 29.22 ? 201 DG  C O6    1 
ATOM   329  N  N1    . DG  B 2 1  ? 17.667  2.934   14.486  1.00 25.98 ? 201 DG  C N1    1 
ATOM   330  C  C2    . DG  B 2 1  ? 18.387  1.810   14.793  1.00 26.27 ? 201 DG  C C2    1 
ATOM   331  N  N2    . DG  B 2 1  ? 18.012  1.146   15.884  1.00 26.41 ? 201 DG  C N2    1 
ATOM   332  N  N3    . DG  B 2 1  ? 19.403  1.358   14.078  1.00 26.58 ? 201 DG  C N3    1 
ATOM   333  C  C4    . DG  B 2 1  ? 19.635  2.123   13.005  1.00 27.57 ? 201 DG  C C4    1 
ATOM   334  P  P     . DG  B 2 2  ? 23.385  -2.579  10.775  1.00 40.78 ? 202 DG  C P     1 
ATOM   335  O  OP1   . DG  B 2 2  ? 24.277  -3.602  11.402  1.00 41.71 ? 202 DG  C OP1   1 
ATOM   336  O  OP2   . DG  B 2 2  ? 23.311  -2.445  9.282   1.00 41.10 ? 202 DG  C OP2   1 
ATOM   337  O  "O5'" . DG  B 2 2  ? 21.919  -2.884  11.296  1.00 40.28 ? 202 DG  C "O5'" 1 
ATOM   338  C  "C5'" . DG  B 2 2  ? 21.705  -3.257  12.666  1.00 38.70 ? 202 DG  C "C5'" 1 
ATOM   339  C  "C4'" . DG  B 2 2  ? 20.232  -3.450  12.917  1.00 36.30 ? 202 DG  C "C4'" 1 
ATOM   340  O  "O4'" . DG  B 2 2  ? 19.534  -2.185  12.843  1.00 34.05 ? 202 DG  C "O4'" 1 
ATOM   341  C  "C3'" . DG  B 2 2  ? 19.579  -4.338  11.863  1.00 36.03 ? 202 DG  C "C3'" 1 
ATOM   342  O  "O3'" . DG  B 2 2  ? 18.503  -4.989  12.481  1.00 38.98 ? 202 DG  C "O3'" 1 
ATOM   343  C  "C2'" . DG  B 2 2  ? 18.985  -3.336  10.903  1.00 33.97 ? 202 DG  C "C2'" 1 
ATOM   344  C  "C1'" . DG  B 2 2  ? 18.484  -2.342  11.918  1.00 30.83 ? 202 DG  C "C1'" 1 
ATOM   345  N  N9    . DG  B 2 2  ? 18.124  -1.041  11.387  1.00 28.26 ? 202 DG  C N9    1 
ATOM   346  C  C8    . DG  B 2 2  ? 18.595  -0.427  10.256  1.00 26.58 ? 202 DG  C C8    1 
ATOM   347  N  N7    . DG  B 2 2  ? 17.987  0.701   10.005  1.00 26.69 ? 202 DG  C N7    1 
ATOM   348  C  C5    . DG  B 2 2  ? 17.080  0.841   11.048  1.00 25.31 ? 202 DG  C C5    1 
ATOM   349  C  C6    . DG  B 2 2  ? 16.145  1.842   11.304  1.00 24.48 ? 202 DG  C C6    1 
ATOM   350  O  O6    . DG  B 2 2  ? 15.898  2.851   10.637  1.00 25.46 ? 202 DG  C O6    1 
ATOM   351  N  N1    . DG  B 2 2  ? 15.441  1.596   12.475  1.00 23.52 ? 202 DG  C N1    1 
ATOM   352  C  C2    . DG  B 2 2  ? 15.617  0.514   13.290  1.00 24.27 ? 202 DG  C C2    1 
ATOM   353  N  N2    . DG  B 2 2  ? 14.847  0.452   14.395  1.00 23.27 ? 202 DG  C N2    1 
ATOM   354  N  N3    . DG  B 2 2  ? 16.485  -0.438  13.053  1.00 24.79 ? 202 DG  C N3    1 
ATOM   355  C  C4    . DG  B 2 2  ? 17.177  -0.212  11.920  1.00 26.20 ? 202 DG  C C4    1 
ATOM   356  P  P     . DA  B 2 3  ? 18.539  -6.557  12.663  1.00 41.45 ? 203 DA  C P     1 
ATOM   357  O  OP1   . DA  B 2 3  ? 19.768  -6.901  13.416  1.00 42.84 ? 203 DA  C OP1   1 
ATOM   358  O  OP2   . DA  B 2 3  ? 18.301  -7.154  11.316  1.00 41.85 ? 203 DA  C OP2   1 
ATOM   359  O  "O5'" . DA  B 2 3  ? 17.299  -6.790  13.630  1.00 41.08 ? 203 DA  C "O5'" 1 
ATOM   360  C  "C5'" . DA  B 2 3  ? 17.377  -6.392  15.006  1.00 38.60 ? 203 DA  C "C5'" 1 
ATOM   361  C  "C4'" . DA  B 2 3  ? 16.020  -5.957  15.506  1.00 37.18 ? 203 DA  C "C4'" 1 
ATOM   362  O  "O4'" . DA  B 2 3  ? 15.649  -4.691  14.920  1.00 35.14 ? 203 DA  C "O4'" 1 
ATOM   363  C  "C3'" . DA  B 2 3  ? 14.884  -6.915  15.174  1.00 37.07 ? 203 DA  C "C3'" 1 
ATOM   364  O  "O3'" . DA  B 2 3  ? 13.962  -6.918  16.250  1.00 40.90 ? 203 DA  C "O3'" 1 
ATOM   365  C  "C2'" . DA  B 2 3  ? 14.239  -6.279  13.964  1.00 35.18 ? 203 DA  C "C2'" 1 
ATOM   366  C  "C1'" . DA  B 2 3  ? 14.413  -4.804  14.251  1.00 31.78 ? 203 DA  C "C1'" 1 
ATOM   367  N  N9    . DA  B 2 3  ? 14.498  -3.977  13.061  1.00 28.61 ? 203 DA  C N9    1 
ATOM   368  C  C8    . DA  B 2 3  ? 15.324  -4.142  11.990  1.00 28.24 ? 203 DA  C C8    1 
ATOM   369  N  N7    . DA  B 2 3  ? 15.225  -3.190  11.096  1.00 28.31 ? 203 DA  C N7    1 
ATOM   370  C  C5    . DA  B 2 3  ? 14.254  -2.349  11.614  1.00 27.10 ? 203 DA  C C5    1 
ATOM   371  C  C6    . DA  B 2 3  ? 13.699  -1.145  11.146  1.00 27.19 ? 203 DA  C C6    1 
ATOM   372  N  N6    . DA  B 2 3  ? 14.067  -0.556  9.996   1.00 26.69 ? 203 DA  C N6    1 
ATOM   373  N  N1    . DA  B 2 3  ? 12.739  -0.559  11.902  1.00 26.47 ? 203 DA  C N1    1 
ATOM   374  C  C2    . DA  B 2 3  ? 12.375  -1.159  13.046  1.00 27.16 ? 203 DA  C C2    1 
ATOM   375  N  N3    . DA  B 2 3  ? 12.829  -2.293  13.589  1.00 27.84 ? 203 DA  C N3    1 
ATOM   376  C  C4    . DA  B 2 3  ? 13.781  -2.837  12.813  1.00 27.71 ? 203 DA  C C4    1 
ATOM   377  P  P     . DA  B 2 4  ? 12.723  -7.936  16.227  1.00 44.36 ? 204 DA  C P     1 
ATOM   378  O  OP1   . DA  B 2 4  ? 12.547  -8.357  17.639  1.00 44.21 ? 204 DA  C OP1   1 
ATOM   379  O  OP2   . DA  B 2 4  ? 12.889  -8.962  15.147  1.00 43.17 ? 204 DA  C OP2   1 
ATOM   380  O  "O5'" . DA  B 2 4  ? 11.503  -6.998  15.832  1.00 42.13 ? 204 DA  C "O5'" 1 
ATOM   381  C  "C5'" . DA  B 2 4  ? 11.215  -5.848  16.622  1.00 39.26 ? 204 DA  C "C5'" 1 
ATOM   382  C  "C4'" . DA  B 2 4  ? 10.000  -5.150  16.078  1.00 36.28 ? 204 DA  C "C4'" 1 
ATOM   383  O  "O4'" . DA  B 2 4  ? 10.339  -4.418  14.884  1.00 35.20 ? 204 DA  C "O4'" 1 
ATOM   384  C  "C3'" . DA  B 2 4  ? 8.887   -6.109  15.693  1.00 36.64 ? 204 DA  C "C3'" 1 
ATOM   385  O  "O3'" . DA  B 2 4  ? 7.658   -5.534  16.149  1.00 39.26 ? 204 DA  C "O3'" 1 
ATOM   386  C  "C2'" . DA  B 2 4  ? 9.009   -6.205  14.177  1.00 35.10 ? 204 DA  C "C2'" 1 
ATOM   387  C  "C1'" . DA  B 2 4  ? 9.514   -4.822  13.808  1.00 32.28 ? 204 DA  C "C1'" 1 
ATOM   388  N  N9    . DA  B 2 4  ? 10.303  -4.694  12.582  1.00 28.29 ? 204 DA  C N9    1 
ATOM   389  C  C8    . DA  B 2 4  ? 11.268  -5.526  12.098  1.00 26.02 ? 204 DA  C C8    1 
ATOM   390  N  N7    . DA  B 2 4  ? 11.811  -5.106  10.980  1.00 26.81 ? 204 DA  C N7    1 
ATOM   391  C  C5    . DA  B 2 4  ? 11.150  -3.913  10.709  1.00 25.46 ? 204 DA  C C5    1 
ATOM   392  C  C6    . DA  B 2 4  ? 11.259  -2.966  9.654   1.00 24.76 ? 204 DA  C C6    1 
ATOM   393  N  N6    . DA  B 2 4  ? 12.141  -3.051  8.657   1.00 23.70 ? 204 DA  C N6    1 
ATOM   394  N  N1    . DA  B 2 4  ? 10.428  -1.900  9.672   1.00 23.77 ? 204 DA  C N1    1 
ATOM   395  C  C2    . DA  B 2 4  ? 9.580   -1.782  10.684  1.00 24.55 ? 204 DA  C C2    1 
ATOM   396  N  N3    . DA  B 2 4  ? 9.397   -2.589  11.736  1.00 26.57 ? 204 DA  C N3    1 
ATOM   397  C  C4    . DA  B 2 4  ? 10.217  -3.651  11.683  1.00 26.40 ? 204 DA  C C4    1 
ATOM   398  P  P     . DG  B 2 5  ? 6.339   -6.445  16.252  1.00 41.25 ? 205 DG  C P     1 
ATOM   399  O  OP1   . DG  B 2 5  ? 5.618   -6.002  17.485  1.00 40.38 ? 205 DG  C OP1   1 
ATOM   400  O  OP2   . DG  B 2 5  ? 6.672   -7.894  16.046  1.00 40.36 ? 205 DG  C OP2   1 
ATOM   401  O  "O5'" . DG  B 2 5  ? 5.540   -5.961  14.976  1.00 38.27 ? 205 DG  C "O5'" 1 
ATOM   402  C  "C5'" . DG  B 2 5  ? 5.442   -4.557  14.711  1.00 34.56 ? 205 DG  C "C5'" 1 
ATOM   403  C  "C4'" . DG  B 2 5  ? 5.079   -4.336  13.270  1.00 32.69 ? 205 DG  C "C4'" 1 
ATOM   404  O  "O4'" . DG  B 2 5  ? 6.239   -4.295  12.410  1.00 30.87 ? 205 DG  C "O4'" 1 
ATOM   405  C  "C3'" . DG  B 2 5  ? 4.194   -5.459  12.734  1.00 32.45 ? 205 DG  C "C3'" 1 
ATOM   406  O  "O3'" . DG  B 2 5  ? 3.215   -4.875  11.911  1.00 33.19 ? 205 DG  C "O3'" 1 
ATOM   407  C  "C2'" . DG  B 2 5  ? 5.137   -6.245  11.851  1.00 30.97 ? 205 DG  C "C2'" 1 
ATOM   408  C  "C1'" . DG  B 2 5  ? 5.916   -5.085  11.294  1.00 29.07 ? 205 DG  C "C1'" 1 
ATOM   409  N  N9    . DG  B 2 5  ? 7.130   -5.428  10.574  1.00 26.67 ? 205 DG  C N9    1 
ATOM   410  C  C8    . DG  B 2 5  ? 7.931   -6.518  10.761  1.00 27.10 ? 205 DG  C C8    1 
ATOM   411  N  N7    . DG  B 2 5  ? 8.879   -6.608  9.868   1.00 27.65 ? 205 DG  C N7    1 
ATOM   412  C  C5    . DG  B 2 5  ? 8.705   -5.485  9.071   1.00 26.72 ? 205 DG  C C5    1 
ATOM   413  C  C6    . DG  B 2 5  ? 9.429   -5.036  7.936   1.00 25.75 ? 205 DG  C C6    1 
ATOM   414  O  O6    . DG  B 2 5  ? 10.409  -5.543  7.393   1.00 25.29 ? 205 DG  C O6    1 
ATOM   415  N  N1    . DG  B 2 5  ? 8.904   -3.865  7.431   1.00 26.20 ? 205 DG  C N1    1 
ATOM   416  C  C2    . DG  B 2 5  ? 7.835   -3.198  7.943   1.00 26.21 ? 205 DG  C C2    1 
ATOM   417  N  N2    . DG  B 2 5  ? 7.474   -2.080  7.288   1.00 25.78 ? 205 DG  C N2    1 
ATOM   418  N  N3    . DG  B 2 5  ? 7.165   -3.589  9.008   1.00 26.81 ? 205 DG  C N3    1 
ATOM   419  C  C4    . DG  B 2 5  ? 7.647   -4.739  9.510   1.00 26.37 ? 205 DG  C C4    1 
ATOM   420  P  P     . DG  B 2 6  ? 1.724   -5.408  11.971  1.00 33.36 ? 206 DG  C P     1 
ATOM   421  O  OP1   . DG  B 2 6  ? 1.141   -4.857  13.237  1.00 34.02 ? 206 DG  C OP1   1 
ATOM   422  O  OP2   . DG  B 2 6  ? 1.710   -6.890  11.699  1.00 31.90 ? 206 DG  C OP2   1 
ATOM   423  O  "O5'" . DG  B 2 6  ? 1.141   -4.702  10.693  1.00 29.43 ? 206 DG  C "O5'" 1 
ATOM   424  C  "C5'" . DG  B 2 6  ? 1.683   -5.057  9.465   1.00 27.33 ? 206 DG  C "C5'" 1 
ATOM   425  C  "C4'" . DG  B 2 6  ? 1.408   -3.990  8.453   1.00 26.36 ? 206 DG  C "C4'" 1 
ATOM   426  O  "O4'" . DG  B 2 6  ? 2.699   -3.383  8.247   1.00 25.85 ? 206 DG  C "O4'" 1 
ATOM   427  C  "C3'" . DG  B 2 6  ? 1.055   -4.679  7.146   1.00 25.67 ? 206 DG  C "C3'" 1 
ATOM   428  O  "O3'" . DG  B 2 6  ? -0.253  -4.467  6.685   1.00 24.04 ? 206 DG  C "O3'" 1 
ATOM   429  C  "C2'" . DG  B 2 6  ? 2.107   -4.259  6.139   1.00 25.95 ? 206 DG  C "C2'" 1 
ATOM   430  C  "C1'" . DG  B 2 6  ? 3.198   -3.616  6.942   1.00 23.21 ? 206 DG  C "C1'" 1 
ATOM   431  N  N9    . DG  B 2 6  ? 4.247   -4.618  7.035   1.00 21.12 ? 206 DG  C N9    1 
ATOM   432  C  C8    . DG  B 2 6  ? 4.415   -5.591  7.989   1.00 20.90 ? 206 DG  C C8    1 
ATOM   433  N  N7    . DG  B 2 6  ? 5.436   -6.370  7.746   1.00 20.59 ? 206 DG  C N7    1 
ATOM   434  C  C5    . DG  B 2 6  ? 5.977   -5.864  6.563   1.00 21.18 ? 206 DG  C C5    1 
ATOM   435  C  C6    . DG  B 2 6  ? 7.110   -6.275  5.786   1.00 20.28 ? 206 DG  C C6    1 
ATOM   436  O  O6    . DG  B 2 6  ? 7.909   -7.205  5.984   1.00 20.06 ? 206 DG  C O6    1 
ATOM   437  N  N1    . DG  B 2 6  ? 7.273   -5.479  4.670   1.00 19.12 ? 206 DG  C N1    1 
ATOM   438  C  C2    . DG  B 2 6  ? 6.478   -4.443  4.329   1.00 18.57 ? 206 DG  C C2    1 
ATOM   439  N  N2    . DG  B 2 6  ? 6.796   -3.829  3.207   1.00 19.55 ? 206 DG  C N2    1 
ATOM   440  N  N3    . DG  B 2 6  ? 5.445   -4.040  5.025   1.00 20.57 ? 206 DG  C N3    1 
ATOM   441  C  C4    . DG  B 2 6  ? 5.252   -4.788  6.121   1.00 20.42 ? 206 DG  C C4    1 
ATOM   442  P  P     . DT  B 2 7  ? -0.901  -5.600  5.791   1.00 25.17 ? 207 DT  C P     1 
ATOM   443  O  OP1   . DT  B 2 7  ? -2.343  -5.338  5.749   1.00 28.46 ? 207 DT  C OP1   1 
ATOM   444  O  OP2   . DT  B 2 7  ? -0.394  -6.941  6.129   1.00 23.27 ? 207 DT  C OP2   1 
ATOM   445  O  "O5'" . DT  B 2 7  ? -0.292  -5.337  4.367   1.00 24.40 ? 207 DT  C "O5'" 1 
ATOM   446  C  "C5'" . DT  B 2 7  ? -0.449  -4.080  3.745   1.00 22.11 ? 207 DT  C "C5'" 1 
ATOM   447  C  "C4'" . DT  B 2 7  ? 0.025   -4.180  2.324   1.00 21.48 ? 207 DT  C "C4'" 1 
ATOM   448  O  "O4'" . DT  B 2 7  ? 1.470   -4.095  2.386   1.00 22.00 ? 207 DT  C "O4'" 1 
ATOM   449  C  "C3'" . DT  B 2 7  ? -0.271  -5.569  1.788   1.00 20.29 ? 207 DT  C "C3'" 1 
ATOM   450  O  "O3'" . DT  B 2 7  ? -1.343  -5.660  0.880   1.00 21.56 ? 207 DT  C "O3'" 1 
ATOM   451  C  "C2'" . DT  B 2 7  ? 1.004   -5.980  1.082   1.00 22.02 ? 207 DT  C "C2'" 1 
ATOM   452  C  "C1'" . DT  B 2 7  ? 2.077   -5.026  1.517   1.00 20.07 ? 207 DT  C "C1'" 1 
ATOM   453  N  N1    . DT  B 2 7  ? 2.975   -5.873  2.302   1.00 19.65 ? 207 DT  C N1    1 
ATOM   454  C  C2    . DT  B 2 7  ? 4.158   -6.256  1.722   1.00 20.94 ? 207 DT  C C2    1 
ATOM   455  O  O2    . DT  B 2 7  ? 4.547   -5.824  0.648   1.00 21.54 ? 207 DT  C O2    1 
ATOM   456  N  N3    . DT  B 2 7  ? 4.878   -7.173  2.448   1.00 21.08 ? 207 DT  C N3    1 
ATOM   457  C  C4    . DT  B 2 7  ? 4.556   -7.704  3.678   1.00 21.98 ? 207 DT  C C4    1 
ATOM   458  O  O4    . DT  B 2 7  ? 5.299   -8.527  4.204   1.00 24.21 ? 207 DT  C O4    1 
ATOM   459  C  C5    . DT  B 2 7  ? 3.333   -7.219  4.252   1.00 21.32 ? 207 DT  C C5    1 
ATOM   460  C  C7    . DT  B 2 7  ? 2.921   -7.727  5.598   1.00 19.67 ? 207 DT  C C7    1 
ATOM   461  C  C6    . DT  B 2 7  ? 2.613   -6.328  3.548   1.00 20.32 ? 207 DT  C C6    1 
ATOM   462  P  P     . DC  B 2 8  ? -1.988  -7.098  0.608   1.00 20.80 ? 208 DC  C P     1 
ATOM   463  O  OP1   . DC  B 2 8  ? -3.272  -6.863  -0.073  1.00 25.40 ? 208 DC  C OP1   1 
ATOM   464  O  OP2   . DC  B 2 8  ? -1.937  -7.939  1.833   1.00 21.03 ? 208 DC  C OP2   1 
ATOM   465  O  "O5'" . DC  B 2 8  ? -1.019  -7.759  -0.448  1.00 22.92 ? 208 DC  C "O5'" 1 
ATOM   466  C  "C5'" . DC  B 2 8  ? -0.861  -7.174  -1.737  1.00 24.72 ? 208 DC  C "C5'" 1 
ATOM   467  C  "C4'" . DC  B 2 8  ? 0.066   -8.019  -2.574  1.00 24.89 ? 208 DC  C "C4'" 1 
ATOM   468  O  "O4'" . DC  B 2 8  ? 1.386   -7.831  -2.032  1.00 24.30 ? 208 DC  C "O4'" 1 
ATOM   469  C  "C3'" . DC  B 2 8  ? -0.203  -9.499  -2.409  1.00 26.72 ? 208 DC  C "C3'" 1 
ATOM   470  O  "O3'" . DC  B 2 8  ? -0.866  -10.112 -3.476  1.00 33.02 ? 208 DC  C "O3'" 1 
ATOM   471  C  "C2'" . DC  B 2 8  ? 1.157   -10.144 -2.281  1.00 24.58 ? 208 DC  C "C2'" 1 
ATOM   472  C  "C1'" . DC  B 2 8  ? 2.120   -9.038  -2.000  1.00 22.67 ? 208 DC  C "C1'" 1 
ATOM   473  N  N1    . DC  B 2 8  ? 2.520   -9.285  -0.617  1.00 21.46 ? 208 DC  C N1    1 
ATOM   474  C  C2    . DC  B 2 8  ? 3.814   -9.736  -0.327  1.00 22.03 ? 208 DC  C C2    1 
ATOM   475  O  O2    . DC  B 2 8  ? 4.662   -9.784  -1.237  1.00 23.63 ? 208 DC  C O2    1 
ATOM   476  N  N3    . DC  B 2 8  ? 4.113   -10.098 0.936   1.00 19.48 ? 208 DC  C N3    1 
ATOM   477  C  C4    . DC  B 2 8  ? 3.197   -9.985  1.889   1.00 19.41 ? 208 DC  C C4    1 
ATOM   478  N  N4    . DC  B 2 8  ? 3.517   -10.344 3.111   1.00 21.80 ? 208 DC  C N4    1 
ATOM   479  C  C5    . DC  B 2 8  ? 1.903   -9.490  1.634   1.00 21.28 ? 208 DC  C C5    1 
ATOM   480  C  C6    . DC  B 2 8  ? 1.608   -9.144  0.381   1.00 21.96 ? 208 DC  C C6    1 
ATOM   481  P  P     . DC  B 2 9  ? -1.771  -11.390 -3.150  1.00 36.26 ? 209 DC  C P     1 
ATOM   482  O  OP1   . DC  B 2 9  ? -2.402  -11.872 -4.407  1.00 36.79 ? 209 DC  C OP1   1 
ATOM   483  O  OP2   . DC  B 2 9  ? -2.620  -11.038 -1.959  1.00 35.96 ? 209 DC  C OP2   1 
ATOM   484  O  "O5'" . DC  B 2 9  ? -0.706  -12.467 -2.682  1.00 36.18 ? 209 DC  C "O5'" 1 
ATOM   485  C  "C5'" . DC  B 2 9  ? -0.046  -13.291 -3.644  1.00 37.27 ? 209 DC  C "C5'" 1 
ATOM   486  C  "C4'" . DC  B 2 9  ? -0.071  -14.725 -3.178  1.00 37.77 ? 209 DC  C "C4'" 1 
ATOM   487  O  "O4'" . DC  B 2 9  ? 0.758   -14.886 -1.996  1.00 35.31 ? 209 DC  C "O4'" 1 
ATOM   488  C  "C3'" . DC  B 2 9  ? -1.474  -15.176 -2.777  1.00 39.46 ? 209 DC  C "C3'" 1 
ATOM   489  O  "O3'" . DC  B 2 9  ? -1.654  -16.528 -3.180  1.00 46.08 ? 209 DC  C "O3'" 1 
ATOM   490  C  "C2'" . DC  B 2 9  ? -1.454  -15.091 -1.263  1.00 36.61 ? 209 DC  C "C2'" 1 
ATOM   491  C  "C1'" . DC  B 2 9  ? -0.010  -15.429 -0.943  1.00 33.21 ? 209 DC  C "C1'" 1 
ATOM   492  N  N1    . DC  B 2 9  ? 0.444   -14.829 0.314   1.00 29.32 ? 209 DC  C N1    1 
ATOM   493  C  C2    . DC  B 2 9  ? 1.347   -15.524 1.099   1.00 29.08 ? 209 DC  C C2    1 
ATOM   494  O  O2    . DC  B 2 9  ? 1.808   -16.600 0.679   1.00 28.51 ? 209 DC  C O2    1 
ATOM   495  N  N3    . DC  B 2 9  ? 1.711   -15.010 2.290   1.00 27.36 ? 209 DC  C N3    1 
ATOM   496  C  C4    . DC  B 2 9  ? 1.218   -13.841 2.687   1.00 26.15 ? 209 DC  C C4    1 
ATOM   497  N  N4    . DC  B 2 9  ? 1.603   -13.373 3.871   1.00 28.35 ? 209 DC  C N4    1 
ATOM   498  C  C5    . DC  B 2 9  ? 0.312   -13.099 1.891   1.00 25.73 ? 209 DC  C C5    1 
ATOM   499  C  C6    . DC  B 2 9  ? -0.041  -13.622 0.722   1.00 27.66 ? 209 DC  C C6    1 
ATOM   500  P  P     . DA  B 2 10 ? -2.968  -16.955 -4.004  1.00 49.25 ? 210 DA  C P     1 
ATOM   501  O  OP1   . DA  B 2 10 ? -2.859  -16.414 -5.407  1.00 48.41 ? 210 DA  C OP1   1 
ATOM   502  O  OP2   . DA  B 2 10 ? -4.182  -16.653 -3.172  1.00 46.84 ? 210 DA  C OP2   1 
ATOM   503  O  "O5'" . DA  B 2 10 ? -2.742  -18.517 -4.122  1.00 46.66 ? 210 DA  C "O5'" 1 
ATOM   504  C  "C5'" . DA  B 2 10 ? -1.560  -18.994 -4.761  1.00 44.87 ? 210 DA  C "C5'" 1 
ATOM   505  C  "C4'" . DA  B 2 10 ? -1.058  -20.230 -4.062  1.00 42.91 ? 210 DA  C "C4'" 1 
ATOM   506  O  "O4'" . DA  B 2 10 ? -0.555  -19.891 -2.757  1.00 40.27 ? 210 DA  C "O4'" 1 
ATOM   507  C  "C3'" . DA  B 2 10 ? -2.102  -21.318 -3.843  1.00 43.72 ? 210 DA  C "C3'" 1 
ATOM   508  O  "O3'" . DA  B 2 10 ? -1.407  -22.562 -4.006  1.00 45.77 ? 210 DA  C "O3'" 1 
ATOM   509  C  "C2'" . DA  B 2 10 ? -2.564  -21.063 -2.414  1.00 41.52 ? 210 DA  C "C2'" 1 
ATOM   510  C  "C1'" . DA  B 2 10 ? -1.298  -20.546 -1.753  1.00 37.99 ? 210 DA  C "C1'" 1 
ATOM   511  N  N9    . DA  B 2 10 ? -1.475  -19.580 -0.688  1.00 35.28 ? 210 DA  C N9    1 
ATOM   512  C  C8    . DA  B 2 10 ? -2.264  -18.465 -0.642  1.00 34.55 ? 210 DA  C C8    1 
ATOM   513  N  N7    . DA  B 2 10 ? -2.104  -17.757 0.455   1.00 34.09 ? 210 DA  C N7    1 
ATOM   514  C  C5    . DA  B 2 10 ? -1.162  -18.475 1.178   1.00 33.15 ? 210 DA  C C5    1 
ATOM   515  C  C6    . DA  B 2 10 ? -0.560  -18.266 2.427   1.00 33.66 ? 210 DA  C C6    1 
ATOM   516  N  N6    . DA  B 2 10 ? -0.813  -17.224 3.208   1.00 35.47 ? 210 DA  C N6    1 
ATOM   517  N  N1    . DA  B 2 10 ? 0.329   -19.177 2.858   1.00 34.04 ? 210 DA  C N1    1 
ATOM   518  C  C2    . DA  B 2 10 ? 0.598   -20.220 2.078   1.00 34.77 ? 210 DA  C C2    1 
ATOM   519  N  N3    . DA  B 2 10 ? 0.107   -20.524 0.879   1.00 35.22 ? 210 DA  C N3    1 
ATOM   520  C  C4    . DA  B 2 10 ? -0.781  -19.601 0.489   1.00 33.77 ? 210 DA  C C4    1 
ATOM   521  P  P     . DG  B 2 11 ? -2.211  -23.918 -4.307  1.00 45.58 ? 211 DG  C P     1 
ATOM   522  O  OP1   . DG  B 2 11 ? -1.346  -24.714 -5.215  1.00 45.57 ? 211 DG  C OP1   1 
ATOM   523  O  OP2   . DG  B 2 11 ? -3.607  -23.601 -4.709  1.00 46.17 ? 211 DG  C OP2   1 
ATOM   524  O  "O5'" . DG  B 2 11 ? -2.170  -24.598 -2.873  1.00 44.38 ? 211 DG  C "O5'" 1 
ATOM   525  C  "C5'" . DG  B 2 11 ? -0.895  -24.923 -2.314  1.00 43.28 ? 211 DG  C "C5'" 1 
ATOM   526  C  "C4'" . DG  B 2 11 ? -1.017  -25.272 -0.854  1.00 43.01 ? 211 DG  C "C4'" 1 
ATOM   527  O  "O4'" . DG  B 2 11 ? -1.175  -24.097 -0.024  1.00 40.87 ? 211 DG  C "O4'" 1 
ATOM   528  C  "C3'" . DG  B 2 11 ? -2.162  -26.216 -0.494  1.00 43.82 ? 211 DG  C "C3'" 1 
ATOM   529  O  "O3'" . DG  B 2 11 ? -1.634  -27.165 0.421   1.00 48.78 ? 211 DG  C "O3'" 1 
ATOM   530  C  "C2'" . DG  B 2 11 ? -3.146  -25.307 0.223   1.00 41.34 ? 211 DG  C "C2'" 1 
ATOM   531  C  "C1'" . DG  B 2 11 ? -2.191  -24.355 0.926   1.00 37.18 ? 211 DG  C "C1'" 1 
ATOM   532  N  N9    . DG  B 2 11 ? -2.749  -23.075 1.349   1.00 31.81 ? 211 DG  C N9    1 
ATOM   533  C  C8    . DG  B 2 11 ? -3.720  -22.342 0.717   1.00 30.68 ? 211 DG  C C8    1 
ATOM   534  N  N7    . DG  B 2 11 ? -3.999  -21.220 1.335   1.00 27.93 ? 211 DG  C N7    1 
ATOM   535  C  C5    . DG  B 2 11 ? -3.166  -21.220 2.442   1.00 26.70 ? 211 DG  C C5    1 
ATOM   536  C  C6    . DG  B 2 11 ? -3.021  -20.268 3.470   1.00 26.02 ? 211 DG  C C6    1 
ATOM   537  O  O6    . DG  B 2 11 ? -3.643  -19.213 3.633   1.00 25.57 ? 211 DG  C O6    1 
ATOM   538  N  N1    . DG  B 2 11 ? -2.042  -20.644 4.385   1.00 24.06 ? 211 DG  C N1    1 
ATOM   539  C  C2    . DG  B 2 11 ? -1.318  -21.798 4.323   1.00 24.83 ? 211 DG  C C2    1 
ATOM   540  N  N2    . DG  B 2 11 ? -0.436  -21.973 5.312   1.00 24.03 ? 211 DG  C N2    1 
ATOM   541  N  N3    . DG  B 2 11 ? -1.450  -22.710 3.371   1.00 25.61 ? 211 DG  C N3    1 
ATOM   542  C  C4    . DG  B 2 11 ? -2.386  -22.357 2.467   1.00 28.23 ? 211 DG  C C4    1 
ATOM   543  P  P     . DA  B 2 12 ? -2.344  -28.587 0.595   1.00 52.62 ? 212 DA  C P     1 
ATOM   544  O  OP1   . DA  B 2 12 ? -1.609  -29.560 -0.263  1.00 52.16 ? 212 DA  C OP1   1 
ATOM   545  O  OP2   . DA  B 2 12 ? -3.819  -28.429 0.439   1.00 51.90 ? 212 DA  C OP2   1 
ATOM   546  O  "O5'" . DA  B 2 12 ? -2.011  -28.885 2.114   1.00 51.28 ? 212 DA  C "O5'" 1 
ATOM   547  C  "C5'" . DA  B 2 12 ? -0.781  -28.403 2.673   1.00 51.37 ? 212 DA  C "C5'" 1 
ATOM   548  C  "C4'" . DA  B 2 12 ? -0.985  -28.031 4.120   1.00 50.23 ? 212 DA  C "C4'" 1 
ATOM   549  O  "O4'" . DA  B 2 12 ? -1.450  -26.669 4.251   1.00 49.46 ? 212 DA  C "O4'" 1 
ATOM   550  C  "C3'" . DA  B 2 12 ? -2.022  -28.905 4.818   1.00 51.61 ? 212 DA  C "C3'" 1 
ATOM   551  O  "O3'" . DA  B 2 12 ? -1.546  -29.309 6.088   1.00 54.54 ? 212 DA  C "O3'" 1 
ATOM   552  C  "C2'" . DA  B 2 12 ? -3.210  -27.981 5.005   1.00 50.38 ? 212 DA  C "C2'" 1 
ATOM   553  C  "C1'" . DA  B 2 12 ? -2.529  -26.641 5.166   1.00 47.77 ? 212 DA  C "C1'" 1 
ATOM   554  N  N9    . DA  B 2 12 ? -3.389  -25.511 4.824   1.00 45.29 ? 212 DA  C N9    1 
ATOM   555  C  C8    . DA  B 2 12 ? -4.204  -25.370 3.731   1.00 44.94 ? 212 DA  C C8    1 
ATOM   556  N  N7    . DA  B 2 12 ? -4.881  -24.247 3.718   1.00 44.22 ? 212 DA  C N7    1 
ATOM   557  C  C5    . DA  B 2 12 ? -4.476  -23.605 4.875   1.00 41.32 ? 212 DA  C C5    1 
ATOM   558  C  C6    . DA  B 2 12 ? -4.828  -22.384 5.424   1.00 40.40 ? 212 DA  C C6    1 
ATOM   559  N  N6    . DA  B 2 12 ? -5.683  -21.547 4.851   1.00 39.63 ? 212 DA  C N6    1 
ATOM   560  N  N1    . DA  B 2 12 ? -4.261  -22.033 6.599   1.00 41.14 ? 212 DA  C N1    1 
ATOM   561  C  C2    . DA  B 2 12 ? -3.378  -22.876 7.160   1.00 41.77 ? 212 DA  C C2    1 
ATOM   562  N  N3    . DA  B 2 12 ? -2.955  -24.057 6.724   1.00 41.23 ? 212 DA  C N3    1 
ATOM   563  C  C4    . DA  B 2 12 ? -3.556  -24.366 5.564   1.00 42.43 ? 212 DA  C C4    1 
ATOM   564  P  P     . DG  B 2 13 ? -2.327  -30.462 6.886   1.00 57.56 ? 213 DG  C P     1 
ATOM   565  O  OP1   . DG  B 2 13 ? -1.421  -31.626 7.082   1.00 57.27 ? 213 DG  C OP1   1 
ATOM   566  O  OP2   . DG  B 2 13 ? -3.669  -30.668 6.247   1.00 56.14 ? 213 DG  C OP2   1 
ATOM   567  O  "O5'" . DG  B 2 13 ? -2.534  -29.784 8.301   1.00 53.75 ? 213 DG  C "O5'" 1 
ATOM   568  C  "C5'" . DG  B 2 13 ? -1.462  -29.108 8.939   1.00 50.15 ? 213 DG  C "C5'" 1 
ATOM   569  C  "C4'" . DG  B 2 13 ? -2.033  -28.230 10.018  1.00 48.46 ? 213 DG  C "C4'" 1 
ATOM   570  O  "O4'" . DG  B 2 13 ? -2.733  -27.130 9.390   1.00 46.49 ? 213 DG  C "O4'" 1 
ATOM   571  C  "C3'" . DG  B 2 13 ? -3.088  -28.999 10.812  1.00 48.03 ? 213 DG  C "C3'" 1 
ATOM   572  O  "O3'" . DG  B 2 13 ? -3.031  -28.635 12.186  1.00 49.10 ? 213 DG  C "O3'" 1 
ATOM   573  C  "C2'" . DG  B 2 13 ? -4.397  -28.576 10.168  1.00 45.60 ? 213 DG  C "C2'" 1 
ATOM   574  C  "C1'" . DG  B 2 13 ? -4.085  -27.144 9.802   1.00 41.91 ? 213 DG  C "C1'" 1 
ATOM   575  N  N9    . DG  B 2 13 ? -4.895  -26.584 8.733   1.00 37.70 ? 213 DG  C N9    1 
ATOM   576  C  C8    . DG  B 2 13 ? -5.264  -27.166 7.544   1.00 35.16 ? 213 DG  C C8    1 
ATOM   577  N  N7    . DG  B 2 13 ? -6.036  -26.398 6.822   1.00 33.71 ? 213 DG  C N7    1 
ATOM   578  C  C5    . DG  B 2 13 ? -6.171  -25.239 7.582   1.00 32.91 ? 213 DG  C C5    1 
ATOM   579  C  C6    . DG  B 2 13 ? -6.894  -24.055 7.328   1.00 31.84 ? 213 DG  C C6    1 
ATOM   580  O  O6    . DG  B 2 13 ? -7.570  -23.768 6.343   1.00 32.36 ? 213 DG  C O6    1 
ATOM   581  N  N1    . DG  B 2 13 ? -6.772  -23.142 8.372   1.00 32.14 ? 213 DG  C N1    1 
ATOM   582  C  C2    . DG  B 2 13 ? -6.035  -23.348 9.515   1.00 32.70 ? 213 DG  C C2    1 
ATOM   583  N  N2    . DG  B 2 13 ? -6.035  -22.359 10.422  1.00 32.15 ? 213 DG  C N2    1 
ATOM   584  N  N3    . DG  B 2 13 ? -5.347  -24.443 9.756   1.00 32.96 ? 213 DG  C N3    1 
ATOM   585  C  C4    . DG  B 2 13 ? -5.465  -25.341 8.755   1.00 34.19 ? 213 DG  C C4    1 
ATOM   586  P  P     . DA  B 2 14 ? -4.090  -29.258 13.211  1.00 49.37 ? 214 DA  C P     1 
ATOM   587  O  OP1   . DA  B 2 14 ? -3.324  -29.505 14.450  1.00 48.47 ? 214 DA  C OP1   1 
ATOM   588  O  OP2   . DA  B 2 14 ? -4.875  -30.364 12.577  1.00 48.51 ? 214 DA  C OP2   1 
ATOM   589  O  "O5'" . DA  B 2 14 ? -5.069  -28.032 13.449  1.00 46.86 ? 214 DA  C "O5'" 1 
ATOM   590  C  "C5'" . DA  B 2 14 ? -4.537  -26.802 13.940  1.00 44.22 ? 214 DA  C "C5'" 1 
ATOM   591  C  "C4'" . DA  B 2 14 ? -5.657  -25.881 14.345  1.00 41.59 ? 214 DA  C "C4'" 1 
ATOM   592  O  "O4'" . DA  B 2 14 ? -6.289  -25.332 13.164  1.00 39.97 ? 214 DA  C "O4'" 1 
ATOM   593  C  "C3'" . DA  B 2 14 ? -6.748  -26.599 15.124  1.00 40.12 ? 214 DA  C "C3'" 1 
ATOM   594  O  "O3'" . DA  B 2 14 ? -7.114  -25.809 16.246  1.00 42.54 ? 214 DA  C "O3'" 1 
ATOM   595  C  "C2'" . DA  B 2 14 ? -7.860  -26.776 14.108  1.00 38.06 ? 214 DA  C "C2'" 1 
ATOM   596  C  "C1'" . DA  B 2 14 ? -7.665  -25.590 13.180  1.00 34.50 ? 214 DA  C "C1'" 1 
ATOM   597  N  N9    . DA  B 2 14 ? -8.096  -25.778 11.796  1.00 30.09 ? 214 DA  C N9    1 
ATOM   598  C  C8    . DA  B 2 14 ? -7.987  -26.868 10.969  1.00 28.72 ? 214 DA  C C8    1 
ATOM   599  N  N7    . DA  B 2 14 ? -8.563  -26.694 9.795   1.00 27.75 ? 214 DA  C N7    1 
ATOM   600  C  C5    . DA  B 2 14 ? -9.061  -25.399 9.857   1.00 26.26 ? 214 DA  C C5    1 
ATOM   601  C  C6    . DA  B 2 14 ? -9.791  -24.619 8.944   1.00 26.81 ? 214 DA  C C6    1 
ATOM   602  N  N6    . DA  B 2 14 ? -10.142 -25.036 7.728   1.00 27.88 ? 214 DA  C N6    1 
ATOM   603  N  N1    . DA  B 2 14 ? -10.150 -23.369 9.321   1.00 25.79 ? 214 DA  C N1    1 
ATOM   604  C  C2    . DA  B 2 14 ? -9.775  -22.942 10.533  1.00 26.73 ? 214 DA  C C2    1 
ATOM   605  N  N3    . DA  B 2 14 ? -9.078  -23.583 11.480  1.00 26.69 ? 214 DA  C N3    1 
ATOM   606  C  C4    . DA  B 2 14 ? -8.762  -24.821 11.073  1.00 27.54 ? 214 DA  C C4    1 
ATOM   607  P  P     . DG  B 2 15 ? -7.964  -26.471 17.439  1.00 43.68 ? 215 DG  C P     1 
ATOM   608  O  OP1   . DG  B 2 15 ? -7.479  -26.049 18.784  1.00 44.39 ? 215 DG  C OP1   1 
ATOM   609  O  OP2   . DG  B 2 15 ? -8.218  -27.913 17.136  1.00 43.02 ? 215 DG  C OP2   1 
ATOM   610  O  "O5'" . DG  B 2 15 ? -9.333  -25.775 17.190  1.00 42.16 ? 215 DG  C "O5'" 1 
ATOM   611  C  "C5'" . DG  B 2 15 ? -9.652  -25.503 15.880  1.00 39.86 ? 215 DG  C "C5'" 1 
ATOM   612  C  "C4'" . DG  B 2 15 ? -10.734 -24.484 15.865  1.00 38.45 ? 215 DG  C "C4'" 1 
ATOM   613  O  "O4'" . DG  B 2 15 ? -10.952 -24.164 14.488  1.00 35.78 ? 215 DG  C "O4'" 1 
ATOM   614  C  "C3'" . DG  B 2 15 ? -12.007 -25.116 16.399  1.00 39.19 ? 215 DG  C "C3'" 1 
ATOM   615  O  "O3'" . DG  B 2 15 ? -12.717 -24.101 17.075  1.00 43.17 ? 215 DG  C "O3'" 1 
ATOM   616  C  "C2'" . DG  B 2 15 ? -12.689 -25.608 15.152  1.00 36.38 ? 215 DG  C "C2'" 1 
ATOM   617  C  "C1'" . DG  B 2 15 ? -12.201 -24.635 14.093  1.00 32.77 ? 215 DG  C "C1'" 1 
ATOM   618  N  N9    . DG  B 2 15 ? -12.034 -25.367 12.861  1.00 27.35 ? 215 DG  C N9    1 
ATOM   619  C  C8    . DG  B 2 15 ? -11.480 -26.607 12.685  1.00 25.52 ? 215 DG  C C8    1 
ATOM   620  N  N7    . DG  B 2 15 ? -11.693 -27.085 11.494  1.00 24.11 ? 215 DG  C N7    1 
ATOM   621  C  C5    . DG  B 2 15 ? -12.381 -26.069 10.851  1.00 23.78 ? 215 DG  C C5    1 
ATOM   622  C  C6    . DG  B 2 15 ? -12.919 -26.020 9.574   1.00 24.93 ? 215 DG  C C6    1 
ATOM   623  O  O6    . DG  B 2 15 ? -12.916 -26.914 8.715   1.00 28.87 ? 215 DG  C O6    1 
ATOM   624  N  N1    . DG  B 2 15 ? -13.529 -24.788 9.314   1.00 23.12 ? 215 DG  C N1    1 
ATOM   625  C  C2    . DG  B 2 15 ? -13.597 -23.750 10.202  1.00 23.42 ? 215 DG  C C2    1 
ATOM   626  N  N2    . DG  B 2 15 ? -14.195 -22.638 9.779   1.00 23.08 ? 215 DG  C N2    1 
ATOM   627  N  N3    . DG  B 2 15 ? -13.108 -23.800 11.420  1.00 23.74 ? 215 DG  C N3    1 
ATOM   628  C  C4    . DG  B 2 15 ? -12.530 -24.985 11.673  1.00 24.27 ? 215 DG  C C4    1 
ATOM   629  P  P     . DG  B 2 16 ? -14.121 -24.418 17.766  1.00 45.28 ? 216 DG  C P     1 
ATOM   630  O  OP1   . DG  B 2 16 ? -14.021 -23.577 19.003  1.00 45.18 ? 216 DG  C OP1   1 
ATOM   631  O  OP2   . DG  B 2 16 ? -14.464 -25.866 17.861  1.00 44.41 ? 216 DG  C OP2   1 
ATOM   632  O  "O5'" . DG  B 2 16 ? -15.069 -23.778 16.681  1.00 42.36 ? 216 DG  C "O5'" 1 
ATOM   633  C  "C5'" . DG  B 2 16 ? -16.461 -23.915 16.712  1.00 40.76 ? 216 DG  C "C5'" 1 
ATOM   634  C  "C4'" . DG  B 2 16 ? -17.038 -22.687 16.062  1.00 38.90 ? 216 DG  C "C4'" 1 
ATOM   635  O  "O4'" . DG  B 2 16 ? -16.166 -22.409 14.935  1.00 36.48 ? 216 DG  C "O4'" 1 
ATOM   636  C  "C3'" . DG  B 2 16 ? -18.460 -22.815 15.533  1.00 38.05 ? 216 DG  C "C3'" 1 
ATOM   637  O  "O3'" . DG  B 2 16 ? -19.293 -21.765 16.030  1.00 41.49 ? 216 DG  C "O3'" 1 
ATOM   638  C  "C2'" . DG  B 2 16 ? -18.315 -22.728 14.019  1.00 36.45 ? 216 DG  C "C2'" 1 
ATOM   639  C  "C1'" . DG  B 2 16 ? -16.837 -22.550 13.703  1.00 31.95 ? 216 DG  C "C1'" 1 
ATOM   640  N  N9    . DG  B 2 16 ? -16.390 -23.796 13.080  1.00 26.95 ? 216 DG  C N9    1 
ATOM   641  C  C8    . DG  B 2 16 ? -15.665 -24.828 13.626  1.00 23.95 ? 216 DG  C C8    1 
ATOM   642  N  N7    . DG  B 2 16 ? -15.556 -25.851 12.817  1.00 21.71 ? 216 DG  C N7    1 
ATOM   643  C  C5    . DG  B 2 16 ? -16.217 -25.447 11.666  1.00 20.29 ? 216 DG  C C5    1 
ATOM   644  C  C6    . DG  B 2 16 ? -16.430 -26.121 10.456  1.00 21.40 ? 216 DG  C C6    1 
ATOM   645  O  O6    . DG  B 2 16 ? -16.047 -27.259 10.124  1.00 23.56 ? 216 DG  C O6    1 
ATOM   646  N  N1    . DG  B 2 16 ? -17.169 -25.353 9.563   1.00 20.90 ? 216 DG  C N1    1 
ATOM   647  C  C2    . DG  B 2 16 ? -17.628 -24.088 9.813   1.00 21.89 ? 216 DG  C C2    1 
ATOM   648  N  N2    . DG  B 2 16 ? -18.346 -23.495 8.844   1.00 21.19 ? 216 DG  C N2    1 
ATOM   649  N  N3    . DG  B 2 16 ? -17.410 -23.446 10.931  1.00 22.66 ? 216 DG  C N3    1 
ATOM   650  C  C4    . DG  B 2 16 ? -16.713 -24.182 11.807  1.00 22.66 ? 216 DG  C C4    1 
ATOM   651  N  N     . LYS C 3 1  ? -6.949  -6.562  19.314  1.00 56.12 ? 7   LYS A N     1 
ATOM   652  C  CA    . LYS C 3 1  ? -5.660  -6.133  18.777  1.00 55.14 ? 7   LYS A CA    1 
ATOM   653  C  C     . LYS C 3 1  ? -5.853  -5.302  17.514  1.00 54.65 ? 7   LYS A C     1 
ATOM   654  O  O     . LYS C 3 1  ? -6.050  -5.836  16.411  1.00 55.16 ? 7   LYS A O     1 
ATOM   655  C  CB    . LYS C 3 1  ? -4.754  -7.335  18.474  1.00 55.31 ? 7   LYS A CB    1 
ATOM   656  N  N     . PRO C 3 2  ? -5.810  -3.973  17.668  1.00 52.48 ? 8   PRO A N     1 
ATOM   657  C  CA    . PRO C 3 2  ? -5.977  -3.054  16.545  1.00 50.98 ? 8   PRO A CA    1 
ATOM   658  C  C     . PRO C 3 2  ? -4.872  -3.337  15.543  1.00 49.11 ? 8   PRO A C     1 
ATOM   659  O  O     . PRO C 3 2  ? -3.714  -3.530  15.923  1.00 50.82 ? 8   PRO A O     1 
ATOM   660  C  CB    . PRO C 3 2  ? -5.755  -1.682  17.187  1.00 51.53 ? 8   PRO A CB    1 
ATOM   661  C  CG    . PRO C 3 2  ? -6.061  -1.898  18.634  1.00 51.64 ? 8   PRO A CG    1 
ATOM   662  C  CD    . PRO C 3 2  ? -5.489  -3.246  18.908  1.00 52.41 ? 8   PRO A CD    1 
ATOM   663  N  N     . ARG C 3 3  ? -5.245  -3.387  14.273  1.00 45.79 ? 9   ARG A N     1 
ATOM   664  C  CA    . ARG C 3 3  ? -4.300  -3.629  13.202  1.00 42.06 ? 9   ARG A CA    1 
ATOM   665  C  C     . ARG C 3 3  ? -3.202  -2.557  13.240  1.00 41.20 ? 9   ARG A C     1 
ATOM   666  O  O     . ARG C 3 3  ? -3.416  -1.454  13.759  1.00 41.03 ? 9   ARG A O     1 
ATOM   667  C  CB    . ARG C 3 3  ? -5.044  -3.610  11.861  1.00 40.78 ? 9   ARG A CB    1 
ATOM   668  N  N     . GLY C 3 4  ? -2.017  -2.908  12.739  1.00 37.99 ? 10  GLY A N     1 
ATOM   669  C  CA    . GLY C 3 4  ? -0.911  -1.967  12.728  1.00 34.14 ? 10  GLY A CA    1 
ATOM   670  C  C     . GLY C 3 4  ? -1.029  -1.029  11.556  1.00 32.41 ? 10  GLY A C     1 
ATOM   671  O  O     . GLY C 3 4  ? -1.592  -1.409  10.527  1.00 32.61 ? 10  GLY A O     1 
ATOM   672  N  N     . LYS C 3 5  ? -0.465  0.170   11.692  1.00 30.36 ? 11  LYS A N     1 
ATOM   673  C  CA    . LYS C 3 5  ? -0.528  1.175   10.632  1.00 31.33 ? 11  LYS A CA    1 
ATOM   674  C  C     . LYS C 3 5  ? -0.071  0.605   9.325   1.00 32.14 ? 11  LYS A C     1 
ATOM   675  O  O     . LYS C 3 5  ? 0.719   -0.341  9.263   1.00 33.96 ? 11  LYS A O     1 
ATOM   676  C  CB    . LYS C 3 5  ? 0.335   2.406   10.903  1.00 31.00 ? 11  LYS A CB    1 
ATOM   677  C  CG    . LYS C 3 5  ? 0.076   3.121   12.180  1.00 32.45 ? 11  LYS A CG    1 
ATOM   678  C  CD    . LYS C 3 5  ? 0.963   4.323   12.224  1.00 33.45 ? 11  LYS A CD    1 
ATOM   679  C  CE    . LYS C 3 5  ? 1.318   4.670   13.633  1.00 34.89 ? 11  LYS A CE    1 
ATOM   680  N  NZ    . LYS C 3 5  ? 2.353   5.728   13.574  1.00 36.58 ? 11  LYS A NZ    1 
ATOM   681  N  N     . MET C 3 6  ? -0.523  1.255   8.274   1.00 32.19 ? 12  MET A N     1 
ATOM   682  C  CA    . MET C 3 6  ? -0.191  0.842   6.947   1.00 31.23 ? 12  MET A CA    1 
ATOM   683  C  C     . MET C 3 6  ? 0.423   2.054   6.310   1.00 33.95 ? 12  MET A C     1 
ATOM   684  O  O     . MET C 3 6  ? -0.219  3.095   6.173   1.00 35.54 ? 12  MET A O     1 
ATOM   685  C  CB    . MET C 3 6  ? -1.452  0.438   6.229   1.00 29.77 ? 12  MET A CB    1 
ATOM   686  C  CG    . MET C 3 6  ? -1.250  -0.680  5.319   1.00 28.80 ? 12  MET A CG    1 
ATOM   687  S  SD    . MET C 3 6  ? -2.782  -1.394  4.993   1.00 29.82 ? 12  MET A SD    1 
ATOM   688  C  CE    . MET C 3 6  ? -2.802  -1.359  3.268   1.00 28.59 ? 12  MET A CE    1 
ATOM   689  N  N     . SER C 3 7  ? 1.700   1.930   5.984   1.00 34.68 ? 13  SER A N     1 
ATOM   690  C  CA    . SER C 3 7  ? 2.461   3.005   5.363   1.00 35.02 ? 13  SER A CA    1 
ATOM   691  C  C     . SER C 3 7  ? 1.919   3.324   3.977   1.00 34.48 ? 13  SER A C     1 
ATOM   692  O  O     . SER C 3 7  ? 1.061   2.606   3.459   1.00 34.27 ? 13  SER A O     1 
ATOM   693  C  CB    . SER C 3 7  ? 3.938   2.582   5.244   1.00 35.85 ? 13  SER A CB    1 
ATOM   694  O  OG    . SER C 3 7  ? 4.097   1.376   4.489   1.00 33.97 ? 13  SER A OG    1 
ATOM   695  N  N     . SER C 3 8  ? 2.428   4.401   3.386   1.00 32.93 ? 14  SER A N     1 
ATOM   696  C  CA    . SER C 3 8  ? 2.042   4.786   2.046   1.00 32.43 ? 14  SER A CA    1 
ATOM   697  C  C     . SER C 3 8  ? 2.448   3.674   1.109   1.00 33.12 ? 14  SER A C     1 
ATOM   698  O  O     . SER C 3 8  ? 1.726   3.360   0.164   1.00 34.64 ? 14  SER A O     1 
ATOM   699  C  CB    . SER C 3 8  ? 2.788   6.035   1.631   1.00 34.86 ? 14  SER A CB    1 
ATOM   700  O  OG    . SER C 3 8  ? 4.170   5.892   1.913   1.00 38.50 ? 14  SER A OG    1 
ATOM   701  N  N     . TYR C 3 9  ? 3.612   3.071   1.376   1.00 32.75 ? 15  TYR A N     1 
ATOM   702  C  CA    . TYR C 3 9  ? 4.126   1.972   0.546   1.00 30.61 ? 15  TYR A CA    1 
ATOM   703  C  C     . TYR C 3 9  ? 3.260   0.709   0.657   1.00 29.00 ? 15  TYR A C     1 
ATOM   704  O  O     . TYR C 3 9  ? 3.010   0.033   -0.343  1.00 29.35 ? 15  TYR A O     1 
ATOM   705  C  CB    . TYR C 3 9  ? 5.589   1.675   0.882   1.00 28.98 ? 15  TYR A CB    1 
ATOM   706  C  CG    . TYR C 3 9  ? 6.198   0.648   -0.038  1.00 28.11 ? 15  TYR A CG    1 
ATOM   707  C  CD1   . TYR C 3 9  ? 6.396   0.918   -1.384  1.00 26.60 ? 15  TYR A CD1   1 
ATOM   708  C  CD2   . TYR C 3 9  ? 6.525   -0.623  0.431   1.00 27.80 ? 15  TYR A CD2   1 
ATOM   709  C  CE1   . TYR C 3 9  ? 6.901   -0.051  -2.234  1.00 26.01 ? 15  TYR A CE1   1 
ATOM   710  C  CE2   . TYR C 3 9  ? 7.027   -1.595  -0.413  1.00 26.61 ? 15  TYR A CE2   1 
ATOM   711  C  CZ    . TYR C 3 9  ? 7.210   -1.301  -1.742  1.00 26.72 ? 15  TYR A CZ    1 
ATOM   712  O  OH    . TYR C 3 9  ? 7.720   -2.258  -2.584  1.00 28.10 ? 15  TYR A OH    1 
ATOM   713  N  N     . ALA C 3 10 ? 2.787   0.413   1.865   1.00 28.42 ? 16  ALA A N     1 
ATOM   714  C  CA    . ALA C 3 10 ? 1.919   -0.730  2.087   1.00 27.98 ? 16  ALA A CA    1 
ATOM   715  C  C     . ALA C 3 10 ? 0.648   -0.497  1.283   1.00 28.33 ? 16  ALA A C     1 
ATOM   716  O  O     . ALA C 3 10 ? 0.198   -1.384  0.573   1.00 30.09 ? 16  ALA A O     1 
ATOM   717  C  CB    . ALA C 3 10 ? 1.614   -0.869  3.543   1.00 27.40 ? 16  ALA A CB    1 
ATOM   718  N  N     . PHE C 3 11 ? 0.101   0.718   1.344   1.00 30.31 ? 17  PHE A N     1 
ATOM   719  C  CA    . PHE C 3 11 ? -1.097  1.054   0.561   1.00 30.36 ? 17  PHE A CA    1 
ATOM   720  C  C     . PHE C 3 11 ? -0.806  0.966   -0.944  1.00 32.22 ? 17  PHE A C     1 
ATOM   721  O  O     . PHE C 3 11 ? -1.624  0.451   -1.708  1.00 35.87 ? 17  PHE A O     1 
ATOM   722  C  CB    . PHE C 3 11 ? -1.603  2.465   0.879   1.00 28.81 ? 17  PHE A CB    1 
ATOM   723  C  CG    . PHE C 3 11 ? -2.488  2.531   2.078   1.00 27.72 ? 17  PHE A CG    1 
ATOM   724  C  CD1   . PHE C 3 11 ? -3.755  1.970   2.049   1.00 27.13 ? 17  PHE A CD1   1 
ATOM   725  C  CD2   . PHE C 3 11 ? -2.043  3.123   3.257   1.00 27.88 ? 17  PHE A CD2   1 
ATOM   726  C  CE1   . PHE C 3 11 ? -4.559  1.994   3.180   1.00 26.21 ? 17  PHE A CE1   1 
ATOM   727  C  CE2   . PHE C 3 11 ? -2.842  3.153   4.391   1.00 26.53 ? 17  PHE A CE2   1 
ATOM   728  C  CZ    . PHE C 3 11 ? -4.097  2.587   4.353   1.00 26.07 ? 17  PHE A CZ    1 
ATOM   729  N  N     . PHE C 3 12 ? 0.366   1.449   -1.366  1.00 32.44 ? 18  PHE A N     1 
ATOM   730  C  CA    . PHE C 3 12 ? 0.749   1.418   -2.773  1.00 30.07 ? 18  PHE A CA    1 
ATOM   731  C  C     . PHE C 3 12 ? 0.851   0.014   -3.373  1.00 29.89 ? 18  PHE A C     1 
ATOM   732  O  O     . PHE C 3 12 ? 0.474   -0.206  -4.525  1.00 30.38 ? 18  PHE A O     1 
ATOM   733  C  CB    . PHE C 3 12 ? 2.056   2.183   -2.978  1.00 29.26 ? 18  PHE A CB    1 
ATOM   734  C  CG    . PHE C 3 12 ? 2.705   1.918   -4.303  1.00 29.35 ? 18  PHE A CG    1 
ATOM   735  C  CD1   . PHE C 3 12 ? 2.138   2.378   -5.483  1.00 28.24 ? 18  PHE A CD1   1 
ATOM   736  C  CD2   . PHE C 3 12 ? 3.853   1.137   -4.371  1.00 28.16 ? 18  PHE A CD2   1 
ATOM   737  C  CE1   . PHE C 3 12 ? 2.701   2.056   -6.714  1.00 28.71 ? 18  PHE A CE1   1 
ATOM   738  C  CE2   . PHE C 3 12 ? 4.427   0.806   -5.599  1.00 27.78 ? 18  PHE A CE2   1 
ATOM   739  C  CZ    . PHE C 3 12 ? 3.853   1.265   -6.776  1.00 27.67 ? 18  PHE A CZ    1 
ATOM   740  N  N     . VAL C 3 13 ? 1.379   -0.924  -2.593  1.00 31.12 ? 19  VAL A N     1 
ATOM   741  C  CA    . VAL C 3 13 ? 1.560   -2.310  -3.040  1.00 30.43 ? 19  VAL A CA    1 
ATOM   742  C  C     . VAL C 3 13 ? 0.234   -3.053  -3.079  1.00 30.33 ? 19  VAL A C     1 
ATOM   743  O  O     . VAL C 3 13 ? 0.025   -3.945  -3.905  1.00 28.98 ? 19  VAL A O     1 
ATOM   744  C  CB    . VAL C 3 13 ? 2.588   -3.049  -2.125  1.00 31.71 ? 19  VAL A CB    1 
ATOM   745  C  CG1   . VAL C 3 13 ? 2.592   -4.544  -2.396  1.00 32.76 ? 19  VAL A CG1   1 
ATOM   746  C  CG2   . VAL C 3 13 ? 3.978   -2.499  -2.365  1.00 31.13 ? 19  VAL A CG2   1 
ATOM   747  N  N     . GLN C 3 14 ? -0.663  -2.661  -2.178  1.00 29.20 ? 20  GLN A N     1 
ATOM   748  C  CA    . GLN C 3 14 ? -1.991  -3.242  -2.103  1.00 29.51 ? 20  GLN A CA    1 
ATOM   749  C  C     . GLN C 3 14 ? -2.729  -2.805  -3.345  1.00 30.37 ? 20  GLN A C     1 
ATOM   750  O  O     . GLN C 3 14 ? -3.320  -3.619  -4.049  1.00 29.32 ? 20  GLN A O     1 
ATOM   751  C  CB    . GLN C 3 14 ? -2.706  -2.716  -0.879  1.00 28.09 ? 20  GLN A CB    1 
ATOM   752  C  CG    . GLN C 3 14 ? -4.004  -3.417  -0.589  1.00 28.06 ? 20  GLN A CG    1 
ATOM   753  C  CD    . GLN C 3 14 ? -4.603  -2.904  0.671   1.00 27.83 ? 20  GLN A CD    1 
ATOM   754  O  OE1   . GLN C 3 14 ? -5.052  -1.764  0.735   1.00 29.12 ? 20  GLN A OE1   1 
ATOM   755  N  NE2   . GLN C 3 14 ? -4.562  -3.708  1.704   1.00 28.49 ? 20  GLN A NE2   1 
ATOM   756  N  N     . THR C 3 15 ? -2.606  -1.513  -3.645  1.00 31.79 ? 21  THR A N     1 
ATOM   757  C  CA    . THR C 3 15 ? -3.225  -0.899  -4.809  1.00 33.41 ? 21  THR A CA    1 
ATOM   758  C  C     . THR C 3 15 ? -2.646  -1.426  -6.113  1.00 34.91 ? 21  THR A C     1 
ATOM   759  O  O     . THR C 3 15 ? -3.369  -1.619  -7.072  1.00 36.34 ? 21  THR A O     1 
ATOM   760  C  CB    . THR C 3 15 ? -3.060  0.608   -4.768  1.00 33.54 ? 21  THR A CB    1 
ATOM   761  O  OG1   . THR C 3 15 ? -3.576  1.101   -3.527  1.00 35.13 ? 21  THR A OG1   1 
ATOM   762  C  CG2   . THR C 3 15 ? -3.816  1.240   -5.892  1.00 32.85 ? 21  THR A CG2   1 
ATOM   763  N  N     . CYS C 3 16 ? -1.344  -1.675  -6.140  1.00 37.44 ? 22  CYS A N     1 
ATOM   764  C  CA    . CYS C 3 16 ? -0.692  -2.192  -7.338  1.00 38.30 ? 22  CYS A CA    1 
ATOM   765  C  C     . CYS C 3 16 ? -1.182  -3.591  -7.625  1.00 38.90 ? 22  CYS A C     1 
ATOM   766  O  O     . CYS C 3 16 ? -1.301  -3.997  -8.779  1.00 38.16 ? 22  CYS A O     1 
ATOM   767  C  CB    . CYS C 3 16 ? 0.828   -2.215  -7.161  1.00 39.48 ? 22  CYS A CB    1 
ATOM   768  S  SG    . CYS C 3 16 ? 1.650   -0.614  -7.321  1.00 39.41 ? 22  CYS A SG    1 
ATOM   769  N  N     . ARG C 3 17 ? -1.474  -4.317  -6.556  1.00 40.81 ? 23  ARG A N     1 
ATOM   770  C  CA    . ARG C 3 17 ? -1.955  -5.692  -6.650  1.00 43.89 ? 23  ARG A CA    1 
ATOM   771  C  C     . ARG C 3 17 ? -3.441  -5.766  -7.040  1.00 43.82 ? 23  ARG A C     1 
ATOM   772  O  O     . ARG C 3 17 ? -3.893  -6.731  -7.669  1.00 44.70 ? 23  ARG A O     1 
ATOM   773  C  CB    . ARG C 3 17 ? -1.699  -6.404  -5.318  1.00 43.69 ? 23  ARG A CB    1 
ATOM   774  C  CG    . ARG C 3 17 ? -2.317  -7.753  -5.213  1.00 44.51 ? 23  ARG A CG    1 
ATOM   775  C  CD    . ARG C 3 17 ? -1.844  -8.643  -6.308  1.00 46.23 ? 23  ARG A CD    1 
ATOM   776  N  NE    . ARG C 3 17 ? -2.644  -9.844  -6.275  1.00 48.56 ? 23  ARG A NE    1 
ATOM   777  C  CZ    . ARG C 3 17 ? -2.731  -10.707 -7.269  1.00 49.75 ? 23  ARG A CZ    1 
ATOM   778  N  NH1   . ARG C 3 17 ? -2.060  -10.499 -8.392  1.00 50.86 ? 23  ARG A NH1   1 
ATOM   779  N  NH2   . ARG C 3 17 ? -3.489  -11.782 -7.128  1.00 50.38 ? 23  ARG A NH2   1 
ATOM   780  N  N     . GLU C 3 18 ? -4.201  -4.748  -6.654  1.00 44.79 ? 24  GLU A N     1 
ATOM   781  C  CA    . GLU C 3 18 ? -5.608  -4.716  -6.985  1.00 45.45 ? 24  GLU A CA    1 
ATOM   782  C  C     . GLU C 3 18 ? -5.707  -4.425  -8.476  1.00 47.46 ? 24  GLU A C     1 
ATOM   783  O  O     . GLU C 3 18 ? -6.322  -5.150  -9.244  1.00 47.23 ? 24  GLU A O     1 
ATOM   784  C  CB    . GLU C 3 18 ? -6.286  -3.646  -6.134  1.00 44.98 ? 24  GLU A CB    1 
ATOM   785  C  CG    . GLU C 3 18 ? -6.403  -4.110  -4.684  1.00 46.56 ? 24  GLU A CG    1 
ATOM   786  C  CD    . GLU C 3 18 ? -6.732  -3.011  -3.686  1.00 48.01 ? 24  GLU A CD    1 
ATOM   787  O  OE1   . GLU C 3 18 ? -6.646  -1.809  -4.034  1.00 49.15 ? 24  GLU A OE1   1 
ATOM   788  O  OE2   . GLU C 3 18 ? -7.057  -3.355  -2.524  1.00 49.47 ? 24  GLU A OE2   1 
ATOM   789  N  N     . GLU C 3 19 ? -4.911  -3.455  -8.874  1.00 50.08 ? 25  GLU A N     1 
ATOM   790  C  CA    . GLU C 3 19 ? -4.812  -2.960  -10.226 1.00 52.70 ? 25  GLU A CA    1 
ATOM   791  C  C     . GLU C 3 19 ? -4.260  -3.979  -11.199 1.00 52.61 ? 25  GLU A C     1 
ATOM   792  O  O     . GLU C 3 19 ? -4.612  -3.965  -12.367 1.00 54.02 ? 25  GLU A O     1 
ATOM   793  C  CB    . GLU C 3 19 ? -3.876  -1.778  -10.163 1.00 54.47 ? 25  GLU A CB    1 
ATOM   794  C  CG    . GLU C 3 19 ? -3.926  -0.818  -11.280 1.00 57.34 ? 25  GLU A CG    1 
ATOM   795  C  CD    . GLU C 3 19 ? -2.996  0.333   -10.995 1.00 59.05 ? 25  GLU A CD    1 
ATOM   796  O  OE1   . GLU C 3 19 ? -3.260  1.056   -10.000 1.00 58.44 ? 25  GLU A OE1   1 
ATOM   797  O  OE2   . GLU C 3 19 ? -1.983  0.482   -11.732 1.00 60.47 ? 25  GLU A OE2   1 
ATOM   798  N  N     . HIS C 3 20 ? -3.360  -4.829  -10.724 1.00 53.20 ? 26  HIS A N     1 
ATOM   799  C  CA    . HIS C 3 20 ? -2.733  -5.853  -11.562 1.00 54.65 ? 26  HIS A CA    1 
ATOM   800  C  C     . HIS C 3 20 ? -3.624  -7.061  -11.787 1.00 55.31 ? 26  HIS A C     1 
ATOM   801  O  O     . HIS C 3 20 ? -3.556  -7.734  -12.814 1.00 56.51 ? 26  HIS A O     1 
ATOM   802  C  CB    . HIS C 3 20 ? -1.439  -6.322  -10.910 1.00 54.66 ? 26  HIS A CB    1 
ATOM   803  C  CG    . HIS C 3 20 ? -0.917  -7.600  -11.473 1.00 55.45 ? 26  HIS A CG    1 
ATOM   804  N  ND1   . HIS C 3 20 ? -0.204  -7.655  -12.649 1.00 56.44 ? 26  HIS A ND1   1 
ATOM   805  C  CD2   . HIS C 3 20 ? -1.023  -8.877  -11.037 1.00 56.36 ? 26  HIS A CD2   1 
ATOM   806  C  CE1   . HIS C 3 20 ? 0.110   -8.909  -12.914 1.00 56.96 ? 26  HIS A CE1   1 
ATOM   807  N  NE2   . HIS C 3 20 ? -0.376  -9.673  -11.951 1.00 57.07 ? 26  HIS A NE2   1 
ATOM   808  N  N     . LYS C 3 21 ? -4.401  -7.354  -10.763 1.00 56.35 ? 27  LYS A N     1 
ATOM   809  C  CA    . LYS C 3 21 ? -5.311  -8.470  -10.743 1.00 56.68 ? 27  LYS A CA    1 
ATOM   810  C  C     . LYS C 3 21 ? -6.499  -8.226  -11.662 1.00 56.58 ? 27  LYS A C     1 
ATOM   811  O  O     . LYS C 3 21 ? -6.835  -9.067  -12.495 1.00 58.03 ? 27  LYS A O     1 
ATOM   812  C  CB    . LYS C 3 21 ? -5.780  -8.635  -9.306  1.00 56.86 ? 27  LYS A CB    1 
ATOM   813  C  CG    . LYS C 3 21 ? -6.587  -9.853  -9.014  1.00 57.02 ? 27  LYS A CG    1 
ATOM   814  C  CD    . LYS C 3 21 ? -7.180  -9.667  -7.654  1.00 57.44 ? 27  LYS A CD    1 
ATOM   815  C  CE    . LYS C 3 21 ? -7.456  -10.977 -6.984  1.00 58.10 ? 27  LYS A CE    1 
ATOM   816  N  NZ    . LYS C 3 21 ? -7.335  -10.766 -5.510  1.00 58.70 ? 27  LYS A NZ    1 
ATOM   817  N  N     . LYS C 3 22 ? -7.108  -7.053  -11.535 1.00 58.75 ? 28  LYS A N     1 
ATOM   818  C  CA    . LYS C 3 22 ? -8.277  -6.724  -12.342 1.00 59.90 ? 28  LYS A CA    1 
ATOM   819  C  C     . LYS C 3 22 ? -8.002  -6.836  -13.833 1.00 59.91 ? 28  LYS A C     1 
ATOM   820  O  O     . LYS C 3 22 ? -8.873  -7.243  -14.596 1.00 60.59 ? 28  LYS A O     1 
ATOM   821  C  CB    . LYS C 3 22 ? -8.802  -5.321  -12.012 1.00 59.47 ? 28  LYS A CB    1 
ATOM   822  N  N     . LYS C 3 23 ? -6.784  -6.510  -14.248 1.00 61.18 ? 29  LYS A N     1 
ATOM   823  C  CA    . LYS C 3 23 ? -6.451  -6.585  -15.661 1.00 61.07 ? 29  LYS A CA    1 
ATOM   824  C  C     . LYS C 3 23 ? -5.796  -7.906  -16.042 1.00 61.98 ? 29  LYS A C     1 
ATOM   825  O  O     . LYS C 3 23 ? -5.640  -8.206  -17.225 1.00 62.03 ? 29  LYS A O     1 
ATOM   826  C  CB    . LYS C 3 23 ? -5.586  -5.400  -16.080 1.00 61.45 ? 29  LYS A CB    1 
ATOM   827  C  CG    . LYS C 3 23 ? -4.245  -5.339  -15.396 1.00 60.58 ? 29  LYS A CG    1 
ATOM   828  N  N     . HIS C 3 24 ? -5.417  -8.695  -15.042 1.00 61.57 ? 30  HIS A N     1 
ATOM   829  C  CA    . HIS C 3 24 ? -4.810  -10.003 -15.279 1.00 61.15 ? 30  HIS A CA    1 
ATOM   830  C  C     . HIS C 3 24 ? -5.295  -10.910 -14.142 1.00 61.52 ? 30  HIS A C     1 
ATOM   831  O  O     . HIS C 3 24 ? -4.530  -11.281 -13.246 1.00 62.36 ? 30  HIS A O     1 
ATOM   832  C  CB    . HIS C 3 24 ? -3.276  -9.903  -15.314 1.00 59.82 ? 30  HIS A CB    1 
ATOM   833  N  N     . PRO C 3 25 ? -6.587  -11.282 -14.172 1.00 61.50 ? 31  PRO A N     1 
ATOM   834  C  CA    . PRO C 3 25 ? -7.201  -12.139 -13.154 1.00 61.36 ? 31  PRO A CA    1 
ATOM   835  C  C     . PRO C 3 25 ? -6.682  -13.568 -13.231 1.00 61.11 ? 31  PRO A C     1 
ATOM   836  O  O     . PRO C 3 25 ? -7.217  -14.471 -12.598 1.00 60.37 ? 31  PRO A O     1 
ATOM   837  C  CB    . PRO C 3 25 ? -8.696  -12.076 -13.505 1.00 61.43 ? 31  PRO A CB    1 
ATOM   838  C  CG    . PRO C 3 25 ? -8.831  -10.872 -14.420 1.00 61.40 ? 31  PRO A CG    1 
ATOM   839  C  CD    . PRO C 3 25 ? -7.566  -10.967 -15.224 1.00 61.60 ? 31  PRO A CD    1 
ATOM   840  N  N     . ASP C 3 26 ? -5.643  -13.769 -14.024 1.00 61.79 ? 32  ASP A N     1 
ATOM   841  C  CA    . ASP C 3 26 ? -5.049  -15.089 -14.196 1.00 62.52 ? 32  ASP A CA    1 
ATOM   842  C  C     . ASP C 3 26 ? -3.793  -15.222 -13.312 1.00 63.25 ? 32  ASP A C     1 
ATOM   843  O  O     . ASP C 3 26 ? -3.273  -16.322 -13.089 1.00 63.26 ? 32  ASP A O     1 
ATOM   844  C  CB    . ASP C 3 26 ? -4.709  -15.289 -15.678 1.00 63.66 ? 32  ASP A CB    1 
ATOM   845  N  N     . ALA C 3 27 ? -3.384  -14.072 -12.775 1.00 63.76 ? 33  ALA A N     1 
ATOM   846  C  CA    . ALA C 3 27 ? -2.237  -13.832 -11.907 1.00 63.08 ? 33  ALA A CA    1 
ATOM   847  C  C     . ALA C 3 27 ? -1.564  -14.927 -11.099 1.00 63.85 ? 33  ALA A C     1 
ATOM   848  O  O     . ALA C 3 27 ? -2.139  -15.442 -10.137 1.00 64.59 ? 33  ALA A O     1 
ATOM   849  C  CB    . ALA C 3 27 ? -2.580  -12.701 -10.988 1.00 63.79 ? 33  ALA A CB    1 
ATOM   850  N  N     . SER C 3 28 ? -0.293  -15.171 -11.423 1.00 63.60 ? 34  SER A N     1 
ATOM   851  C  CA    . SER C 3 28 ? 0.542   -16.156 -10.728 1.00 64.88 ? 34  SER A CA    1 
ATOM   852  C  C     . SER C 3 28 ? 0.983   -15.485 -9.426  1.00 64.10 ? 34  SER A C     1 
ATOM   853  O  O     . SER C 3 28 ? 0.646   -15.946 -8.329  1.00 66.77 ? 34  SER A O     1 
ATOM   854  C  CB    . SER C 3 28 ? 1.779   -16.495 -11.569 1.00 64.64 ? 34  SER A CB    1 
ATOM   855  N  N     . VAL C 3 29 ? 1.719   -14.383 -9.572  1.00 61.32 ? 35  VAL A N     1 
ATOM   856  C  CA    . VAL C 3 29 ? 2.203   -13.586 -8.454  1.00 58.31 ? 35  VAL A CA    1 
ATOM   857  C  C     . VAL C 3 29 ? 3.256   -14.269 -7.562  1.00 56.46 ? 35  VAL A C     1 
ATOM   858  O  O     . VAL C 3 29 ? 2.942   -15.130 -6.741  1.00 56.40 ? 35  VAL A O     1 
ATOM   859  C  CB    . VAL C 3 29 ? 1.002   -13.059 -7.643  1.00 58.22 ? 35  VAL A CB    1 
ATOM   860  C  CG1   . VAL C 3 29 ? 1.438   -12.018 -6.644  1.00 58.47 ? 35  VAL A CG1   1 
ATOM   861  C  CG2   . VAL C 3 29 ? 0.000   -12.463 -8.590  1.00 57.50 ? 35  VAL A CG2   1 
ATOM   862  N  N     . ASN C 3 30 ? 4.517   -13.901 -7.773  1.00 54.01 ? 36  ASN A N     1 
ATOM   863  C  CA    . ASN C 3 30 ? 5.627   -14.442 -6.997  1.00 51.07 ? 36  ASN A CA    1 
ATOM   864  C  C     . ASN C 3 30 ? 6.110   -13.391 -6.011  1.00 49.35 ? 36  ASN A C     1 
ATOM   865  O  O     . ASN C 3 30 ? 6.503   -12.293 -6.395  1.00 49.71 ? 36  ASN A O     1 
ATOM   866  C  CB    . ASN C 3 30 ? 6.778   -14.898 -7.925  1.00 50.92 ? 36  ASN A CB    1 
ATOM   867  C  CG    . ASN C 3 30 ? 8.157   -14.948 -7.223  1.00 50.69 ? 36  ASN A CG    1 
ATOM   868  O  OD1   . ASN C 3 30 ? 9.034   -14.145 -7.517  1.00 50.31 ? 36  ASN A OD1   1 
ATOM   869  N  ND2   . ASN C 3 30 ? 8.349   -15.910 -6.331  1.00 51.80 ? 36  ASN A ND2   1 
ATOM   870  N  N     . PHE C 3 31 ? 6.037   -13.739 -4.737  1.00 47.87 ? 37  PHE A N     1 
ATOM   871  C  CA    . PHE C 3 31 ? 6.476   -12.895 -3.634  1.00 47.37 ? 37  PHE A CA    1 
ATOM   872  C  C     . PHE C 3 31 ? 7.669   -12.000 -3.952  1.00 46.70 ? 37  PHE A C     1 
ATOM   873  O  O     . PHE C 3 31 ? 7.636   -10.809 -3.717  1.00 47.94 ? 37  PHE A O     1 
ATOM   874  C  CB    . PHE C 3 31 ? 6.953   -13.803 -2.508  1.00 47.17 ? 37  PHE A CB    1 
ATOM   875  C  CG    . PHE C 3 31 ? 5.971   -14.015 -1.394  1.00 45.95 ? 37  PHE A CG    1 
ATOM   876  C  CD1   . PHE C 3 31 ? 4.741   -13.375 -1.353  1.00 43.44 ? 37  PHE A CD1   1 
ATOM   877  C  CD2   . PHE C 3 31 ? 6.345   -14.827 -0.336  1.00 44.56 ? 37  PHE A CD2   1 
ATOM   878  C  CE1   . PHE C 3 31 ? 3.925   -13.545 -0.274  1.00 42.83 ? 37  PHE A CE1   1 
ATOM   879  C  CE2   . PHE C 3 31 ? 5.539   -14.995 0.732   1.00 43.92 ? 37  PHE A CE2   1 
ATOM   880  C  CZ    . PHE C 3 31 ? 4.323   -14.353 0.773   1.00 43.80 ? 37  PHE A CZ    1 
ATOM   881  N  N     . SER C 3 32 ? 8.755   -12.613 -4.410  1.00 47.10 ? 38  SER A N     1 
ATOM   882  C  CA    . SER C 3 32 ? 9.984   -11.883 -4.697  1.00 45.87 ? 38  SER A CA    1 
ATOM   883  C  C     . SER C 3 32 ? 9.889   -10.980 -5.897  1.00 44.22 ? 38  SER A C     1 
ATOM   884  O  O     . SER C 3 32 ? 10.375  -9.849  -5.853  1.00 43.80 ? 38  SER A O     1 
ATOM   885  C  CB    . SER C 3 32 ? 11.152  -12.853 -4.901  1.00 47.81 ? 38  SER A CB    1 
ATOM   886  O  OG    . SER C 3 32 ? 12.399  -12.168 -4.958  1.00 50.43 ? 38  SER A OG    1 
ATOM   887  N  N     . GLU C 3 33 ? 9.289   -11.474 -6.974  1.00 41.78 ? 39  GLU A N     1 
ATOM   888  C  CA    . GLU C 3 33 ? 9.193   -10.656 -8.150  1.00 41.67 ? 39  GLU A CA    1 
ATOM   889  C  C     . GLU C 3 33 ? 8.072   -9.622  -8.126  1.00 40.16 ? 39  GLU A C     1 
ATOM   890  O  O     . GLU C 3 33 ? 8.161   -8.631  -8.836  1.00 43.20 ? 39  GLU A O     1 
ATOM   891  C  CB    . GLU C 3 33 ? 9.197   -11.487 -9.419  1.00 42.56 ? 39  GLU A CB    1 
ATOM   892  C  CG    . GLU C 3 33 ? 7.899   -12.141 -9.745  1.00 45.47 ? 39  GLU A CG    1 
ATOM   893  C  CD    . GLU C 3 33 ? 7.943   -12.821 -11.100 1.00 47.17 ? 39  GLU A CD    1 
ATOM   894  O  OE1   . GLU C 3 33 ? 8.706   -13.812 -11.240 1.00 48.28 ? 39  GLU A OE1   1 
ATOM   895  O  OE2   . GLU C 3 33 ? 7.222   -12.357 -12.020 1.00 47.99 ? 39  GLU A OE2   1 
ATOM   896  N  N     . PHE C 3 34 ? 7.055   -9.786  -7.291  1.00 36.57 ? 40  PHE A N     1 
ATOM   897  C  CA    . PHE C 3 34 ? 6.024   -8.757  -7.240  1.00 35.53 ? 40  PHE A CA    1 
ATOM   898  C  C     . PHE C 3 34 ? 6.547   -7.597  -6.403  1.00 36.66 ? 40  PHE A C     1 
ATOM   899  O  O     . PHE C 3 34 ? 6.228   -6.440  -6.667  1.00 38.42 ? 40  PHE A O     1 
ATOM   900  C  CB    . PHE C 3 34 ? 4.714   -9.266  -6.638  1.00 34.28 ? 40  PHE A CB    1 
ATOM   901  C  CG    . PHE C 3 34 ? 3.588   -8.256  -6.701  1.00 34.21 ? 40  PHE A CG    1 
ATOM   902  C  CD1   . PHE C 3 34 ? 2.860   -8.063  -7.875  1.00 33.21 ? 40  PHE A CD1   1 
ATOM   903  C  CD2   . PHE C 3 34 ? 3.275   -7.478  -5.594  1.00 34.20 ? 40  PHE A CD2   1 
ATOM   904  C  CE1   . PHE C 3 34 ? 1.845   -7.110  -7.938  1.00 32.23 ? 40  PHE A CE1   1 
ATOM   905  C  CE2   . PHE C 3 34 ? 2.262   -6.526  -5.648  1.00 33.14 ? 40  PHE A CE2   1 
ATOM   906  C  CZ    . PHE C 3 34 ? 1.551   -6.344  -6.817  1.00 33.28 ? 40  PHE A CZ    1 
ATOM   907  N  N     . SER C 3 35 ? 7.303   -7.934  -5.360  1.00 36.73 ? 41  SER A N     1 
ATOM   908  C  CA    . SER C 3 35 ? 7.925   -6.968  -4.449  1.00 36.49 ? 41  SER A CA    1 
ATOM   909  C  C     . SER C 3 35 ? 8.940   -6.140  -5.213  1.00 36.88 ? 41  SER A C     1 
ATOM   910  O  O     . SER C 3 35 ? 8.916   -4.914  -5.140  1.00 41.32 ? 41  SER A O     1 
ATOM   911  C  CB    . SER C 3 35 ? 8.661   -7.688  -3.304  1.00 36.02 ? 41  SER A CB    1 
ATOM   912  O  OG    . SER C 3 35 ? 9.444   -6.800  -2.515  1.00 32.87 ? 41  SER A OG    1 
ATOM   913  N  N     . LYS C 3 36 ? 9.860   -6.797  -5.913  1.00 36.25 ? 42  LYS A N     1 
ATOM   914  C  CA    . LYS C 3 36 ? 10.843  -6.056  -6.674  1.00 34.99 ? 42  LYS A CA    1 
ATOM   915  C  C     . LYS C 3 36 ? 10.200  -5.037  -7.592  1.00 35.54 ? 42  LYS A C     1 
ATOM   916  O  O     . LYS C 3 36 ? 10.401  -3.845  -7.406  1.00 37.80 ? 42  LYS A O     1 
ATOM   917  C  CB    . LYS C 3 36 ? 11.720  -6.980  -7.488  1.00 34.02 ? 42  LYS A CB    1 
ATOM   918  C  CG    . LYS C 3 36 ? 12.750  -7.661  -6.653  1.00 34.09 ? 42  LYS A CG    1 
ATOM   919  C  CD    . LYS C 3 36 ? 13.508  -8.695  -7.453  1.00 33.75 ? 42  LYS A CD    1 
ATOM   920  C  CE    . LYS C 3 36 ? 14.231  -9.635  -6.534  1.00 32.55 ? 42  LYS A CE    1 
ATOM   921  N  NZ    . LYS C 3 36 ? 14.935  -8.823  -5.525  1.00 34.33 ? 42  LYS A NZ    1 
ATOM   922  N  N     . LYS C 3 37 ? 9.323   -5.473  -8.491  1.00 35.90 ? 43  LYS A N     1 
ATOM   923  C  CA    . LYS C 3 37 ? 8.741   -4.528  -9.421  1.00 35.27 ? 43  LYS A CA    1 
ATOM   924  C  C     . LYS C 3 37 ? 7.832   -3.458  -8.851  1.00 35.78 ? 43  LYS A C     1 
ATOM   925  O  O     . LYS C 3 37 ? 7.670   -2.412  -9.464  1.00 35.49 ? 43  LYS A O     1 
ATOM   926  C  CB    . LYS C 3 37 ? 8.145   -5.227  -10.617 1.00 34.70 ? 43  LYS A CB    1 
ATOM   927  C  CG    . LYS C 3 37 ? 6.897   -5.926  -10.327 1.00 37.20 ? 43  LYS A CG    1 
ATOM   928  C  CD    . LYS C 3 37 ? 6.797   -7.200  -11.124 1.00 38.61 ? 43  LYS A CD    1 
ATOM   929  C  CE    . LYS C 3 37 ? 7.386   -7.062  -12.502 1.00 38.88 ? 43  LYS A CE    1 
ATOM   930  N  NZ    . LYS C 3 37 ? 8.809   -7.485  -12.513 1.00 40.32 ? 43  LYS A NZ    1 
ATOM   931  N  N     . CYS C 3 38 ? 7.270   -3.684  -7.670  1.00 36.03 ? 44  CYS A N     1 
ATOM   932  C  CA    . CYS C 3 38 ? 6.439   -2.658  -7.033  1.00 36.86 ? 44  CYS A CA    1 
ATOM   933  C  C     . CYS C 3 38 ? 7.387   -1.602  -6.532  1.00 36.55 ? 44  CYS A C     1 
ATOM   934  O  O     . CYS C 3 38 ? 7.108   -0.418  -6.618  1.00 38.34 ? 44  CYS A O     1 
ATOM   935  C  CB    . CYS C 3 38 ? 5.679   -3.192  -5.826  1.00 36.63 ? 44  CYS A CB    1 
ATOM   936  S  SG    . CYS C 3 38 ? 4.103   -3.903  -6.201  1.00 39.96 ? 44  CYS A SG    1 
ATOM   937  N  N     . SER C 3 39 ? 8.510   -2.033  -5.976  1.00 37.53 ? 45  SER A N     1 
ATOM   938  C  CA    . SER C 3 39 ? 9.461   -1.069  -5.469  1.00 37.80 ? 45  SER A CA    1 
ATOM   939  C  C     . SER C 3 39 ? 10.303  -0.449  -6.573  1.00 36.64 ? 45  SER A C     1 
ATOM   940  O  O     . SER C 3 39 ? 10.917  0.584   -6.339  1.00 38.23 ? 45  SER A O     1 
ATOM   941  C  CB    . SER C 3 39 ? 10.339  -1.667  -4.375  1.00 39.05 ? 45  SER A CB    1 
ATOM   942  O  OG    . SER C 3 39 ? 11.317  -2.534  -4.912  1.00 41.22 ? 45  SER A OG    1 
ATOM   943  N  N     . GLU C 3 40 ? 10.338  -1.070  -7.755  1.00 35.73 ? 46  GLU A N     1 
ATOM   944  C  CA    . GLU C 3 40 ? 11.081  -0.517  -8.891  1.00 35.38 ? 46  GLU A CA    1 
ATOM   945  C  C     . GLU C 3 40 ? 10.235  0.600   -9.464  1.00 36.49 ? 46  GLU A C     1 
ATOM   946  O  O     . GLU C 3 40 ? 10.751  1.589   -10.004 1.00 36.61 ? 46  GLU A O     1 
ATOM   947  C  CB    . GLU C 3 40 ? 11.325  -1.573  -9.963  1.00 35.29 ? 46  GLU A CB    1 
ATOM   948  C  CG    . GLU C 3 40 ? 12.540  -2.439  -9.688  1.00 37.54 ? 46  GLU A CG    1 
ATOM   949  C  CD    . GLU C 3 40 ? 12.497  -3.806  -10.370 1.00 39.99 ? 46  GLU A CD    1 
ATOM   950  O  OE1   . GLU C 3 40 ? 11.539  -4.110  -11.124 1.00 40.86 ? 46  GLU A OE1   1 
ATOM   951  O  OE2   . GLU C 3 40 ? 13.435  -4.603  -10.135 1.00 41.73 ? 46  GLU A OE2   1 
ATOM   952  N  N     . ARG C 3 41 ? 8.921   0.442   -9.286  1.00 37.89 ? 47  ARG A N     1 
ATOM   953  C  CA    . ARG C 3 41 ? 7.915   1.401   -9.735  1.00 36.82 ? 47  ARG A CA    1 
ATOM   954  C  C     . ARG C 3 41 ? 7.771   2.581   -8.769  1.00 34.52 ? 47  ARG A C     1 
ATOM   955  O  O     . ARG C 3 41 ? 7.593   3.713   -9.195  1.00 37.50 ? 47  ARG A O     1 
ATOM   956  C  CB    . ARG C 3 41 ? 6.567   0.696   -9.903  1.00 36.78 ? 47  ARG A CB    1 
ATOM   957  C  CG    . ARG C 3 41 ? 5.434   1.649   -10.139 1.00 38.51 ? 47  ARG A CG    1 
ATOM   958  C  CD    . ARG C 3 41 ? 4.150   0.939   -10.378 1.00 39.56 ? 47  ARG A CD    1 
ATOM   959  N  NE    . ARG C 3 41 ? 3.138   1.888   -10.812 1.00 42.11 ? 47  ARG A NE    1 
ATOM   960  C  CZ    . ARG C 3 41 ? 1.910   1.552   -11.192 1.00 43.22 ? 47  ARG A CZ    1 
ATOM   961  N  NH1   . ARG C 3 41 ? 1.529   0.280   -11.189 1.00 43.94 ? 47  ARG A NH1   1 
ATOM   962  N  NH2   . ARG C 3 41 ? 1.057   2.494   -11.570 1.00 44.01 ? 47  ARG A NH2   1 
ATOM   963  N  N     . TRP C 3 42 ? 7.879   2.304   -7.474  1.00 33.41 ? 48  TRP A N     1 
ATOM   964  C  CA    . TRP C 3 42 ? 7.756   3.303   -6.429  1.00 32.04 ? 48  TRP A CA    1 
ATOM   965  C  C     . TRP C 3 42 ? 8.854   4.355   -6.568  1.00 34.22 ? 48  TRP A C     1 
ATOM   966  O  O     . TRP C 3 42 ? 8.709   5.505   -6.155  1.00 36.92 ? 48  TRP A O     1 
ATOM   967  C  CB    . TRP C 3 42 ? 7.863   2.583   -5.100  1.00 30.55 ? 48  TRP A CB    1 
ATOM   968  C  CG    . TRP C 3 42 ? 7.622   3.417   -3.925  1.00 30.24 ? 48  TRP A CG    1 
ATOM   969  C  CD1   . TRP C 3 42 ? 8.467   3.616   -2.880  1.00 30.43 ? 48  TRP A CD1   1 
ATOM   970  C  CD2   . TRP C 3 42 ? 6.419   4.121   -3.615  1.00 31.09 ? 48  TRP A CD2   1 
ATOM   971  N  NE1   . TRP C 3 42 ? 7.864   4.393   -1.921  1.00 31.63 ? 48  TRP A NE1   1 
ATOM   972  C  CE2   . TRP C 3 42 ? 6.603   4.720   -2.351  1.00 31.58 ? 48  TRP A CE2   1 
ATOM   973  C  CE3   . TRP C 3 42 ? 5.200   4.305   -4.281  1.00 32.40 ? 48  TRP A CE3   1 
ATOM   974  C  CZ2   . TRP C 3 42 ? 5.607   5.491   -1.738  1.00 31.95 ? 48  TRP A CZ2   1 
ATOM   975  C  CZ3   . TRP C 3 42 ? 4.217   5.066   -3.674  1.00 31.65 ? 48  TRP A CZ3   1 
ATOM   976  C  CH2   . TRP C 3 42 ? 4.428   5.650   -2.414  1.00 31.12 ? 48  TRP A CH2   1 
ATOM   977  N  N     . LYS C 3 43 ? 9.960   3.939   -7.170  1.00 36.69 ? 49  LYS A N     1 
ATOM   978  C  CA    . LYS C 3 43 ? 11.114  4.798   -7.401  1.00 36.35 ? 49  LYS A CA    1 
ATOM   979  C  C     . LYS C 3 43 ? 10.855  5.799   -8.469  1.00 36.77 ? 49  LYS A C     1 
ATOM   980  O  O     . LYS C 3 43 ? 11.345  6.912   -8.393  1.00 37.62 ? 49  LYS A O     1 
ATOM   981  C  CB    . LYS C 3 43 ? 12.264  3.980   -7.912  1.00 36.50 ? 49  LYS A CB    1 
ATOM   982  C  CG    . LYS C 3 43 ? 12.990  3.274   -6.884  1.00 37.26 ? 49  LYS A CG    1 
ATOM   983  C  CD    . LYS C 3 43 ? 14.106  2.607   -7.551  1.00 37.98 ? 49  LYS A CD    1 
ATOM   984  C  CE    . LYS C 3 43 ? 14.870  1.820   -6.557  1.00 41.15 ? 49  LYS A CE    1 
ATOM   985  N  NZ    . LYS C 3 43 ? 15.981  1.141   -7.266  1.00 44.95 ? 49  LYS A NZ    1 
ATOM   986  N  N     . THR C 3 44 ? 10.209  5.344   -9.537  1.00 37.98 ? 50  THR A N     1 
ATOM   987  C  CA    . THR C 3 44 ? 9.914   6.204   -10.663 1.00 38.78 ? 50  THR A CA    1 
ATOM   988  C  C     . THR C 3 44 ? 8.696   7.078   -10.419 1.00 40.56 ? 50  THR A C     1 
ATOM   989  O  O     . THR C 3 44 ? 8.197   7.714   -11.344 1.00 41.95 ? 50  THR A O     1 
ATOM   990  C  CB    . THR C 3 44 ? 9.693   5.395   -11.939 1.00 39.24 ? 50  THR A CB    1 
ATOM   991  O  OG1   . THR C 3 44 ? 8.449   4.697   -11.853 1.00 39.37 ? 50  THR A OG1   1 
ATOM   992  C  CG2   . THR C 3 44 ? 10.806  4.391   -12.133 1.00 39.26 ? 50  THR A CG2   1 
ATOM   993  N  N     . MET C 3 45 ? 8.205   7.102   -9.189  1.00 42.06 ? 51  MET A N     1 
ATOM   994  C  CA    . MET C 3 45 ? 7.047   7.913   -8.869  1.00 44.80 ? 51  MET A CA    1 
ATOM   995  C  C     . MET C 3 45 ? 7.484   9.206   -8.216  1.00 46.52 ? 51  MET A C     1 
ATOM   996  O  O     . MET C 3 45 ? 8.496   9.248   -7.520  1.00 48.43 ? 51  MET A O     1 
ATOM   997  C  CB    . MET C 3 45 ? 6.090   7.152   -7.968  1.00 44.17 ? 51  MET A CB    1 
ATOM   998  C  CG    . MET C 3 45 ? 5.309   6.083   -8.705  1.00 43.76 ? 51  MET A CG    1 
ATOM   999  S  SD    . MET C 3 45 ? 4.270   5.149   -7.594  1.00 44.79 ? 51  MET A SD    1 
ATOM   1000 C  CE    . MET C 3 45 ? 3.201   6.420   -6.981  1.00 43.32 ? 51  MET A CE    1 
ATOM   1001 N  N     . SER C 3 46 ? 6.697   10.258  -8.414  1.00 49.19 ? 52  SER A N     1 
ATOM   1002 C  CA    . SER C 3 46 ? 7.049   11.563  -7.885  1.00 50.50 ? 52  SER A CA    1 
ATOM   1003 C  C     . SER C 3 46 ? 6.359   11.923  -6.620  1.00 51.99 ? 52  SER A C     1 
ATOM   1004 O  O     . SER C 3 46 ? 5.280   11.441  -6.353  1.00 52.61 ? 52  SER A O     1 
ATOM   1005 C  CB    . SER C 3 46 ? 6.832   12.646  -8.921  1.00 51.01 ? 52  SER A CB    1 
ATOM   1006 O  OG    . SER C 3 46 ? 5.871   12.230  -9.862  1.00 51.65 ? 52  SER A OG    1 
ATOM   1007 N  N     . ALA C 3 47 ? 6.970   12.853  -5.898  1.00 54.72 ? 53  ALA A N     1 
ATOM   1008 C  CA    . ALA C 3 47 ? 6.501   13.306  -4.595  1.00 56.90 ? 53  ALA A CA    1 
ATOM   1009 C  C     . ALA C 3 47 ? 5.012   13.456  -4.447  1.00 57.30 ? 53  ALA A C     1 
ATOM   1010 O  O     . ALA C 3 47 ? 4.493   13.393  -3.328  1.00 58.07 ? 53  ALA A O     1 
ATOM   1011 C  CB    . ALA C 3 47 ? 7.202   14.589  -4.187  1.00 58.35 ? 53  ALA A CB    1 
ATOM   1012 N  N     . LYS C 3 48 ? 4.319   13.663  -5.560  1.00 59.09 ? 54  LYS A N     1 
ATOM   1013 C  CA    . LYS C 3 48 ? 2.875   13.789  -5.479  1.00 61.38 ? 54  LYS A CA    1 
ATOM   1014 C  C     . LYS C 3 48 ? 2.106   12.727  -6.244  1.00 60.88 ? 54  LYS A C     1 
ATOM   1015 O  O     . LYS C 3 48 ? 0.875   12.717  -6.212  1.00 63.23 ? 54  LYS A O     1 
ATOM   1016 C  CB    . LYS C 3 48 ? 2.398   15.203  -5.789  1.00 62.14 ? 54  LYS A CB    1 
ATOM   1017 C  CG    . LYS C 3 48 ? 1.954   15.959  -4.525  1.00 64.54 ? 54  LYS A CG    1 
ATOM   1018 C  CD    . LYS C 3 48 ? 3.064   16.021  -3.467  1.00 65.36 ? 54  LYS A CD    1 
ATOM   1019 C  CE    . LYS C 3 48 ? 3.655   17.425  -3.307  1.00 67.28 ? 54  LYS A CE    1 
ATOM   1020 N  NZ    . LYS C 3 48 ? 2.790   18.352  -2.489  1.00 67.62 ? 54  LYS A NZ    1 
ATOM   1021 N  N     . GLU C 3 49 ? 2.825   11.890  -6.998  1.00 60.09 ? 55  GLU A N     1 
ATOM   1022 C  CA    . GLU C 3 49 ? 2.202   10.740  -7.661  1.00 58.02 ? 55  GLU A CA    1 
ATOM   1023 C  C     . GLU C 3 49 ? 2.016   9.790   -6.476  1.00 56.84 ? 55  GLU A C     1 
ATOM   1024 O  O     . GLU C 3 49 ? 1.102   8.976   -6.456  1.00 56.16 ? 55  GLU A O     1 
ATOM   1025 C  CB    . GLU C 3 49 ? 3.145   10.092  -8.665  1.00 58.06 ? 55  GLU A CB    1 
ATOM   1026 C  CG    . GLU C 3 49 ? 3.159   10.756  -10.013 1.00 59.90 ? 55  GLU A CG    1 
ATOM   1027 C  CD    . GLU C 3 49 ? 3.938   9.962   -11.044 1.00 60.20 ? 55  GLU A CD    1 
ATOM   1028 O  OE1   . GLU C 3 49 ? 5.183   10.051  -11.071 1.00 60.57 ? 55  GLU A OE1   1 
ATOM   1029 O  OE2   . GLU C 3 49 ? 3.301   9.237   -11.829 1.00 60.37 ? 55  GLU A OE2   1 
ATOM   1030 N  N     . LYS C 3 50 ? 2.897   9.961   -5.484  1.00 54.83 ? 56  LYS A N     1 
ATOM   1031 C  CA    . LYS C 3 50 ? 2.930   9.213   -4.236  1.00 53.13 ? 56  LYS A CA    1 
ATOM   1032 C  C     . LYS C 3 50 ? 1.934   9.749   -3.251  1.00 52.55 ? 56  LYS A C     1 
ATOM   1033 O  O     . LYS C 3 50 ? 1.470   9.003   -2.394  1.00 54.00 ? 56  LYS A O     1 
ATOM   1034 C  CB    . LYS C 3 50 ? 4.281   9.363   -3.556  1.00 53.73 ? 56  LYS A CB    1 
ATOM   1035 C  CG    . LYS C 3 50 ? 5.383   8.617   -4.207  1.00 53.73 ? 56  LYS A CG    1 
ATOM   1036 C  CD    . LYS C 3 50 ? 6.635   8.618   -3.352  1.00 54.05 ? 56  LYS A CD    1 
ATOM   1037 C  CE    . LYS C 3 50 ? 7.720   7.858   -4.097  1.00 53.44 ? 56  LYS A CE    1 
ATOM   1038 N  NZ    . LYS C 3 50 ? 9.036   7.873   -3.419  1.00 55.43 ? 56  LYS A NZ    1 
ATOM   1039 N  N     . GLY C 3 51 ? 1.702   11.064  -3.310  1.00 51.17 ? 57  GLY A N     1 
ATOM   1040 C  CA    . GLY C 3 51 ? 0.783   11.744  -2.397  1.00 48.39 ? 57  GLY A CA    1 
ATOM   1041 C  C     . GLY C 3 51 ? -0.544  11.053  -2.136  1.00 46.47 ? 57  GLY A C     1 
ATOM   1042 O  O     . GLY C 3 51 ? -1.041  11.013  -1.005  1.00 47.69 ? 57  GLY A O     1 
ATOM   1043 N  N     . LYS C 3 52 ? -1.111  10.504  -3.204  1.00 44.31 ? 58  LYS A N     1 
ATOM   1044 C  CA    . LYS C 3 52 ? -2.364  9.776   -3.164  1.00 40.77 ? 58  LYS A CA    1 
ATOM   1045 C  C     . LYS C 3 52 ? -2.309  8.691   -2.093  1.00 41.04 ? 58  LYS A C     1 
ATOM   1046 O  O     . LYS C 3 52 ? -3.315  8.412   -1.442  1.00 42.32 ? 58  LYS A O     1 
ATOM   1047 C  CB    . LYS C 3 52 ? -2.566  9.149   -4.536  1.00 39.75 ? 58  LYS A CB    1 
ATOM   1048 C  CG    . LYS C 3 52 ? -3.541  8.026   -4.623  1.00 39.15 ? 58  LYS A CG    1 
ATOM   1049 C  CD    . LYS C 3 52 ? -3.373  7.390   -5.978  1.00 40.12 ? 58  LYS A CD    1 
ATOM   1050 C  CE    . LYS C 3 52 ? -4.220  6.148   -6.118  1.00 40.91 ? 58  LYS A CE    1 
ATOM   1051 N  NZ    . LYS C 3 52 ? -3.937  5.467   -7.434  1.00 43.15 ? 58  LYS A NZ    1 
ATOM   1052 N  N     . PHE C 3 53 ? -1.103  8.152   -1.868  1.00 38.04 ? 59  PHE A N     1 
ATOM   1053 C  CA    . PHE C 3 53 ? -0.858  7.062   -0.913  1.00 34.15 ? 59  PHE A CA    1 
ATOM   1054 C  C     . PHE C 3 53 ? -0.415  7.456   0.480   1.00 35.71 ? 59  PHE A C     1 
ATOM   1055 O  O     . PHE C 3 53 ? -0.621  6.717   1.442   1.00 36.87 ? 59  PHE A O     1 
ATOM   1056 C  CB    . PHE C 3 53 ? 0.126   6.078   -1.518  1.00 26.58 ? 59  PHE A CB    1 
ATOM   1057 C  CG    . PHE C 3 53 ? -0.366  5.473   -2.776  1.00 21.75 ? 59  PHE A CG    1 
ATOM   1058 C  CD1   . PHE C 3 53 ? -1.363  4.513   -2.747  1.00 19.64 ? 59  PHE A CD1   1 
ATOM   1059 C  CD2   . PHE C 3 53 ? 0.150   5.858   -3.993  1.00 20.45 ? 59  PHE A CD2   1 
ATOM   1060 C  CE1   . PHE C 3 53 ? -1.834  3.942   -3.913  1.00 19.08 ? 59  PHE A CE1   1 
ATOM   1061 C  CE2   . PHE C 3 53 ? -0.322  5.283   -5.170  1.00 19.96 ? 59  PHE A CE2   1 
ATOM   1062 C  CZ    . PHE C 3 53 ? -1.310  4.328   -5.128  1.00 18.52 ? 59  PHE A CZ    1 
ATOM   1063 N  N     . GLU C 3 54 ? 0.212   8.613   0.596   1.00 38.57 ? 60  GLU A N     1 
ATOM   1064 C  CA    . GLU C 3 54 ? 0.643   9.071   1.899   1.00 41.65 ? 60  GLU A CA    1 
ATOM   1065 C  C     . GLU C 3 54 ? -0.580  9.539   2.637   1.00 42.64 ? 60  GLU A C     1 
ATOM   1066 O  O     . GLU C 3 54 ? -0.654  9.471   3.869   1.00 44.36 ? 60  GLU A O     1 
ATOM   1067 C  CB    . GLU C 3 54 ? 1.639   10.197  1.756   1.00 44.10 ? 60  GLU A CB    1 
ATOM   1068 C  CG    . GLU C 3 54 ? 3.026   9.675   1.474   1.00 48.57 ? 60  GLU A CG    1 
ATOM   1069 C  CD    . GLU C 3 54 ? 3.710   10.393  0.322   1.00 51.62 ? 60  GLU A CD    1 
ATOM   1070 O  OE1   . GLU C 3 54 ? 3.620   11.647  0.276   1.00 53.08 ? 60  GLU A OE1   1 
ATOM   1071 O  OE2   . GLU C 3 54 ? 4.343   9.705   -0.529  1.00 53.30 ? 60  GLU A OE2   1 
ATOM   1072 N  N     . ASP C 3 55 ? -1.552  9.992   1.854   1.00 42.31 ? 61  ASP A N     1 
ATOM   1073 C  CA    . ASP C 3 55 ? -2.814  10.459  2.378   1.00 41.78 ? 61  ASP A CA    1 
ATOM   1074 C  C     . ASP C 3 55 ? -3.527  9.274   2.990   1.00 39.72 ? 61  ASP A C     1 
ATOM   1075 O  O     . ASP C 3 55 ? -4.014  9.362   4.120   1.00 40.20 ? 61  ASP A O     1 
ATOM   1076 C  CB    . ASP C 3 55 ? -3.662  11.040  1.250   1.00 44.16 ? 61  ASP A CB    1 
ATOM   1077 C  CG    . ASP C 3 55 ? -3.314  12.489  0.931   1.00 45.95 ? 61  ASP A CG    1 
ATOM   1078 O  OD1   . ASP C 3 55 ? -2.646  13.172  1.764   1.00 46.86 ? 61  ASP A OD1   1 
ATOM   1079 O  OD2   . ASP C 3 55 ? -3.737  12.943  -0.160  1.00 46.18 ? 61  ASP A OD2   1 
ATOM   1080 N  N     . MET C 3 56 ? -3.562  8.161   2.251   1.00 37.99 ? 62  MET A N     1 
ATOM   1081 C  CA    . MET C 3 56 ? -4.214  6.942   2.730   1.00 35.38 ? 62  MET A CA    1 
ATOM   1082 C  C     . MET C 3 56 ? -3.530  6.470   3.998   1.00 36.94 ? 62  MET A C     1 
ATOM   1083 O  O     . MET C 3 56 ? -4.163  5.860   4.856   1.00 39.85 ? 62  MET A O     1 
ATOM   1084 C  CB    . MET C 3 56 ? -4.124  5.811   1.713   1.00 33.53 ? 62  MET A CB    1 
ATOM   1085 C  CG    . MET C 3 56 ? -4.468  6.139   0.305   1.00 31.68 ? 62  MET A CG    1 
ATOM   1086 S  SD    . MET C 3 56 ? -4.441  4.617   -0.636  1.00 33.39 ? 62  MET A SD    1 
ATOM   1087 C  CE    . MET C 3 56 ? -5.101  5.130   -2.192  1.00 31.39 ? 62  MET A CE    1 
ATOM   1088 N  N     . ALA C 3 57 ? -2.226  6.712   4.092   1.00 37.95 ? 63  ALA A N     1 
ATOM   1089 C  CA    . ALA C 3 57 ? -1.451  6.320   5.258   1.00 38.67 ? 63  ALA A CA    1 
ATOM   1090 C  C     . ALA C 3 57 ? -1.713  7.221   6.456   1.00 39.87 ? 63  ALA A C     1 
ATOM   1091 O  O     . ALA C 3 57 ? -1.769  6.741   7.593   1.00 39.69 ? 63  ALA A O     1 
ATOM   1092 C  CB    . ALA C 3 57 ? -0.014  6.344   4.921   1.00 38.70 ? 63  ALA A CB    1 
ATOM   1093 N  N     . LYS C 3 58 ? -1.833  8.529   6.203   1.00 39.76 ? 64  LYS A N     1 
ATOM   1094 C  CA    . LYS C 3 58 ? -2.102  9.525   7.255   1.00 40.20 ? 64  LYS A CA    1 
ATOM   1095 C  C     . LYS C 3 58 ? -3.471  9.259   7.876   1.00 40.78 ? 64  LYS A C     1 
ATOM   1096 O  O     . LYS C 3 58 ? -3.693  9.513   9.065   1.00 40.15 ? 64  LYS A O     1 
ATOM   1097 C  CB    . LYS C 3 58 ? -2.076  10.938  6.671   1.00 40.00 ? 64  LYS A CB    1 
ATOM   1098 N  N     . ALA C 3 59 ? -4.362  8.723   7.041   1.00 38.30 ? 65  ALA A N     1 
ATOM   1099 C  CA    . ALA C 3 59 ? -5.713  8.376   7.421   1.00 38.07 ? 65  ALA A CA    1 
ATOM   1100 C  C     . ALA C 3 59 ? -5.679  7.162   8.307   1.00 37.90 ? 65  ALA A C     1 
ATOM   1101 O  O     . ALA C 3 59 ? -6.290  7.140   9.375   1.00 39.27 ? 65  ALA A O     1 
ATOM   1102 C  CB    . ALA C 3 59 ? -6.518  8.078   6.191   1.00 37.97 ? 65  ALA A CB    1 
ATOM   1103 N  N     . ASP C 3 60 ? -4.949  6.149   7.861   1.00 38.08 ? 66  ASP A N     1 
ATOM   1104 C  CA    . ASP C 3 60 ? -4.829  4.919   8.618   1.00 37.63 ? 66  ASP A CA    1 
ATOM   1105 C  C     . ASP C 3 60 ? -3.966  5.105   9.865   1.00 38.64 ? 66  ASP A C     1 
ATOM   1106 O  O     . ASP C 3 60 ? -3.967  4.270   10.775  1.00 38.61 ? 66  ASP A O     1 
ATOM   1107 C  CB    . ASP C 3 60 ? -4.271  3.826   7.742   1.00 37.37 ? 66  ASP A CB    1 
ATOM   1108 C  CG    . ASP C 3 60 ? -4.462  2.492   8.340   1.00 36.50 ? 66  ASP A CG    1 
ATOM   1109 O  OD1   . ASP C 3 60 ? -5.553  1.937   8.144   1.00 38.12 ? 66  ASP A OD1   1 
ATOM   1110 O  OD2   . ASP C 3 60 ? -3.549  2.010   9.030   1.00 36.49 ? 66  ASP A OD2   1 
ATOM   1111 N  N     . LYS C 3 61 ? -3.220  6.200   9.895   1.00 40.59 ? 67  LYS A N     1 
ATOM   1112 C  CA    . LYS C 3 61 ? -2.398  6.523   11.043  1.00 42.95 ? 67  LYS A CA    1 
ATOM   1113 C  C     . LYS C 3 61 ? -3.354  6.987   12.142  1.00 44.24 ? 67  LYS A C     1 
ATOM   1114 O  O     . LYS C 3 61 ? -3.250  6.564   13.303  1.00 45.18 ? 67  LYS A O     1 
ATOM   1115 C  CB    . LYS C 3 61 ? -1.447  7.652   10.684  1.00 44.86 ? 67  LYS A CB    1 
ATOM   1116 C  CG    . LYS C 3 61 ? -0.473  8.008   11.796  1.00 46.68 ? 67  LYS A CG    1 
ATOM   1117 C  CD    . LYS C 3 61 ? 0.346   9.252   11.448  1.00 46.84 ? 67  LYS A CD    1 
ATOM   1118 C  CE    . LYS C 3 61 ? 1.335   9.552   12.559  1.00 47.31 ? 67  LYS A CE    1 
ATOM   1119 N  NZ    . LYS C 3 61 ? 0.661   9.510   13.896  1.00 47.52 ? 67  LYS A NZ    1 
ATOM   1120 N  N     . ALA C 3 62 ? -4.307  7.838   11.742  1.00 45.44 ? 68  ALA A N     1 
ATOM   1121 C  CA    . ALA C 3 62 ? -5.332  8.392   12.631  1.00 44.45 ? 68  ALA A CA    1 
ATOM   1122 C  C     . ALA C 3 62 ? -6.254  7.288   13.113  1.00 43.72 ? 68  ALA A C     1 
ATOM   1123 O  O     . ALA C 3 62 ? -6.752  7.312   14.228  1.00 43.65 ? 68  ALA A O     1 
ATOM   1124 C  CB    . ALA C 3 62 ? -6.128  9.442   11.899  1.00 45.52 ? 68  ALA A CB    1 
ATOM   1125 N  N     . ARG C 3 63 ? -6.442  6.295   12.269  1.00 43.59 ? 69  ARG A N     1 
ATOM   1126 C  CA    . ARG C 3 63 ? -7.282  5.185   12.624  1.00 46.31 ? 69  ARG A CA    1 
ATOM   1127 C  C     . ARG C 3 63 ? -6.692  4.412   13.784  1.00 47.73 ? 69  ARG A C     1 
ATOM   1128 O  O     . ARG C 3 63 ? -7.394  4.099   14.742  1.00 48.59 ? 69  ARG A O     1 
ATOM   1129 C  CB    . ARG C 3 63 ? -7.430  4.253   11.431  1.00 46.17 ? 69  ARG A CB    1 
ATOM   1130 C  CG    . ARG C 3 63 ? -8.487  3.203   11.605  1.00 46.71 ? 69  ARG A CG    1 
ATOM   1131 C  CD    . ARG C 3 63 ? -7.982  1.869   11.141  1.00 48.21 ? 69  ARG A CD    1 
ATOM   1132 N  NE    . ARG C 3 63 ? -6.928  1.348   12.022  1.00 49.05 ? 69  ARG A NE    1 
ATOM   1133 C  CZ    . ARG C 3 63 ? -5.809  0.768   11.591  1.00 48.25 ? 69  ARG A CZ    1 
ATOM   1134 N  NH1   . ARG C 3 63 ? -5.595  0.648   10.294  1.00 48.56 ? 69  ARG A NH1   1 
ATOM   1135 N  NH2   . ARG C 3 63 ? -4.908  0.307   12.444  1.00 46.05 ? 69  ARG A NH2   1 
ATOM   1136 N  N     . TYR C 3 64 ? -5.392  4.139   13.700  1.00 49.38 ? 70  TYR A N     1 
ATOM   1137 C  CA    . TYR C 3 64 ? -4.682  3.352   14.710  1.00 51.05 ? 70  TYR A CA    1 
ATOM   1138 C  C     . TYR C 3 64 ? -4.767  3.952   16.097  1.00 52.69 ? 70  TYR A C     1 
ATOM   1139 O  O     . TYR C 3 64 ? -5.035  3.256   17.080  1.00 51.40 ? 70  TYR A O     1 
ATOM   1140 C  CB    . TYR C 3 64 ? -3.209  3.187   14.311  1.00 50.36 ? 70  TYR A CB    1 
ATOM   1141 C  CG    . TYR C 3 64 ? -2.411  2.303   15.242  1.00 49.88 ? 70  TYR A CG    1 
ATOM   1142 C  CD1   . TYR C 3 64 ? -2.596  0.923   15.253  1.00 49.77 ? 70  TYR A CD1   1 
ATOM   1143 C  CD2   . TYR C 3 64 ? -1.488  2.848   16.128  1.00 50.58 ? 70  TYR A CD2   1 
ATOM   1144 C  CE1   . TYR C 3 64 ? -1.884  0.105   16.117  1.00 49.83 ? 70  TYR A CE1   1 
ATOM   1145 C  CE2   . TYR C 3 64 ? -0.766  2.040   17.006  1.00 50.51 ? 70  TYR A CE2   1 
ATOM   1146 C  CZ    . TYR C 3 64 ? -0.969  0.666   16.995  1.00 50.27 ? 70  TYR A CZ    1 
ATOM   1147 O  OH    . TYR C 3 64 ? -0.243  -0.150  17.844  1.00 50.37 ? 70  TYR A OH    1 
ATOM   1148 N  N     . GLU C 3 65 ? -4.499  5.249   16.157  1.00 54.59 ? 71  GLU A N     1 
ATOM   1149 C  CA    . GLU C 3 65 ? -4.522  6.001   17.402  1.00 57.33 ? 71  GLU A CA    1 
ATOM   1150 C  C     . GLU C 3 65 ? -5.911  5.948   18.042  1.00 59.48 ? 71  GLU A C     1 
ATOM   1151 O  O     . GLU C 3 65 ? -6.053  5.692   19.242  1.00 59.52 ? 71  GLU A O     1 
ATOM   1152 C  CB    . GLU C 3 65 ? -4.101  7.445   17.109  1.00 57.13 ? 71  GLU A CB    1 
ATOM   1153 C  CG    . GLU C 3 65 ? -2.693  7.530   16.530  1.00 57.37 ? 71  GLU A CG    1 
ATOM   1154 C  CD    . GLU C 3 65 ? -2.370  8.856   15.869  1.00 57.37 ? 71  GLU A CD    1 
ATOM   1155 O  OE1   . GLU C 3 65 ? -3.144  9.309   15.005  1.00 57.45 ? 71  GLU A OE1   1 
ATOM   1156 O  OE2   . GLU C 3 65 ? -1.314  9.435   16.185  1.00 57.83 ? 71  GLU A OE2   1 
ATOM   1157 N  N     . ARG C 3 66 ? -6.925  6.100   17.197  1.00 61.12 ? 72  ARG A N     1 
ATOM   1158 C  CA    . ARG C 3 66 ? -8.322  6.090   17.603  1.00 62.62 ? 72  ARG A CA    1 
ATOM   1159 C  C     . ARG C 3 66 ? -8.769  4.745   18.177  1.00 62.93 ? 72  ARG A C     1 
ATOM   1160 O  O     . ARG C 3 66 ? -9.597  4.693   19.090  1.00 63.14 ? 72  ARG A O     1 
ATOM   1161 C  CB    . ARG C 3 66 ? -9.173  6.457   16.395  1.00 62.85 ? 72  ARG A CB    1 
ATOM   1162 C  CG    . ARG C 3 66 ? -10.440 7.215   16.710  1.00 63.35 ? 72  ARG A CG    1 
ATOM   1163 C  CD    . ARG C 3 66 ? -11.639 6.339   16.490  1.00 62.42 ? 72  ARG A CD    1 
ATOM   1164 N  NE    . ARG C 3 66 ? -11.580 5.701   15.185  1.00 60.53 ? 72  ARG A NE    1 
ATOM   1165 C  CZ    . ARG C 3 66 ? -11.694 4.394   15.011  1.00 60.71 ? 72  ARG A CZ    1 
ATOM   1166 N  NH1   . ARG C 3 66 ? -11.896 3.607   16.055  1.00 61.44 ? 72  ARG A NH1   1 
ATOM   1167 N  NH2   . ARG C 3 66 ? -11.630 3.877   13.799  1.00 60.48 ? 72  ARG A NH2   1 
ATOM   1168 N  N     . GLU C 3 67 ? -8.247  3.658   17.621  1.00 63.64 ? 73  GLU A N     1 
ATOM   1169 C  CA    . GLU C 3 67 ? -8.591  2.327   18.108  1.00 64.11 ? 73  GLU A CA    1 
ATOM   1170 C  C     . GLU C 3 67 ? -7.730  2.036   19.325  1.00 65.71 ? 73  GLU A C     1 
ATOM   1171 O  O     . GLU C 3 67 ? -8.138  1.327   20.254  1.00 65.08 ? 73  GLU A O     1 
ATOM   1172 C  CB    . GLU C 3 67 ? -8.296  1.277   17.044  1.00 63.19 ? 73  GLU A CB    1 
ATOM   1173 C  CG    . GLU C 3 67 ? -9.132  1.382   15.807  1.00 62.05 ? 73  GLU A CG    1 
ATOM   1174 C  CD    . GLU C 3 67 ? -8.998  0.158   14.947  1.00 61.81 ? 73  GLU A CD    1 
ATOM   1175 O  OE1   . GLU C 3 67 ? -7.994  0.046   14.223  1.00 61.28 ? 73  GLU A OE1   1 
ATOM   1176 O  OE2   . GLU C 3 67 ? -9.885  -0.712  15.018  1.00 62.50 ? 73  GLU A OE2   1 
ATOM   1177 N  N     . MET C 3 68 ? -6.535  2.614   19.304  1.00 67.14 ? 74  MET A N     1 
ATOM   1178 C  CA    . MET C 3 68 ? -5.542  2.432   20.348  1.00 68.98 ? 74  MET A CA    1 
ATOM   1179 C  C     . MET C 3 68 ? -5.961  2.986   21.693  1.00 69.10 ? 74  MET A C     1 
ATOM   1180 O  O     . MET C 3 68 ? -5.602  2.423   22.734  1.00 69.73 ? 74  MET A O     1 
ATOM   1181 C  CB    . MET C 3 68 ? -4.219  3.068   19.907  1.00 70.18 ? 74  MET A CB    1 
ATOM   1182 C  CG    . MET C 3 68 ? -3.049  2.101   19.820  1.00 71.13 ? 74  MET A CG    1 
ATOM   1183 S  SD    . MET C 3 68 ? -3.558  0.389   19.504  1.00 73.13 ? 74  MET A SD    1 
ATOM   1184 C  CE    . MET C 3 68 ? -3.342  -0.214  21.067  1.00 70.97 ? 74  MET A CE    1 
ATOM   1185 N  N     . LYS C 3 69 ? -6.767  4.046   21.666  1.00 68.61 ? 75  LYS A N     1 
ATOM   1186 C  CA    . LYS C 3 69 ? -7.214  4.696   22.892  1.00 68.61 ? 75  LYS A CA    1 
ATOM   1187 C  C     . LYS C 3 69 ? -8.313  3.958   23.647  1.00 69.18 ? 75  LYS A C     1 
ATOM   1188 O  O     . LYS C 3 69 ? -8.850  4.458   24.642  1.00 69.52 ? 75  LYS A O     1 
ATOM   1189 C  CB    . LYS C 3 69 ? -7.589  6.139   22.601  1.00 68.11 ? 75  LYS A CB    1 
ATOM   1190 C  CG    . LYS C 3 69 ? -6.404  6.913   22.050  1.00 68.46 ? 75  LYS A CG    1 
ATOM   1191 C  CD    . LYS C 3 69 ? -6.828  8.272   21.568  1.00 68.78 ? 75  LYS A CD    1 
ATOM   1192 C  CE    . LYS C 3 69 ? -7.208  9.168   22.743  1.00 70.09 ? 75  LYS A CE    1 
ATOM   1193 N  NZ    . LYS C 3 69 ? -8.035  10.334  22.312  1.00 69.51 ? 75  LYS A NZ    1 
ATOM   1194 N  N     . THR C 3 70 ? -8.577  2.730   23.207  1.00 70.53 ? 76  THR A N     1 
ATOM   1195 C  CA    . THR C 3 70 ? -9.569  1.862   23.820  1.00 71.40 ? 76  THR A CA    1 
ATOM   1196 C  C     . THR C 3 70 ? -9.009  0.469   24.057  1.00 72.68 ? 76  THR A C     1 
ATOM   1197 O  O     . THR C 3 70 ? -9.667  -0.368  24.676  1.00 73.90 ? 76  THR A O     1 
ATOM   1198 C  CB    . THR C 3 70 ? -10.852 1.772   22.965  1.00 71.26 ? 76  THR A CB    1 
ATOM   1199 O  OG1   . THR C 3 70 ? -11.629 2.952   23.176  1.00 72.19 ? 76  THR A OG1   1 
ATOM   1200 C  CG2   . THR C 3 70 ? -11.706 0.551   23.334  1.00 71.53 ? 76  THR A CG2   1 
ATOM   1201 N  N     . TYR C 3 71 ? -7.800  0.190   23.598  1.00 72.58 ? 77  TYR A N     1 
ATOM   1202 C  CA    . TYR C 3 71 ? -7.313  -1.145  23.859  1.00 73.97 ? 77  TYR A CA    1 
ATOM   1203 C  C     . TYR C 3 71 ? -6.404  -1.195  25.080  1.00 73.96 ? 77  TYR A C     1 
ATOM   1204 O  O     . TYR C 3 71 ? -6.878  -1.415  26.199  1.00 75.84 ? 77  TYR A O     1 
ATOM   1205 C  CB    . TYR C 3 71 ? -6.702  -1.756  22.604  1.00 74.55 ? 77  TYR A CB    1 
ATOM   1206 C  CG    . TYR C 3 71 ? -5.464  -2.572  22.834  1.00 75.60 ? 77  TYR A CG    1 
ATOM   1207 C  CD1   . TYR C 3 71 ? -4.274  -1.944  23.180  1.00 75.92 ? 77  TYR A CD1   1 
ATOM   1208 C  CD2   . TYR C 3 71 ? -5.458  -3.956  22.664  1.00 76.01 ? 77  TYR A CD2   1 
ATOM   1209 C  CE1   . TYR C 3 71 ? -3.101  -2.648  23.344  1.00 75.95 ? 77  TYR A CE1   1 
ATOM   1210 C  CE2   . TYR C 3 71 ? -4.273  -4.687  22.832  1.00 76.08 ? 77  TYR A CE2   1 
ATOM   1211 C  CZ    . TYR C 3 71 ? -3.095  -4.014  23.172  1.00 76.02 ? 77  TYR A CZ    1 
ATOM   1212 O  OH    . TYR C 3 71 ? -1.898  -4.679  23.337  1.00 76.01 ? 77  TYR A OH    1 
HETATM 1213 PT PT1   . CPT D 4 .  ? 7.461   -14.022 5.678   1.00 29.88 ? 99  CPT B PT1   1 
HETATM 1214 N  N1    . CPT D 4 .  ? 8.106   -12.359 6.485   1.00 2.00  ? 99  CPT B N1    1 
HETATM 1215 N  N2    . CPT D 4 .  ? 6.909   -14.643 7.479   1.00 4.29  ? 99  CPT B N2    1 
HETATM 1216 O  O     . HOH E 5 .  ? 3.299   -20.356 -1.074  1.00 41.79 ? 301 HOH B O     1 
HETATM 1217 O  O     . HOH E 5 .  ? 10.647  -10.867 4.892   1.00 31.38 ? 305 HOH B O     1 
HETATM 1218 O  O     . HOH E 5 .  ? 15.257  -5.373  1.329   1.00 37.45 ? 306 HOH B O     1 
HETATM 1219 O  O     . HOH E 5 .  ? 16.996  -7.446  1.147   1.00 61.33 ? 309 HOH B O     1 
HETATM 1220 O  O     . HOH E 5 .  ? 11.552  2.224   -3.502  1.00 39.23 ? 310 HOH B O     1 
HETATM 1221 O  O     . HOH E 5 .  ? 5.201   -20.873 1.505   1.00 33.94 ? 312 HOH B O     1 
HETATM 1222 O  O     . HOH E 5 .  ? 12.665  -12.329 6.519   1.00 56.62 ? 317 HOH B O     1 
HETATM 1223 O  O     . HOH E 5 .  ? 15.374  -9.065  3.209   1.00 42.88 ? 319 HOH B O     1 
HETATM 1224 O  O     . HOH E 5 .  ? 2.676   -23.092 11.773  1.00 52.21 ? 324 HOH B O     1 
HETATM 1225 O  O     . HOH E 5 .  ? 2.310   -23.112 7.997   1.00 63.41 ? 325 HOH B O     1 
HETATM 1226 O  O     . HOH E 5 .  ? 16.840  0.766   23.494  1.00 76.14 ? 328 HOH B O     1 
HETATM 1227 O  O     . HOH E 5 .  ? 15.581  -21.209 5.346   1.00 13.93 ? 330 HOH B O     1 
HETATM 1228 O  O     . HOH E 5 .  ? 10.448  -14.303 9.069   1.00 37.52 ? 334 HOH B O     1 
HETATM 1229 O  O     . HOH E 5 .  ? 13.274  3.562   -2.208  1.00 57.01 ? 343 HOH B O     1 
HETATM 1230 O  O     . HOH E 5 .  ? 8.136   -0.086  13.954  1.00 43.63 ? 345 HOH B O     1 
HETATM 1231 O  O     . HOH E 5 .  ? -2.994  -14.770 5.918   1.00 59.40 ? 351 HOH B O     1 
HETATM 1232 O  O     . HOH E 5 .  ? 14.237  2.797   0.904   1.00 68.35 ? 355 HOH B O     1 
HETATM 1233 O  O     . HOH E 5 .  ? -10.693 -15.944 15.743  1.00 69.66 ? 356 HOH B O     1 
HETATM 1234 O  O     . HOH E 5 .  ? 12.596  5.501   5.493   1.00 40.01 ? 358 HOH B O     1 
HETATM 1235 O  O     . HOH E 5 .  ? 16.061  -21.587 7.659   1.00 60.71 ? 359 HOH B O     1 
HETATM 1236 O  O     . HOH E 5 .  ? 11.088  5.731   -1.764  1.00 73.31 ? 363 HOH B O     1 
HETATM 1237 O  O     . HOH E 5 .  ? 13.116  7.160   10.462  1.00 47.76 ? 365 HOH B O     1 
HETATM 1238 O  O     . HOH E 5 .  ? 9.076   8.492   11.983  1.00 70.23 ? 371 HOH B O     1 
HETATM 1239 O  O     . HOH E 5 .  ? 11.306  -14.910 6.104   1.00 30.80 ? 374 HOH B O     1 
HETATM 1240 O  O     . HOH F 5 .  ? 1.040   -10.969 5.006   1.00 37.04 ? 304 HOH C O     1 
HETATM 1241 O  O     . HOH F 5 .  ? 12.225  -2.475  16.954  1.00 59.99 ? 308 HOH C O     1 
HETATM 1242 O  O     . HOH F 5 .  ? 4.869   -10.377 6.167   1.00 26.65 ? 311 HOH C O     1 
HETATM 1243 O  O     . HOH F 5 .  ? 15.820  -1.961  15.367  1.00 42.39 ? 313 HOH C O     1 
HETATM 1244 O  O     . HOH F 5 .  ? -3.523  -3.767  8.476   1.00 46.24 ? 315 HOH C O     1 
HETATM 1245 O  O     . HOH F 5 .  ? 5.568   -8.575  8.810   1.00 45.99 ? 316 HOH C O     1 
HETATM 1246 O  O     . HOH F 5 .  ? 2.638   -17.633 -2.506  1.00 71.31 ? 323 HOH C O     1 
HETATM 1247 O  O     . HOH F 5 .  ? 18.247  2.218   7.567   1.00 62.65 ? 326 HOH C O     1 
HETATM 1248 O  O     . HOH F 5 .  ? 10.071  -10.490 13.548  1.00 60.30 ? 331 HOH C O     1 
HETATM 1249 O  O     . HOH F 5 .  ? -1.858  -10.698 1.334   1.00 37.08 ? 335 HOH C O     1 
HETATM 1250 O  O     . HOH F 5 .  ? 15.129  2.964   7.891   1.00 56.30 ? 336 HOH C O     1 
HETATM 1251 O  O     . HOH F 5 .  ? 20.797  -0.575  6.774   1.00 70.68 ? 338 HOH C O     1 
HETATM 1252 O  O     . HOH F 5 .  ? -10.542 -30.583 8.683   1.00 72.41 ? 339 HOH C O     1 
HETATM 1253 O  O     . HOH F 5 .  ? -1.051  -24.228 8.884   1.00 62.23 ? 344 HOH C O     1 
HETATM 1254 O  O     . HOH F 5 .  ? 12.230  -9.144  9.089   1.00 72.06 ? 346 HOH C O     1 
HETATM 1255 O  O     . HOH F 5 .  ? -3.390  -10.779 5.601   1.00 64.46 ? 347 HOH C O     1 
HETATM 1256 O  O     . HOH F 5 .  ? -8.744  -29.840 15.168  1.00 81.09 ? 348 HOH C O     1 
HETATM 1257 O  O     . HOH F 5 .  ? 7.403   -8.978  13.132  1.00 64.83 ? 349 HOH C O     1 
HETATM 1258 O  O     . HOH F 5 .  ? -4.630  -6.956  3.816   1.00 54.65 ? 352 HOH C O     1 
HETATM 1259 O  O     . HOH F 5 .  ? -8.304  -22.121 1.965   1.00 69.21 ? 353 HOH C O     1 
HETATM 1260 O  O     . HOH F 5 .  ? -5.652  -11.085 3.948   1.00 68.64 ? 357 HOH C O     1 
HETATM 1261 O  O     . HOH F 5 .  ? -6.357  -13.815 -2.282  1.00 66.27 ? 364 HOH C O     1 
HETATM 1262 O  O     . HOH F 5 .  ? -4.478  -15.323 2.132   1.00 67.39 ? 366 HOH C O     1 
HETATM 1263 O  O     . HOH F 5 .  ? 5.660   -0.035  8.120   1.00 46.76 ? 367 HOH C O     1 
HETATM 1264 O  O     . HOH F 5 .  ? -8.553  -29.012 8.633   1.00 61.60 ? 369 HOH C O     1 
HETATM 1265 O  O     . HOH F 5 .  ? 2.530   -7.630  18.614  1.00 65.16 ? 370 HOH C O     1 
HETATM 1266 O  O     . HOH F 5 .  ? 1.762   -22.358 -0.502  1.00 62.19 ? 372 HOH C O     1 
HETATM 1267 O  O     . HOH G 5 .  ? 2.978   7.153   10.332  1.00 58.75 ? 302 HOH A O     1 
HETATM 1268 O  O     . HOH G 5 .  ? 1.481   9.629   5.494   1.00 44.06 ? 303 HOH A O     1 
HETATM 1269 O  O     . HOH G 5 .  ? 7.357   -4.441  -1.112  1.00 56.11 ? 307 HOH A O     1 
HETATM 1270 O  O     . HOH G 5 .  ? 14.772  0.141   -10.294 1.00 46.74 ? 314 HOH A O     1 
HETATM 1271 O  O     . HOH G 5 .  ? -6.557  -7.329  -4.756  1.00 50.77 ? 318 HOH A O     1 
HETATM 1272 O  O     . HOH G 5 .  ? -0.068  4.789   8.034   1.00 38.71 ? 320 HOH A O     1 
HETATM 1273 O  O     . HOH G 5 .  ? 0.006   7.631   -8.671  1.00 67.33 ? 321 HOH A O     1 
HETATM 1274 O  O     . HOH G 5 .  ? 16.177  -2.678  -5.951  1.00 71.63 ? 322 HOH A O     1 
HETATM 1275 O  O     . HOH G 5 .  ? 6.222   7.504   -13.869 1.00 57.58 ? 327 HOH A O     1 
HETATM 1276 O  O     . HOH G 5 .  ? 5.641   -9.410  -3.465  1.00 38.23 ? 329 HOH A O     1 
HETATM 1277 O  O     . HOH G 5 .  ? 18.787  -8.314  -5.723  1.00 57.31 ? 332 HOH A O     1 
HETATM 1278 O  O     . HOH G 5 .  ? 2.790   -0.481  6.931   1.00 24.05 ? 333 HOH A O     1 
HETATM 1279 O  O     . HOH G 5 .  ? 17.041  -2.028  -3.541  1.00 66.26 ? 337 HOH A O     1 
HETATM 1280 O  O     . HOH G 5 .  ? -11.426 8.305   20.435  1.00 53.38 ? 340 HOH A O     1 
HETATM 1281 O  O     . HOH G 5 .  ? 13.528  8.850   -10.224 1.00 42.98 ? 341 HOH A O     1 
HETATM 1282 O  O     . HOH G 5 .  ? 6.321   8.061   3.271   1.00 47.10 ? 342 HOH A O     1 
HETATM 1283 O  O     . HOH G 5 .  ? 17.180  -10.658 -3.603  1.00 60.72 ? 350 HOH A O     1 
HETATM 1284 O  O     . HOH G 5 .  ? 3.513   4.575   -11.835 1.00 62.10 ? 354 HOH A O     1 
HETATM 1285 O  O     . HOH G 5 .  ? 10.508  11.743  -10.348 1.00 59.35 ? 360 HOH A O     1 
HETATM 1286 O  O     . HOH G 5 .  ? 5.261   -10.027 -11.740 1.00 65.16 ? 361 HOH A O     1 
HETATM 1287 O  O     . HOH G 5 .  ? 14.786  -3.985  -7.535  1.00 72.06 ? 362 HOH A O     1 
HETATM 1288 O  O     . HOH G 5 .  ? -3.549  13.377  -4.380  1.00 61.04 ? 368 HOH A O     1 
HETATM 1289 O  O     . HOH G 5 .  ? -0.300  -3.157  -11.537 1.00 57.94 ? 373 HOH A O     1 
# 
